data_5OSA
#
_entry.id   5OSA
#
_cell.length_a   185.017
_cell.length_b   133.947
_cell.length_c   162.697
_cell.angle_alpha   90.000
_cell.angle_beta   103.535
_cell.angle_gamma   90.000
#
_symmetry.space_group_name_H-M   'C 1 2 1'
#
loop_
_entity.id
_entity.type
_entity.pdbx_description
1 polymer 'Proton-gated ion channel,Gamma-aminobutyric acid receptor subunit alpha-1,Gamma-aminobutyric acid receptor subunit alpha-1'
2 non-polymer 'ACETATE ION'
3 non-polymer 'CHLORIDE ION'
4 non-polymer DODECANE
5 non-polymer 'CHOLESTEROL HEMISUCCINATE'
6 water water
#
_entity_poly.entity_id   1
_entity_poly.type   'polypeptide(L)'
_entity_poly.pdbx_seq_one_letter_code
;QDMVSPPPPIADEPLTVNTGIYLIECYSLDDKAETFKVNAFLSLSWKDRRLAFDPVRSGVRVKTYEPEAIWIPEIRFVNV
ENARDADVVDISVSPDGTVQYLERFSARVLSPLDFRRYPFDSQTLHIYLIVRSVDTRNIVLAVDLEKVGKNDDVFLTGWD
IESFTAVVKPANFALEDRLESKLDYQLRISRQYGYFVIQTYLPCIMTVILSQVSFWLNRESVPARTVFVVTTVLTMTTLS
ISARNSLPKVAYATAMDWFIAVCYAFVFSALIEFATVNYFTKSQPARAAKIDRLSRIAFPLLFGIFNLVYWATYLNREPQ
LKAPTPHQHHHHHHHH
;
_entity_poly.pdbx_strand_id   A,B,C,D,E
#
# COMPACT_ATOMS: atom_id res chain seq x y z
N MET A 3 1.86 -18.68 38.98
CA MET A 3 2.44 -18.36 40.29
C MET A 3 1.93 -17.01 40.78
N VAL A 4 2.62 -16.44 41.77
CA VAL A 4 2.29 -15.12 42.30
C VAL A 4 3.57 -14.30 42.38
N SER A 5 3.40 -12.99 42.57
CA SER A 5 4.54 -12.10 42.57
C SER A 5 5.41 -12.32 43.80
N PRO A 6 6.71 -12.07 43.70
CA PRO A 6 7.62 -12.32 44.83
C PRO A 6 7.29 -11.42 46.01
N PRO A 7 7.03 -12.00 47.18
CA PRO A 7 6.67 -11.19 48.35
C PRO A 7 7.88 -10.43 48.87
N PRO A 8 7.66 -9.28 49.49
CA PRO A 8 8.79 -8.43 49.91
C PRO A 8 9.48 -8.99 51.14
N PRO A 9 10.82 -8.96 51.16
CA PRO A 9 11.53 -9.34 52.38
C PRO A 9 11.34 -8.32 53.50
N ILE A 10 11.45 -7.02 53.17
CA ILE A 10 11.18 -5.96 54.13
C ILE A 10 9.70 -5.77 54.39
N ALA A 11 8.84 -6.62 53.80
CA ALA A 11 7.40 -6.54 53.99
C ALA A 11 6.80 -5.28 53.35
N ASP A 12 7.61 -4.25 53.13
CA ASP A 12 7.14 -2.99 52.56
C ASP A 12 8.08 -2.51 51.46
N GLU A 13 8.82 -3.43 50.83
CA GLU A 13 9.83 -3.00 49.88
C GLU A 13 9.35 -3.25 48.46
N PRO A 14 9.48 -2.27 47.56
CA PRO A 14 9.08 -2.51 46.17
C PRO A 14 10.09 -3.39 45.44
N LEU A 15 9.57 -4.27 44.61
CA LEU A 15 10.41 -5.08 43.73
C LEU A 15 10.82 -4.28 42.51
N THR A 16 12.12 -4.09 42.31
CA THR A 16 12.63 -3.44 41.11
C THR A 16 13.00 -4.48 40.08
N VAL A 17 12.65 -4.20 38.82
CA VAL A 17 12.97 -5.05 37.69
C VAL A 17 14.02 -4.32 36.87
N ASN A 18 15.21 -4.90 36.78
CA ASN A 18 16.31 -4.29 36.04
C ASN A 18 16.13 -4.58 34.55
N THR A 19 16.04 -3.52 33.75
CA THR A 19 15.70 -3.62 32.34
C THR A 19 16.91 -3.25 31.48
N GLY A 20 16.93 -3.84 30.28
CA GLY A 20 17.91 -3.48 29.27
C GLY A 20 17.39 -3.82 27.90
N ILE A 21 17.74 -2.98 26.91
CA ILE A 21 17.37 -3.20 25.52
C ILE A 21 18.63 -3.17 24.65
N TYR A 22 18.75 -4.15 23.74
CA TYR A 22 19.89 -4.22 22.83
C TYR A 22 19.35 -4.23 21.40
N LEU A 23 19.58 -3.14 20.66
CA LEU A 23 19.04 -3.03 19.31
C LEU A 23 19.78 -3.98 18.37
N ILE A 24 19.00 -4.82 17.68
CA ILE A 24 19.53 -5.73 16.66
C ILE A 24 19.26 -5.21 15.25
N GLU A 25 18.03 -4.74 15.01
CA GLU A 25 17.59 -4.33 13.69
C GLU A 25 16.71 -3.10 13.88
N CYS A 26 16.94 -2.07 13.05
CA CYS A 26 16.16 -0.84 13.14
C CYS A 26 15.83 -0.40 11.73
N TYR A 27 14.54 -0.30 11.41
CA TYR A 27 14.17 -0.05 10.03
C TYR A 27 12.82 0.66 9.95
N SER A 28 12.48 1.10 8.73
CA SER A 28 11.17 1.64 8.39
C SER A 28 10.84 2.86 9.23
N LEU A 29 11.77 3.80 9.30
CA LEU A 29 11.47 5.08 9.92
C LEU A 29 10.68 5.88 8.89
N ASP A 30 9.38 6.03 9.15
CA ASP A 30 8.44 6.67 8.24
C ASP A 30 8.14 8.09 8.71
N ASP A 31 8.64 9.10 7.98
CA ASP A 31 8.43 10.48 8.40
C ASP A 31 6.94 10.85 8.41
N LYS A 32 6.18 10.33 7.46
CA LYS A 32 4.76 10.68 7.36
C LYS A 32 3.94 10.00 8.46
N ALA A 33 4.26 8.74 8.76
CA ALA A 33 3.54 7.98 9.79
C ALA A 33 4.08 8.22 11.20
N GLU A 34 5.23 8.87 11.31
CA GLU A 34 5.89 9.09 12.59
C GLU A 34 6.02 7.77 13.36
N THR A 35 6.42 6.73 12.64
CA THR A 35 6.62 5.42 13.21
C THR A 35 7.95 4.85 12.72
N PHE A 36 8.47 3.90 13.49
CA PHE A 36 9.61 3.12 13.03
C PHE A 36 9.53 1.73 13.65
N LYS A 37 10.21 0.79 13.03
CA LYS A 37 10.17 -0.60 13.47
C LYS A 37 11.50 -0.97 14.11
N VAL A 38 11.43 -1.71 15.22
CA VAL A 38 12.59 -2.04 16.02
C VAL A 38 12.58 -3.53 16.33
N ASN A 39 13.77 -4.14 16.32
CA ASN A 39 13.95 -5.55 16.64
C ASN A 39 15.12 -5.65 17.59
N ALA A 40 14.88 -6.13 18.82
CA ALA A 40 15.89 -5.99 19.87
C ALA A 40 15.77 -7.10 20.91
N PHE A 41 16.79 -7.16 21.78
CA PHE A 41 16.74 -7.94 23.02
C PHE A 41 16.12 -7.09 24.12
N LEU A 42 15.22 -7.69 24.89
CA LEU A 42 14.73 -7.16 26.15
C LEU A 42 15.20 -8.08 27.27
N SER A 43 15.94 -7.52 28.22
CA SER A 43 16.47 -8.26 29.36
C SER A 43 15.88 -7.71 30.64
N LEU A 44 15.39 -8.60 31.50
CA LEU A 44 14.81 -8.24 32.79
C LEU A 44 15.52 -9.04 33.87
N SER A 45 15.65 -8.45 35.06
CA SER A 45 16.35 -9.14 36.13
C SER A 45 15.78 -8.72 37.47
N TRP A 46 15.38 -9.69 38.30
CA TRP A 46 14.79 -9.36 39.58
C TRP A 46 15.07 -10.47 40.58
N LYS A 47 14.69 -10.25 41.83
CA LYS A 47 14.98 -11.18 42.91
C LYS A 47 13.68 -11.83 43.38
N ASP A 48 13.63 -13.16 43.30
CA ASP A 48 12.52 -13.97 43.80
C ASP A 48 13.11 -15.05 44.72
N ARG A 49 13.14 -14.78 46.03
CA ARG A 49 13.78 -15.70 46.97
C ARG A 49 13.20 -17.10 46.87
N ARG A 50 11.88 -17.22 46.61
CA ARG A 50 11.26 -18.52 46.46
C ARG A 50 12.03 -19.44 45.52
N LEU A 51 12.79 -18.88 44.58
CA LEU A 51 13.52 -19.69 43.61
C LEU A 51 14.97 -19.95 44.01
N ALA A 52 15.41 -19.39 45.14
CA ALA A 52 16.75 -19.72 45.62
C ALA A 52 16.86 -21.21 45.88
N PHE A 53 18.09 -21.70 45.94
CA PHE A 53 18.30 -23.14 46.04
C PHE A 53 19.71 -23.41 46.54
N ASP A 54 19.91 -24.62 47.04
CA ASP A 54 21.23 -25.02 47.50
C ASP A 54 22.09 -25.34 46.29
N PRO A 55 23.19 -24.61 46.07
CA PRO A 55 24.07 -24.91 44.92
C PRO A 55 24.83 -26.23 45.06
N VAL A 56 24.88 -26.82 46.25
CA VAL A 56 25.63 -28.05 46.47
C VAL A 56 24.71 -29.27 46.48
N ARG A 57 23.63 -29.21 47.25
CA ARG A 57 22.62 -30.27 47.21
C ARG A 57 22.07 -30.42 45.79
N SER A 58 21.68 -29.30 45.18
CA SER A 58 21.35 -29.26 43.76
C SER A 58 22.65 -29.11 42.98
N GLY A 59 22.97 -30.10 42.15
CA GLY A 59 24.26 -30.13 41.47
C GLY A 59 24.43 -29.11 40.35
N VAL A 60 23.49 -28.19 40.21
CA VAL A 60 23.50 -27.23 39.11
C VAL A 60 23.94 -25.88 39.62
N ARG A 61 24.68 -25.15 38.78
CA ARG A 61 25.17 -23.80 39.10
C ARG A 61 24.15 -22.71 38.80
N VAL A 62 23.14 -22.98 37.98
CA VAL A 62 22.19 -21.95 37.60
C VAL A 62 20.76 -22.47 37.65
N LYS A 63 20.45 -23.46 36.82
CA LYS A 63 19.07 -23.93 36.64
C LYS A 63 18.27 -22.93 35.79
N THR A 64 17.45 -23.45 34.88
CA THR A 64 16.68 -22.68 33.92
C THR A 64 15.22 -23.09 33.98
N TYR A 65 14.32 -22.11 33.85
CA TYR A 65 12.90 -22.37 33.92
C TYR A 65 12.22 -22.06 32.60
N GLU A 66 11.05 -22.64 32.42
CA GLU A 66 10.14 -22.27 31.35
C GLU A 66 9.27 -21.11 31.81
N PRO A 67 8.88 -20.22 30.90
CA PRO A 67 8.15 -19.00 31.33
C PRO A 67 6.90 -19.31 32.13
N GLU A 68 6.25 -20.44 31.84
CA GLU A 68 5.08 -20.87 32.60
C GLU A 68 5.45 -21.29 34.01
N ALA A 69 6.71 -21.61 34.28
CA ALA A 69 7.10 -22.17 35.57
C ALA A 69 7.10 -21.12 36.68
N ILE A 70 7.58 -19.91 36.40
CA ILE A 70 7.84 -18.93 37.44
C ILE A 70 7.05 -17.65 37.16
N TRP A 71 6.91 -16.83 38.21
CA TRP A 71 6.32 -15.51 38.05
C TRP A 71 7.24 -14.62 37.23
N ILE A 72 6.67 -13.95 36.23
CA ILE A 72 7.42 -13.02 35.39
C ILE A 72 6.64 -11.71 35.33
N PRO A 73 7.29 -10.56 35.52
CA PRO A 73 6.56 -9.29 35.52
C PRO A 73 6.00 -8.96 34.16
N GLU A 74 4.78 -8.43 34.15
CA GLU A 74 4.14 -7.96 32.92
C GLU A 74 4.77 -6.62 32.54
N ILE A 75 5.68 -6.64 31.57
CA ILE A 75 6.34 -5.43 31.06
C ILE A 75 5.73 -5.11 29.70
N ARG A 76 5.25 -3.88 29.56
CA ARG A 76 4.61 -3.40 28.32
C ARG A 76 5.36 -2.21 27.75
N PHE A 77 5.33 -2.06 26.44
CA PHE A 77 5.77 -0.81 25.80
C PHE A 77 4.59 0.16 25.73
N VAL A 78 4.87 1.45 25.90
CA VAL A 78 3.82 2.45 25.85
C VAL A 78 3.54 2.88 24.41
N ASN A 79 4.54 3.52 23.78
CA ASN A 79 4.36 4.21 22.51
C ASN A 79 4.53 3.24 21.35
N VAL A 80 3.65 2.25 21.32
CA VAL A 80 3.71 1.18 20.34
C VAL A 80 2.32 0.97 19.79
N GLU A 81 2.25 0.43 18.57
CA GLU A 81 0.97 0.32 17.87
C GLU A 81 0.21 -0.91 18.32
N ASN A 82 0.84 -2.08 18.22
CA ASN A 82 0.36 -3.32 18.80
C ASN A 82 1.30 -3.77 19.89
N ALA A 83 0.81 -4.69 20.73
CA ALA A 83 1.70 -5.38 21.66
C ALA A 83 2.84 -6.02 20.89
N ARG A 84 4.05 -5.93 21.43
CA ARG A 84 5.21 -6.45 20.73
C ARG A 84 5.07 -7.95 20.47
N ASP A 85 5.88 -8.44 19.53
CA ASP A 85 6.03 -9.86 19.28
C ASP A 85 7.35 -10.30 19.88
N ALA A 86 7.29 -11.23 20.84
CA ALA A 86 8.47 -11.63 21.59
C ALA A 86 8.65 -13.15 21.56
N ASP A 87 9.90 -13.58 21.47
CA ASP A 87 10.29 -14.97 21.68
C ASP A 87 11.19 -15.00 22.91
N VAL A 88 10.75 -15.70 23.95
CA VAL A 88 11.60 -15.84 25.12
C VAL A 88 12.83 -16.63 24.73
N VAL A 89 14.00 -16.11 25.06
CA VAL A 89 15.27 -16.74 24.71
C VAL A 89 15.84 -17.56 25.86
N ASP A 90 15.85 -17.00 27.07
CA ASP A 90 16.47 -17.74 28.16
C ASP A 90 15.97 -17.18 29.48
N ILE A 91 15.88 -18.05 30.48
CA ILE A 91 15.52 -17.68 31.84
C ILE A 91 16.44 -18.42 32.78
N SER A 92 17.25 -17.69 33.55
CA SER A 92 18.26 -18.28 34.41
C SER A 92 18.10 -17.75 35.83
N VAL A 93 17.87 -18.64 36.79
CA VAL A 93 17.79 -18.24 38.18
C VAL A 93 19.15 -18.46 38.82
N SER A 94 19.48 -17.62 39.77
CA SER A 94 20.72 -17.77 40.51
C SER A 94 20.43 -18.41 41.85
N PRO A 95 21.45 -18.95 42.51
CA PRO A 95 21.22 -19.58 43.81
C PRO A 95 20.49 -18.69 44.80
N ASP A 96 20.75 -17.38 44.78
CA ASP A 96 20.10 -16.47 45.71
C ASP A 96 18.69 -16.10 45.30
N GLY A 97 18.24 -16.49 44.11
CA GLY A 97 16.94 -16.13 43.60
C GLY A 97 16.92 -15.04 42.54
N THR A 98 18.06 -14.70 41.95
CA THR A 98 18.12 -13.65 40.94
C THR A 98 17.72 -14.26 39.60
N VAL A 99 16.58 -13.83 39.07
CA VAL A 99 16.09 -14.25 37.77
C VAL A 99 16.65 -13.31 36.72
N GLN A 100 17.27 -13.88 35.69
CA GLN A 100 17.76 -13.18 34.50
C GLN A 100 16.96 -13.70 33.31
N TYR A 101 16.08 -12.85 32.80
CA TYR A 101 15.16 -13.14 31.72
C TYR A 101 15.63 -12.42 30.46
N LEU A 102 15.57 -13.11 29.33
CA LEU A 102 16.02 -12.57 28.05
C LEU A 102 15.06 -13.01 26.96
N GLU A 103 14.52 -12.02 26.24
CA GLU A 103 13.65 -12.23 25.09
C GLU A 103 14.16 -11.40 23.92
N ARG A 104 13.77 -11.82 22.72
CA ARG A 104 13.92 -11.02 21.52
C ARG A 104 12.55 -10.63 21.01
N PHE A 105 12.35 -9.35 20.72
CA PHE A 105 11.06 -8.82 20.31
C PHE A 105 11.22 -7.96 19.06
N SER A 106 10.12 -7.84 18.31
CA SER A 106 10.00 -6.81 17.29
C SER A 106 8.73 -6.00 17.58
N ALA A 107 8.77 -4.71 17.24
CA ALA A 107 7.63 -3.84 17.52
C ALA A 107 7.63 -2.67 16.57
N ARG A 108 6.44 -2.13 16.34
CA ARG A 108 6.27 -0.88 15.59
C ARG A 108 6.06 0.23 16.60
N VAL A 109 7.12 1.02 16.81
CA VAL A 109 7.16 2.13 17.76
C VAL A 109 6.56 3.37 17.11
N LEU A 110 5.79 4.12 17.90
CA LEU A 110 5.13 5.34 17.49
C LEU A 110 5.78 6.50 18.24
N SER A 111 6.50 7.37 17.51
CA SER A 111 7.23 8.46 18.14
C SER A 111 7.13 9.75 17.31
N PRO A 112 6.73 10.86 17.92
CA PRO A 112 6.49 12.07 17.14
C PRO A 112 7.80 12.70 16.70
N LEU A 113 7.79 13.32 15.52
CA LEU A 113 8.97 13.96 14.97
C LEU A 113 8.81 15.48 14.96
N ASP A 114 9.94 16.17 15.12
CA ASP A 114 10.00 17.63 15.13
C ASP A 114 10.58 18.10 13.79
N PHE A 115 9.70 18.52 12.89
CA PHE A 115 10.10 18.82 11.52
C PHE A 115 10.51 20.27 11.29
N ARG A 116 10.59 21.09 12.34
CA ARG A 116 10.86 22.52 12.17
C ARG A 116 12.16 22.77 11.40
N ARG A 117 13.22 22.06 11.75
CA ARG A 117 14.53 22.25 11.15
C ARG A 117 14.75 21.34 9.94
N TYR A 118 13.71 20.60 9.53
CA TYR A 118 13.84 19.64 8.44
C TYR A 118 14.19 20.34 7.14
N PRO A 119 15.04 19.74 6.29
CA PRO A 119 15.61 18.40 6.45
C PRO A 119 16.95 18.36 7.18
N PHE A 120 17.26 19.39 7.96
CA PHE A 120 18.48 19.41 8.77
C PHE A 120 18.19 19.04 10.22
N ASP A 121 17.25 18.12 10.42
CA ASP A 121 16.67 17.88 11.73
C ASP A 121 17.39 16.77 12.47
N SER A 122 17.39 16.87 13.79
CA SER A 122 17.69 15.75 14.67
C SER A 122 16.43 15.32 15.41
N GLN A 123 16.34 14.04 15.73
CA GLN A 123 15.21 13.48 16.44
C GLN A 123 15.67 12.60 17.61
N THR A 124 14.77 12.45 18.58
CA THR A 124 14.83 11.42 19.61
C THR A 124 13.65 10.48 19.42
N LEU A 125 13.91 9.31 18.88
CA LEU A 125 12.91 8.26 18.89
C LEU A 125 12.84 7.71 20.30
N HIS A 126 11.62 7.53 20.82
CA HIS A 126 11.42 7.04 22.18
C HIS A 126 10.85 5.64 22.19
N ILE A 127 11.31 4.86 23.16
CA ILE A 127 10.74 3.56 23.47
C ILE A 127 10.47 3.60 24.96
N TYR A 128 9.19 3.65 25.34
CA TYR A 128 8.79 3.75 26.74
C TYR A 128 8.44 2.36 27.24
N LEU A 129 9.18 1.88 28.24
CA LEU A 129 8.82 0.67 28.97
C LEU A 129 7.96 1.04 30.17
N ILE A 130 7.04 0.16 30.54
CA ILE A 130 6.17 0.46 31.67
C ILE A 130 5.78 -0.84 32.35
N VAL A 131 5.58 -0.76 33.66
CA VAL A 131 5.08 -1.88 34.45
C VAL A 131 4.06 -1.34 35.45
N ARG A 132 3.00 -2.12 35.66
CA ARG A 132 1.91 -1.75 36.56
C ARG A 132 2.01 -2.55 37.85
N SER A 133 1.88 -1.86 38.99
CA SER A 133 1.99 -2.53 40.27
C SER A 133 0.79 -3.44 40.48
N VAL A 134 1.04 -4.61 41.08
CA VAL A 134 -0.03 -5.54 41.40
C VAL A 134 -0.57 -5.18 42.77
N ASP A 135 -1.64 -5.86 43.18
CA ASP A 135 -2.25 -5.48 44.44
C ASP A 135 -1.40 -5.93 45.63
N THR A 136 -0.62 -6.99 45.46
CA THR A 136 0.25 -7.49 46.53
C THR A 136 1.51 -6.65 46.72
N ARG A 137 2.04 -6.06 45.64
CA ARG A 137 3.33 -5.38 45.75
C ARG A 137 3.45 -4.31 44.67
N ASN A 138 4.16 -3.23 45.01
CA ASN A 138 4.55 -2.23 44.02
C ASN A 138 5.80 -2.72 43.28
N ILE A 139 5.81 -2.48 41.97
CA ILE A 139 6.88 -2.90 41.08
C ILE A 139 7.48 -1.66 40.44
N VAL A 140 8.82 -1.60 40.38
CA VAL A 140 9.53 -0.41 39.92
C VAL A 140 10.60 -0.80 38.92
N LEU A 141 10.74 -0.01 37.85
CA LEU A 141 11.71 -0.28 36.80
C LEU A 141 13.03 0.43 37.05
N ALA A 142 14.12 -0.18 36.57
CA ALA A 142 15.45 0.39 36.64
C ALA A 142 16.23 -0.08 35.42
N VAL A 143 17.43 0.48 35.24
CA VAL A 143 18.21 0.28 34.02
C VAL A 143 19.55 -0.37 34.36
N ASP A 144 19.79 -1.54 33.79
CA ASP A 144 21.09 -2.22 33.87
C ASP A 144 21.93 -1.75 32.69
N LEU A 145 22.88 -0.84 32.96
CA LEU A 145 23.67 -0.26 31.87
C LEU A 145 24.46 -1.32 31.12
N GLU A 146 24.89 -2.37 31.80
CA GLU A 146 25.60 -3.46 31.13
C GLU A 146 24.79 -4.04 29.98
N LYS A 147 23.46 -3.95 30.05
CA LYS A 147 22.56 -4.63 29.14
C LYS A 147 21.92 -3.70 28.10
N VAL A 148 22.43 -2.49 27.94
CA VAL A 148 21.90 -1.54 26.96
C VAL A 148 22.96 -1.29 25.89
N GLY A 149 22.51 -1.23 24.64
CA GLY A 149 23.42 -1.02 23.53
C GLY A 149 22.75 -1.36 22.21
N LYS A 150 23.56 -1.41 21.17
CA LYS A 150 23.05 -1.75 19.85
C LYS A 150 24.17 -2.34 19.00
N ASN A 151 23.79 -3.30 18.15
CA ASN A 151 24.74 -3.87 17.19
C ASN A 151 25.27 -2.80 16.25
N ASP A 152 26.52 -2.98 15.81
CA ASP A 152 27.18 -1.96 14.99
C ASP A 152 26.56 -1.85 13.59
N ASP A 153 26.07 -2.95 13.03
CA ASP A 153 25.47 -2.90 11.70
C ASP A 153 23.99 -2.50 11.73
N VAL A 154 23.58 -1.74 12.73
CA VAL A 154 22.23 -1.19 12.78
C VAL A 154 22.23 0.12 12.01
N PHE A 155 21.32 0.26 11.05
CA PHE A 155 21.30 1.39 10.14
C PHE A 155 19.88 1.88 9.89
N LEU A 156 19.73 3.19 9.83
CA LEU A 156 18.55 3.84 9.25
C LEU A 156 19.00 4.51 7.95
N THR A 157 18.54 3.98 6.83
CA THR A 157 19.10 4.32 5.52
C THR A 157 19.23 5.82 5.29
N GLY A 158 18.32 6.63 5.80
CA GLY A 158 18.44 8.05 5.57
C GLY A 158 19.06 8.85 6.69
N TRP A 159 19.65 8.21 7.69
CA TRP A 159 19.97 8.88 8.93
C TRP A 159 21.35 8.48 9.41
N ASP A 160 21.94 9.33 10.23
CA ASP A 160 23.07 8.97 11.07
C ASP A 160 22.55 8.69 12.47
N ILE A 161 22.91 7.53 13.02
CA ILE A 161 22.52 7.16 14.37
C ILE A 161 23.60 7.61 15.33
N GLU A 162 23.23 8.48 16.27
CA GLU A 162 24.21 9.03 17.20
C GLU A 162 24.43 8.09 18.38
N SER A 163 23.35 7.74 19.10
CA SER A 163 23.51 6.99 20.34
C SER A 163 22.16 6.38 20.72
N PHE A 164 22.23 5.33 21.53
CA PHE A 164 21.08 4.69 22.14
C PHE A 164 21.36 4.58 23.62
N THR A 165 20.67 5.38 24.44
CA THR A 165 20.91 5.41 25.88
C THR A 165 19.56 5.41 26.60
N ALA A 166 19.61 5.23 27.92
CA ALA A 166 18.39 5.19 28.72
C ALA A 166 18.47 6.16 29.90
N VAL A 167 17.34 6.78 30.21
CA VAL A 167 17.21 7.65 31.38
C VAL A 167 17.04 6.75 32.60
N VAL A 168 18.01 6.80 33.53
CA VAL A 168 18.09 5.78 34.57
C VAL A 168 16.93 5.89 35.54
N LYS A 169 16.61 7.10 35.98
CA LYS A 169 15.52 7.29 36.94
C LYS A 169 14.18 7.17 36.22
N PRO A 170 13.29 6.28 36.65
CA PRO A 170 11.99 6.14 35.96
C PRO A 170 11.01 7.20 36.42
N ALA A 171 9.93 7.32 35.64
CA ALA A 171 8.79 8.16 35.99
C ALA A 171 7.72 7.28 36.61
N ASN A 172 7.46 7.48 37.90
CA ASN A 172 6.42 6.78 38.62
C ASN A 172 5.23 7.69 38.83
N PHE A 173 4.02 7.16 38.62
CA PHE A 173 2.82 7.97 38.72
C PHE A 173 1.64 7.05 38.96
N ALA A 174 0.52 7.65 39.35
CA ALA A 174 -0.71 6.89 39.57
C ALA A 174 -1.56 6.88 38.31
N LEU A 175 -2.08 5.71 37.96
CA LEU A 175 -2.98 5.53 36.82
C LEU A 175 -4.04 4.52 37.22
N GLU A 176 -5.30 4.96 37.14
CA GLU A 176 -6.46 4.15 37.52
C GLU A 176 -6.22 3.41 38.83
N ASP A 177 -5.79 4.18 39.84
CA ASP A 177 -5.64 3.73 41.22
C ASP A 177 -4.51 2.74 41.43
N ARG A 178 -3.54 2.69 40.53
CA ARG A 178 -2.35 1.87 40.78
C ARG A 178 -1.11 2.64 40.40
N LEU A 179 0.01 2.30 41.02
CA LEU A 179 1.27 2.93 40.67
C LEU A 179 1.85 2.25 39.43
N GLU A 180 2.23 3.06 38.45
CA GLU A 180 2.90 2.65 37.23
C GLU A 180 4.31 3.23 37.18
N SER A 181 5.23 2.45 36.61
CA SER A 181 6.64 2.82 36.50
C SER A 181 7.06 2.79 35.05
N LYS A 182 7.59 3.92 34.55
CA LYS A 182 7.83 4.13 33.12
C LYS A 182 9.27 4.54 32.87
N LEU A 183 9.95 3.84 31.96
CA LEU A 183 11.30 4.14 31.52
C LEU A 183 11.29 4.70 30.10
N ASP A 184 12.27 5.56 29.82
CA ASP A 184 12.42 6.24 28.54
C ASP A 184 13.75 5.83 27.91
N TYR A 185 13.70 4.92 26.93
CA TYR A 185 14.86 4.60 26.10
C TYR A 185 14.87 5.54 24.89
N GLN A 186 16.04 6.10 24.57
CA GLN A 186 16.15 7.19 23.60
C GLN A 186 17.15 6.87 22.51
N LEU A 187 16.67 6.79 21.27
CA LEU A 187 17.52 6.60 20.10
C LEU A 187 17.64 7.95 19.38
N ARG A 188 18.82 8.57 19.48
CA ARG A 188 19.06 9.87 18.86
C ARG A 188 19.56 9.69 17.43
N ILE A 189 18.96 10.41 16.50
CA ILE A 189 19.32 10.30 15.10
C ILE A 189 19.34 11.69 14.49
N SER A 190 20.10 11.85 13.42
CA SER A 190 20.13 13.11 12.71
C SER A 190 20.07 12.82 11.22
N ARG A 191 19.26 13.60 10.52
CA ARG A 191 18.94 13.31 9.13
C ARG A 191 20.12 13.63 8.22
N GLN A 192 20.24 12.84 7.15
CA GLN A 192 21.20 13.06 6.08
C GLN A 192 20.49 13.82 4.97
N TYR A 193 20.75 15.14 4.88
CA TYR A 193 19.98 16.05 4.04
C TYR A 193 20.39 16.02 2.56
N GLY A 194 21.54 15.44 2.23
CA GLY A 194 22.05 15.52 0.88
C GLY A 194 21.03 15.10 -0.18
N TYR A 195 20.32 14.01 0.08
CA TYR A 195 19.29 13.57 -0.85
C TYR A 195 18.39 14.72 -1.25
N PHE A 196 17.89 15.47 -0.27
CA PHE A 196 16.95 16.55 -0.56
C PHE A 196 17.59 17.67 -1.37
N VAL A 197 18.90 17.90 -1.19
CA VAL A 197 19.58 18.90 -1.99
C VAL A 197 19.37 18.64 -3.47
N ILE A 198 19.42 17.37 -3.88
CA ILE A 198 19.26 17.08 -5.29
C ILE A 198 17.84 16.66 -5.63
N GLN A 199 16.95 16.60 -4.65
CA GLN A 199 15.55 16.30 -4.91
C GLN A 199 14.71 17.56 -4.99
N THR A 200 15.08 18.59 -4.23
CA THR A 200 14.28 19.80 -4.12
C THR A 200 15.12 21.06 -4.24
N TYR A 201 16.24 21.14 -3.51
CA TYR A 201 16.99 22.39 -3.48
C TYR A 201 17.54 22.76 -4.84
N LEU A 202 18.06 21.77 -5.58
CA LEU A 202 18.59 22.07 -6.90
C LEU A 202 17.48 22.48 -7.87
N PRO A 203 16.39 21.73 -8.01
CA PRO A 203 15.29 22.22 -8.87
C PRO A 203 14.85 23.63 -8.53
N CYS A 204 14.86 23.98 -7.26
CA CYS A 204 14.46 25.33 -6.86
C CYS A 204 15.49 26.37 -7.32
N ILE A 205 16.76 26.13 -7.03
CA ILE A 205 17.81 27.08 -7.37
C ILE A 205 17.88 27.28 -8.89
N MET A 206 17.87 26.18 -9.64
CA MET A 206 17.90 26.29 -11.09
C MET A 206 16.64 26.97 -11.62
N THR A 207 15.48 26.71 -11.00
CA THR A 207 14.28 27.39 -11.47
C THR A 207 14.36 28.90 -11.24
N VAL A 208 14.97 29.34 -10.13
CA VAL A 208 15.16 30.77 -9.92
C VAL A 208 16.11 31.35 -10.96
N ILE A 209 17.25 30.68 -11.20
CA ILE A 209 18.19 31.15 -12.20
C ILE A 209 17.50 31.26 -13.56
N LEU A 210 16.79 30.20 -13.94
CA LEU A 210 16.04 30.20 -15.19
C LEU A 210 15.12 31.42 -15.27
N SER A 211 14.41 31.72 -14.19
CA SER A 211 13.56 32.91 -14.21
C SER A 211 14.39 34.17 -14.43
N GLN A 212 15.62 34.20 -13.93
CA GLN A 212 16.42 35.41 -14.08
C GLN A 212 16.95 35.56 -15.51
N VAL A 213 17.12 34.46 -16.24
CA VAL A 213 17.57 34.57 -17.63
C VAL A 213 16.64 35.48 -18.42
N SER A 214 15.37 35.58 -18.04
CA SER A 214 14.45 36.37 -18.84
C SER A 214 14.88 37.84 -18.93
N PHE A 215 15.60 38.33 -17.92
CA PHE A 215 16.01 39.74 -17.93
C PHE A 215 16.98 40.04 -19.05
N TRP A 216 17.60 39.02 -19.62
CA TRP A 216 18.59 39.19 -20.69
C TRP A 216 17.98 39.02 -22.08
N LEU A 217 16.71 38.61 -22.14
CA LEU A 217 16.01 38.53 -23.41
C LEU A 217 15.49 39.90 -23.82
N ASN A 218 15.43 40.12 -25.13
CA ASN A 218 14.92 41.36 -25.71
C ASN A 218 13.52 41.69 -25.17
N ARG A 219 13.32 42.95 -24.76
CA ARG A 219 12.06 43.40 -24.20
C ARG A 219 10.91 43.36 -25.21
N GLU A 220 11.23 43.41 -26.51
CA GLU A 220 10.18 43.42 -27.52
C GLU A 220 9.61 42.03 -27.77
N SER A 221 10.38 40.98 -27.49
CA SER A 221 9.94 39.59 -27.64
C SER A 221 9.18 39.19 -26.37
N VAL A 222 7.94 39.66 -26.30
CA VAL A 222 7.10 39.51 -25.12
C VAL A 222 6.74 38.05 -24.87
N PRO A 223 6.34 37.27 -25.89
CA PRO A 223 5.97 35.87 -25.61
C PRO A 223 7.10 35.06 -25.01
N ALA A 224 8.32 35.18 -25.52
CA ALA A 224 9.44 34.43 -24.94
C ALA A 224 9.55 34.69 -23.44
N ARG A 225 9.64 35.96 -23.04
CA ARG A 225 9.73 36.29 -21.63
C ARG A 225 8.51 35.78 -20.87
N THR A 226 7.34 35.78 -21.50
CA THR A 226 6.15 35.20 -20.86
C THR A 226 6.36 33.72 -20.54
N VAL A 227 6.87 32.96 -21.51
CA VAL A 227 7.13 31.55 -21.30
C VAL A 227 8.09 31.37 -20.12
N PHE A 228 9.20 32.10 -20.12
CA PHE A 228 10.14 31.98 -19.01
C PHE A 228 9.43 32.22 -17.67
N VAL A 229 8.84 33.40 -17.53
CA VAL A 229 8.32 33.83 -16.24
C VAL A 229 7.25 32.86 -15.74
N VAL A 230 6.30 32.53 -16.62
CA VAL A 230 5.14 31.72 -16.21
C VAL A 230 5.57 30.30 -15.88
N THR A 231 6.36 29.65 -16.74
CA THR A 231 6.74 28.28 -16.41
C THR A 231 7.56 28.24 -15.12
N THR A 232 8.40 29.24 -14.86
CA THR A 232 9.15 29.17 -13.61
C THR A 232 8.23 29.33 -12.39
N VAL A 233 7.19 30.16 -12.49
CA VAL A 233 6.25 30.27 -11.37
C VAL A 233 5.51 28.95 -11.13
N LEU A 234 5.00 28.34 -12.20
CA LEU A 234 4.26 27.08 -12.01
C LEU A 234 5.18 25.98 -11.52
N THR A 235 6.42 25.95 -11.99
CA THR A 235 7.38 24.97 -11.49
C THR A 235 7.60 25.14 -9.99
N MET A 236 7.77 26.38 -9.52
CA MET A 236 7.93 26.60 -8.08
C MET A 236 6.72 26.06 -7.33
N THR A 237 5.51 26.38 -7.79
CA THR A 237 4.34 25.84 -7.11
C THR A 237 4.36 24.33 -7.06
N THR A 238 4.69 23.68 -8.19
CA THR A 238 4.72 22.23 -8.24
C THR A 238 5.73 21.67 -7.25
N LEU A 239 6.93 22.25 -7.20
CA LEU A 239 7.95 21.78 -6.27
C LEU A 239 7.51 21.98 -4.82
N SER A 240 6.86 23.10 -4.53
CA SER A 240 6.34 23.33 -3.19
C SER A 240 5.37 22.21 -2.78
N ILE A 241 4.32 21.99 -3.57
CA ILE A 241 3.33 20.97 -3.21
C ILE A 241 4.01 19.61 -3.10
N SER A 242 4.78 19.23 -4.12
CA SER A 242 5.51 17.97 -4.07
C SER A 242 6.29 17.82 -2.78
N ALA A 243 7.08 18.83 -2.42
CA ALA A 243 7.94 18.72 -1.25
C ALA A 243 7.11 18.54 0.02
N ARG A 244 6.06 19.34 0.20
CA ARG A 244 5.27 19.18 1.40
C ARG A 244 4.51 17.86 1.43
N ASN A 245 4.39 17.16 0.29
CA ASN A 245 3.71 15.86 0.34
C ASN A 245 4.52 14.77 1.06
N SER A 246 5.81 14.98 1.34
CA SER A 246 6.59 13.95 2.03
C SER A 246 6.39 13.96 3.55
N LEU A 247 5.81 15.02 4.10
CA LEU A 247 5.73 15.22 5.54
C LEU A 247 4.31 14.96 6.02
N PRO A 248 4.13 14.72 7.31
CA PRO A 248 2.79 14.68 7.88
C PRO A 248 2.17 16.07 7.87
N LYS A 249 0.88 16.12 8.16
CA LYS A 249 0.14 17.38 8.10
C LYS A 249 0.46 18.23 9.34
N VAL A 250 1.73 18.65 9.40
CA VAL A 250 2.19 19.50 10.50
C VAL A 250 1.66 20.92 10.32
N ALA A 251 1.42 21.59 11.43
CA ALA A 251 0.89 22.95 11.35
C ALA A 251 1.98 23.93 10.91
N TYR A 252 3.20 23.74 11.38
CA TYR A 252 4.26 24.73 11.26
C TYR A 252 4.93 24.69 9.89
N ALA A 253 6.07 25.38 9.78
CA ALA A 253 6.86 25.45 8.57
C ALA A 253 8.25 24.90 8.83
N THR A 254 8.76 24.13 7.87
CA THR A 254 10.09 23.56 7.96
C THR A 254 11.12 24.52 7.33
N ALA A 255 12.40 24.24 7.58
CA ALA A 255 13.44 25.04 6.94
C ALA A 255 13.31 24.97 5.42
N MET A 256 12.96 23.80 4.92
CA MET A 256 12.69 23.67 3.49
C MET A 256 11.55 24.58 3.06
N ASP A 257 10.52 24.69 3.90
CA ASP A 257 9.42 25.60 3.59
C ASP A 257 9.95 27.02 3.37
N TRP A 258 10.85 27.47 4.23
CA TRP A 258 11.37 28.83 4.10
C TRP A 258 12.18 28.98 2.82
N PHE A 259 13.07 28.02 2.52
CA PHE A 259 13.83 28.12 1.28
C PHE A 259 12.90 28.17 0.06
N ILE A 260 11.89 27.30 0.03
CA ILE A 260 11.01 27.26 -1.13
C ILE A 260 10.22 28.55 -1.23
N ALA A 261 9.80 29.10 -0.08
CA ALA A 261 9.01 30.34 -0.10
C ALA A 261 9.84 31.51 -0.59
N VAL A 262 11.11 31.59 -0.20
CA VAL A 262 11.95 32.68 -0.69
C VAL A 262 12.22 32.52 -2.17
N CYS A 263 12.48 31.28 -2.63
CA CYS A 263 12.61 31.05 -4.06
C CYS A 263 11.36 31.49 -4.80
N TYR A 264 10.19 31.20 -4.24
CA TYR A 264 8.94 31.63 -4.86
C TYR A 264 8.86 33.15 -4.89
N ALA A 265 9.36 33.82 -3.84
CA ALA A 265 9.41 35.27 -3.85
C ALA A 265 10.25 35.78 -5.01
N PHE A 266 11.43 35.20 -5.21
CA PHE A 266 12.30 35.65 -6.30
C PHE A 266 11.64 35.43 -7.66
N VAL A 267 10.97 34.29 -7.84
CA VAL A 267 10.38 33.97 -9.13
C VAL A 267 9.20 34.87 -9.43
N PHE A 268 8.28 35.01 -8.47
CA PHE A 268 7.15 35.90 -8.65
C PHE A 268 7.59 37.36 -8.80
N SER A 269 8.67 37.74 -8.12
CA SER A 269 9.21 39.08 -8.32
C SER A 269 9.74 39.26 -9.73
N ALA A 270 10.34 38.22 -10.31
CA ALA A 270 10.74 38.31 -11.71
C ALA A 270 9.52 38.47 -12.61
N LEU A 271 8.43 37.78 -12.30
CA LEU A 271 7.20 38.00 -13.07
C LEU A 271 6.72 39.44 -12.95
N ILE A 272 6.69 39.98 -11.73
CA ILE A 272 6.25 41.37 -11.57
C ILE A 272 7.18 42.32 -12.32
N GLU A 273 8.47 42.02 -12.33
CA GLU A 273 9.43 42.84 -13.08
C GLU A 273 9.12 42.81 -14.57
N PHE A 274 8.91 41.61 -15.13
CA PHE A 274 8.55 41.51 -16.54
C PHE A 274 7.29 42.30 -16.83
N ALA A 275 6.31 42.26 -15.93
CA ALA A 275 5.08 43.02 -16.15
C ALA A 275 5.34 44.53 -16.11
N THR A 276 6.20 44.99 -15.20
CA THR A 276 6.53 46.41 -15.15
C THR A 276 7.25 46.84 -16.42
N VAL A 277 8.30 46.11 -16.79
CA VAL A 277 9.03 46.41 -18.02
C VAL A 277 8.09 46.44 -19.21
N ASN A 278 7.25 45.40 -19.36
CA ASN A 278 6.30 45.41 -20.46
C ASN A 278 5.38 46.62 -20.37
N TYR A 279 5.03 47.03 -19.16
CA TYR A 279 4.13 48.16 -19.02
C TYR A 279 4.79 49.47 -19.47
N PHE A 280 6.11 49.58 -19.35
CA PHE A 280 6.82 50.80 -19.70
C PHE A 280 7.60 50.70 -21.01
N THR A 281 7.32 49.70 -21.84
CA THR A 281 8.18 49.47 -23.01
C THR A 281 7.90 50.45 -24.14
N LYS A 282 6.62 50.70 -24.46
CA LYS A 282 6.33 51.66 -25.52
C LYS A 282 6.61 53.09 -25.05
N SER A 283 5.88 53.55 -24.04
CA SER A 283 6.14 54.84 -23.42
C SER A 283 7.21 54.69 -22.35
N GLN A 284 8.27 55.48 -22.47
CA GLN A 284 9.38 55.47 -21.52
C GLN A 284 10.22 54.21 -21.66
N PRO A 285 10.74 53.90 -22.85
CA PRO A 285 11.64 52.75 -22.97
C PRO A 285 12.90 52.89 -22.16
N ALA A 286 13.32 54.11 -21.83
CA ALA A 286 14.48 54.28 -20.96
C ALA A 286 14.22 53.69 -19.58
N ARG A 287 13.01 53.92 -19.04
CA ARG A 287 12.68 53.38 -17.73
C ARG A 287 12.70 51.86 -17.77
N ALA A 288 11.98 51.27 -18.73
CA ALA A 288 11.97 49.82 -18.88
C ALA A 288 13.39 49.26 -18.95
N ALA A 289 14.22 49.85 -19.83
CA ALA A 289 15.59 49.37 -19.96
C ALA A 289 16.34 49.48 -18.64
N LYS A 290 16.16 50.58 -17.92
CA LYS A 290 16.85 50.74 -16.63
C LYS A 290 16.39 49.68 -15.63
N ILE A 291 15.09 49.37 -15.64
CA ILE A 291 14.57 48.34 -14.76
C ILE A 291 15.28 47.02 -15.02
N ASP A 292 15.36 46.62 -16.30
CA ASP A 292 16.08 45.38 -16.61
C ASP A 292 17.55 45.48 -16.21
N ARG A 293 18.17 46.63 -16.45
CA ARG A 293 19.57 46.80 -16.13
C ARG A 293 19.83 46.53 -14.65
N LEU A 294 19.00 47.11 -13.78
CA LEU A 294 19.18 46.91 -12.35
C LEU A 294 18.83 45.48 -11.96
N SER A 295 17.70 44.97 -12.46
CA SER A 295 17.27 43.62 -12.12
C SER A 295 18.36 42.58 -12.38
N ARG A 296 19.03 42.67 -13.54
CA ARG A 296 20.05 41.68 -13.85
C ARG A 296 21.16 41.62 -12.81
N ILE A 297 21.36 42.69 -12.03
CA ILE A 297 22.36 42.70 -10.99
C ILE A 297 21.76 42.40 -9.62
N ALA A 298 20.59 42.96 -9.32
CA ALA A 298 20.00 42.79 -8.01
C ALA A 298 19.53 41.35 -7.79
N PHE A 299 18.73 40.82 -8.72
CA PHE A 299 18.10 39.52 -8.47
C PHE A 299 19.14 38.46 -8.13
N PRO A 300 20.07 38.13 -9.03
CA PRO A 300 21.04 37.07 -8.70
C PRO A 300 21.92 37.44 -7.52
N LEU A 301 22.12 38.73 -7.26
CA LEU A 301 22.92 39.12 -6.10
C LEU A 301 22.18 38.87 -4.80
N LEU A 302 20.94 39.37 -4.69
CA LEU A 302 20.15 39.10 -3.50
C LEU A 302 19.98 37.59 -3.30
N PHE A 303 19.83 36.84 -4.39
CA PHE A 303 19.67 35.39 -4.27
C PHE A 303 20.93 34.74 -3.72
N GLY A 304 22.09 35.14 -4.22
CA GLY A 304 23.34 34.62 -3.67
C GLY A 304 23.50 34.93 -2.20
N ILE A 305 23.23 36.18 -1.81
CA ILE A 305 23.31 36.55 -0.40
C ILE A 305 22.37 35.69 0.44
N PHE A 306 21.12 35.54 -0.02
CA PHE A 306 20.17 34.72 0.71
C PHE A 306 20.70 33.31 0.90
N ASN A 307 21.15 32.68 -0.20
CA ASN A 307 21.72 31.34 -0.07
C ASN A 307 22.84 31.31 0.95
N LEU A 308 23.64 32.38 1.00
CA LEU A 308 24.73 32.43 1.97
C LEU A 308 24.19 32.38 3.39
N VAL A 309 23.21 33.22 3.71
CA VAL A 309 22.62 33.21 5.05
C VAL A 309 21.96 31.87 5.35
N TYR A 310 21.26 31.30 4.38
CA TYR A 310 20.51 30.07 4.62
C TYR A 310 21.44 28.90 4.90
N TRP A 311 22.34 28.59 3.96
CA TRP A 311 23.22 27.44 4.16
C TRP A 311 24.20 27.68 5.31
N ALA A 312 24.61 28.93 5.55
CA ALA A 312 25.43 29.19 6.74
C ALA A 312 24.64 28.88 8.01
N THR A 313 23.35 29.22 8.04
CA THR A 313 22.57 29.00 9.25
C THR A 313 22.32 27.52 9.48
N TYR A 314 21.77 26.81 8.49
CA TYR A 314 21.32 25.44 8.69
C TYR A 314 22.42 24.40 8.51
N LEU A 315 23.67 24.82 8.35
CA LEU A 315 24.77 23.86 8.35
C LEU A 315 25.73 24.13 9.49
N MET B 3 12.96 -30.75 27.03
CA MET B 3 14.18 -31.51 27.27
C MET B 3 15.31 -30.58 27.72
N VAL B 4 16.55 -31.05 27.66
CA VAL B 4 17.72 -30.25 27.98
C VAL B 4 18.78 -30.46 26.88
N SER B 5 19.78 -29.59 26.88
CA SER B 5 20.80 -29.62 25.86
C SER B 5 21.70 -30.86 26.00
N PRO B 6 22.26 -31.34 24.89
CA PRO B 6 23.12 -32.54 24.95
C PRO B 6 24.38 -32.28 25.74
N PRO B 7 24.67 -33.12 26.75
CA PRO B 7 25.87 -32.90 27.54
C PRO B 7 27.11 -33.23 26.73
N PRO B 8 28.24 -32.57 27.02
CA PRO B 8 29.45 -32.78 26.23
C PRO B 8 30.14 -34.09 26.58
N PRO B 9 30.67 -34.82 25.59
CA PRO B 9 31.48 -36.00 25.90
C PRO B 9 32.82 -35.61 26.50
N ILE B 10 33.48 -34.62 25.89
CA ILE B 10 34.75 -34.11 26.43
C ILE B 10 34.56 -33.22 27.64
N ALA B 11 33.32 -33.03 28.11
CA ALA B 11 33.06 -32.18 29.26
C ALA B 11 33.36 -30.72 29.00
N ASP B 12 34.19 -30.42 28.00
CA ASP B 12 34.58 -29.06 27.68
C ASP B 12 34.49 -28.78 26.18
N GLU B 13 33.65 -29.53 25.47
CA GLU B 13 33.59 -29.43 24.03
C GLU B 13 32.35 -28.67 23.59
N PRO B 14 32.47 -27.73 22.66
CA PRO B 14 31.27 -27.05 22.15
C PRO B 14 30.48 -27.94 21.21
N LEU B 15 29.17 -27.86 21.30
CA LEU B 15 28.28 -28.56 20.38
C LEU B 15 28.13 -27.75 19.09
N THR B 16 28.51 -28.33 17.95
CA THR B 16 28.34 -27.67 16.66
C THR B 16 27.05 -28.11 15.99
N VAL B 17 26.39 -27.16 15.35
CA VAL B 17 25.18 -27.40 14.57
C VAL B 17 25.53 -27.16 13.11
N ASN B 18 25.42 -28.20 12.29
CA ASN B 18 25.70 -28.12 10.87
C ASN B 18 24.47 -27.59 10.15
N THR B 19 24.62 -26.45 9.48
CA THR B 19 23.51 -25.72 8.88
C THR B 19 23.59 -25.72 7.36
N GLY B 20 22.42 -25.63 6.73
CA GLY B 20 22.35 -25.44 5.30
C GLY B 20 21.02 -24.81 4.94
N ILE B 21 21.04 -23.99 3.89
CA ILE B 21 19.82 -23.35 3.38
C ILE B 21 19.70 -23.70 1.90
N TYR B 22 18.51 -24.10 1.48
CA TYR B 22 18.27 -24.42 0.08
C TYR B 22 17.14 -23.53 -0.41
N LEU B 23 17.48 -22.55 -1.25
CA LEU B 23 16.50 -21.59 -1.71
C LEU B 23 15.50 -22.26 -2.64
N ILE B 24 14.22 -22.12 -2.32
CA ILE B 24 13.15 -22.61 -3.17
C ILE B 24 12.54 -21.48 -3.98
N GLU B 25 12.32 -20.33 -3.34
CA GLU B 25 11.63 -19.20 -3.94
C GLU B 25 12.31 -17.92 -3.48
N CYS B 26 12.54 -17.00 -4.41
CA CYS B 26 13.18 -15.73 -4.11
C CYS B 26 12.41 -14.62 -4.80
N TYR B 27 11.85 -13.70 -4.02
CA TYR B 27 10.92 -12.74 -4.61
C TYR B 27 10.92 -11.42 -3.85
N SER B 28 10.31 -10.41 -4.48
CA SER B 28 10.03 -9.12 -3.85
C SER B 28 11.29 -8.43 -3.34
N LEU B 29 12.29 -8.31 -4.21
CA LEU B 29 13.46 -7.50 -3.89
C LEU B 29 13.06 -6.03 -4.05
N ASP B 30 12.92 -5.33 -2.93
CA ASP B 30 12.46 -3.95 -2.89
C ASP B 30 13.66 -3.02 -2.72
N ASP B 31 14.00 -2.27 -3.77
CA ASP B 31 15.14 -1.37 -3.71
C ASP B 31 14.93 -0.29 -2.66
N LYS B 32 13.72 0.26 -2.57
CA LYS B 32 13.46 1.38 -1.68
C LYS B 32 13.48 0.94 -0.23
N ALA B 33 12.91 -0.24 0.04
CA ALA B 33 12.88 -0.79 1.38
C ALA B 33 14.14 -1.54 1.76
N GLU B 34 15.01 -1.83 0.78
CA GLU B 34 16.21 -2.64 1.02
C GLU B 34 15.88 -3.96 1.72
N THR B 35 14.84 -4.62 1.23
CA THR B 35 14.44 -5.91 1.77
C THR B 35 14.14 -6.87 0.62
N PHE B 36 14.18 -8.17 0.93
CA PHE B 36 13.72 -9.18 -0.01
C PHE B 36 13.14 -10.35 0.76
N LYS B 37 12.31 -11.12 0.07
CA LYS B 37 11.63 -12.25 0.68
C LYS B 37 12.20 -13.56 0.16
N VAL B 38 12.38 -14.53 1.06
CA VAL B 38 13.02 -15.79 0.74
C VAL B 38 12.18 -16.93 1.31
N ASN B 39 12.09 -18.02 0.55
CA ASN B 39 11.38 -19.24 0.94
C ASN B 39 12.33 -20.39 0.67
N ALA B 40 12.71 -21.13 1.73
CA ALA B 40 13.85 -22.04 1.63
C ALA B 40 13.72 -23.20 2.61
N PHE B 41 14.61 -24.18 2.44
CA PHE B 41 14.88 -25.22 3.43
C PHE B 41 15.95 -24.70 4.39
N LEU B 42 15.73 -24.94 5.68
CA LEU B 42 16.76 -24.82 6.70
C LEU B 42 16.99 -26.22 7.24
N SER B 43 18.24 -26.68 7.15
CA SER B 43 18.63 -27.99 7.63
C SER B 43 19.66 -27.80 8.72
N LEU B 44 19.44 -28.49 9.85
CA LEU B 44 20.34 -28.47 10.99
C LEU B 44 20.72 -29.90 11.36
N SER B 45 21.92 -30.08 11.88
CA SER B 45 22.39 -31.43 12.20
C SER B 45 23.32 -31.38 13.38
N TRP B 46 23.06 -32.21 14.40
CA TRP B 46 23.92 -32.21 15.58
C TRP B 46 23.88 -33.57 16.25
N LYS B 47 24.73 -33.77 17.25
CA LYS B 47 24.89 -35.06 17.92
C LYS B 47 24.38 -34.98 19.35
N ASP B 48 23.41 -35.85 19.68
CA ASP B 48 22.88 -36.00 21.03
C ASP B 48 22.95 -37.48 21.40
N ARG B 49 24.03 -37.88 22.07
CA ARG B 49 24.24 -39.31 22.38
C ARG B 49 23.03 -39.93 23.07
N ARG B 50 22.33 -39.17 23.91
CA ARG B 50 21.13 -39.67 24.58
C ARG B 50 20.16 -40.33 23.61
N LEU B 51 20.19 -39.95 22.35
CA LEU B 51 19.24 -40.47 21.36
C LEU B 51 19.81 -41.66 20.58
N ALA B 52 21.07 -42.01 20.81
CA ALA B 52 21.69 -43.14 20.15
C ALA B 52 20.97 -44.43 20.47
N PHE B 53 21.23 -45.45 19.66
CA PHE B 53 20.58 -46.75 19.80
C PHE B 53 21.40 -47.78 19.02
N ASP B 54 21.17 -49.05 19.35
CA ASP B 54 21.86 -50.14 18.68
C ASP B 54 21.26 -50.37 17.30
N PRO B 55 22.06 -50.28 16.22
CA PRO B 55 21.52 -50.49 14.87
C PRO B 55 21.12 -51.93 14.58
N VAL B 56 21.58 -52.90 15.36
CA VAL B 56 21.28 -54.31 15.10
C VAL B 56 20.18 -54.83 16.01
N ARG B 57 20.30 -54.58 17.32
CA ARG B 57 19.20 -54.90 18.23
C ARG B 57 17.94 -54.16 17.83
N SER B 58 18.04 -52.86 17.56
CA SER B 58 16.94 -52.12 16.97
C SER B 58 16.97 -52.37 15.47
N GLY B 59 15.96 -53.03 14.94
CA GLY B 59 15.96 -53.40 13.54
C GLY B 59 15.77 -52.23 12.60
N VAL B 60 15.76 -51.02 13.15
CA VAL B 60 15.47 -49.81 12.39
C VAL B 60 16.78 -49.08 12.13
N ARG B 61 16.90 -48.47 10.95
CA ARG B 61 18.10 -47.75 10.57
C ARG B 61 18.14 -46.30 11.03
N VAL B 62 16.99 -45.67 11.32
CA VAL B 62 17.04 -44.26 11.67
C VAL B 62 16.14 -43.95 12.85
N LYS B 63 14.84 -44.17 12.70
CA LYS B 63 13.87 -43.71 13.71
C LYS B 63 13.70 -42.19 13.61
N THR B 64 12.47 -41.73 13.78
CA THR B 64 12.12 -40.33 13.60
C THR B 64 11.37 -39.80 14.82
N TYR B 65 11.68 -38.56 15.20
CA TYR B 65 11.07 -37.93 16.36
C TYR B 65 10.24 -36.73 15.93
N GLU B 66 9.36 -36.33 16.79
CA GLU B 66 8.61 -35.11 16.78
C GLU B 66 9.40 -34.00 17.47
N PRO B 67 9.25 -32.74 17.04
CA PRO B 67 10.06 -31.67 17.61
C PRO B 67 9.92 -31.56 19.12
N GLU B 68 8.74 -31.89 19.65
CA GLU B 68 8.54 -31.87 21.10
C GLU B 68 9.29 -32.99 21.81
N ALA B 69 9.66 -34.07 21.09
CA ALA B 69 10.23 -35.22 21.75
C ALA B 69 11.66 -34.96 22.23
N ILE B 70 12.45 -34.22 21.45
CA ILE B 70 13.88 -34.08 21.70
C ILE B 70 14.23 -32.61 21.80
N TRP B 71 15.41 -32.34 22.36
CA TRP B 71 15.97 -30.99 22.36
C TRP B 71 16.34 -30.56 20.94
N ILE B 72 15.96 -29.36 20.57
CA ILE B 72 16.33 -28.80 19.27
C ILE B 72 16.94 -27.41 19.48
N PRO B 73 18.07 -27.10 18.87
CA PRO B 73 18.71 -25.80 19.11
C PRO B 73 17.86 -24.65 18.57
N GLU B 74 17.78 -23.58 19.35
CA GLU B 74 17.08 -22.36 18.96
C GLU B 74 17.95 -21.59 17.97
N ILE B 75 17.61 -21.68 16.68
CA ILE B 75 18.33 -21.00 15.62
C ILE B 75 17.50 -19.80 15.18
N ARG B 76 18.09 -18.61 15.21
CA ARG B 76 17.41 -17.38 14.83
C ARG B 76 18.10 -16.72 13.66
N PHE B 77 17.34 -16.06 12.80
CA PHE B 77 17.92 -15.17 11.80
C PHE B 77 18.11 -13.80 12.44
N VAL B 78 19.20 -13.13 12.08
CA VAL B 78 19.47 -11.80 12.60
C VAL B 78 18.75 -10.73 11.78
N ASN B 79 19.15 -10.57 10.51
CA ASN B 79 18.71 -9.43 9.70
C ASN B 79 17.37 -9.71 9.04
N VAL B 80 16.37 -9.94 9.88
CA VAL B 80 15.04 -10.29 9.41
C VAL B 80 14.06 -9.38 10.16
N GLU B 81 12.90 -9.16 9.55
CA GLU B 81 11.98 -8.18 10.11
C GLU B 81 11.13 -8.80 11.21
N ASN B 82 10.47 -9.90 10.90
CA ASN B 82 9.83 -10.74 11.90
C ASN B 82 10.55 -12.07 11.97
N ALA B 83 10.29 -12.80 13.03
CA ALA B 83 10.68 -14.21 13.07
C ALA B 83 10.09 -14.94 11.86
N ARG B 84 10.88 -15.87 11.32
CA ARG B 84 10.45 -16.64 10.16
C ARG B 84 9.21 -17.49 10.46
N ASP B 85 8.53 -17.92 9.41
CA ASP B 85 7.46 -18.90 9.49
C ASP B 85 8.00 -20.24 9.02
N ALA B 86 8.00 -21.22 9.90
CA ALA B 86 8.63 -22.50 9.62
C ALA B 86 7.64 -23.63 9.81
N ASP B 87 7.71 -24.61 8.90
CA ASP B 87 7.03 -25.89 9.05
C ASP B 87 8.11 -26.95 9.15
N VAL B 88 8.18 -27.62 10.30
CA VAL B 88 9.13 -28.71 10.41
C VAL B 88 8.75 -29.79 9.41
N VAL B 89 9.72 -30.23 8.63
CA VAL B 89 9.50 -31.22 7.59
C VAL B 89 9.88 -32.60 8.06
N ASP B 90 11.03 -32.73 8.71
CA ASP B 90 11.49 -34.06 9.09
C ASP B 90 12.55 -33.94 10.17
N ILE B 91 12.59 -34.95 11.05
CA ILE B 91 13.66 -35.09 12.03
C ILE B 91 14.02 -36.57 12.06
N SER B 92 15.27 -36.89 11.73
CA SER B 92 15.73 -38.27 11.66
C SER B 92 17.01 -38.42 12.47
N VAL B 93 16.99 -39.34 13.46
CA VAL B 93 18.18 -39.63 14.26
C VAL B 93 18.87 -40.86 13.69
N SER B 94 20.19 -40.89 13.86
CA SER B 94 21.00 -42.02 13.45
C SER B 94 21.35 -42.89 14.66
N PRO B 95 21.78 -44.13 14.43
CA PRO B 95 22.15 -45.00 15.55
C PRO B 95 23.17 -44.35 16.48
N ASP B 96 24.10 -43.56 15.96
CA ASP B 96 25.10 -42.94 16.80
C ASP B 96 24.59 -41.71 17.53
N GLY B 97 23.37 -41.24 17.24
CA GLY B 97 22.82 -40.05 17.84
C GLY B 97 22.83 -38.80 16.99
N THR B 98 23.08 -38.91 15.69
CA THR B 98 23.11 -37.75 14.81
C THR B 98 21.70 -37.39 14.39
N VAL B 99 21.26 -36.21 14.80
CA VAL B 99 19.97 -35.65 14.42
C VAL B 99 20.13 -34.85 13.13
N GLN B 100 19.26 -35.15 12.16
CA GLN B 100 19.09 -34.39 10.92
C GLN B 100 17.70 -33.79 10.91
N TYR B 101 17.65 -32.48 11.10
CA TYR B 101 16.43 -31.69 11.18
C TYR B 101 16.27 -30.90 9.88
N LEU B 102 15.03 -30.85 9.39
CA LEU B 102 14.71 -30.18 8.12
C LEU B 102 13.40 -29.44 8.29
N GLU B 103 13.43 -28.12 8.05
CA GLU B 103 12.25 -27.27 8.06
C GLU B 103 12.21 -26.47 6.76
N ARG B 104 11.01 -26.03 6.39
CA ARG B 104 10.83 -25.09 5.31
C ARG B 104 10.31 -23.79 5.90
N PHE B 105 10.98 -22.68 5.59
CA PHE B 105 10.66 -21.39 6.18
C PHE B 105 10.54 -20.32 5.11
N SER B 106 9.77 -19.29 5.42
CA SER B 106 9.75 -18.06 4.65
C SER B 106 10.10 -16.89 5.56
N ALA B 107 10.76 -15.89 5.00
CA ALA B 107 11.19 -14.76 5.82
C ALA B 107 11.36 -13.53 4.97
N ARG B 108 11.19 -12.39 5.61
CA ARG B 108 11.47 -11.08 5.03
C ARG B 108 12.82 -10.63 5.56
N VAL B 109 13.84 -10.75 4.73
CA VAL B 109 15.20 -10.38 5.06
C VAL B 109 15.42 -8.91 4.76
N LEU B 110 16.15 -8.24 5.63
CA LEU B 110 16.50 -6.83 5.51
C LEU B 110 18.00 -6.76 5.26
N SER B 111 18.39 -6.30 4.06
CA SER B 111 19.80 -6.26 3.68
C SER B 111 20.12 -5.00 2.88
N PRO B 112 21.11 -4.21 3.30
CA PRO B 112 21.37 -2.92 2.65
C PRO B 112 22.02 -3.06 1.29
N LEU B 113 21.68 -2.13 0.39
CA LEU B 113 22.16 -2.15 -0.99
C LEU B 113 23.12 -0.99 -1.24
N ASP B 114 24.07 -1.19 -2.16
CA ASP B 114 25.03 -0.15 -2.54
C ASP B 114 24.64 0.42 -3.92
N PHE B 115 24.03 1.59 -3.92
CA PHE B 115 23.48 2.12 -5.17
C PHE B 115 24.46 2.98 -5.94
N ARG B 116 25.72 3.09 -5.48
CA ARG B 116 26.67 3.98 -6.12
C ARG B 116 26.79 3.69 -7.60
N ARG B 117 26.86 2.42 -7.97
CA ARG B 117 27.02 2.00 -9.36
C ARG B 117 25.69 1.78 -10.08
N TYR B 118 24.57 2.10 -9.42
CA TYR B 118 23.24 1.85 -9.98
C TYR B 118 23.05 2.64 -11.27
N PRO B 119 22.37 2.07 -12.27
CA PRO B 119 21.72 0.76 -12.26
C PRO B 119 22.64 -0.36 -12.75
N PHE B 120 23.95 -0.13 -12.74
CA PHE B 120 24.94 -1.14 -13.13
C PHE B 120 25.54 -1.82 -11.90
N ASP B 121 24.73 -2.04 -10.87
CA ASP B 121 25.20 -2.47 -9.58
C ASP B 121 25.13 -3.99 -9.43
N SER B 122 26.06 -4.53 -8.65
CA SER B 122 25.94 -5.86 -8.07
C SER B 122 25.77 -5.72 -6.57
N GLN B 123 25.07 -6.68 -5.97
CA GLN B 123 24.84 -6.69 -4.54
C GLN B 123 25.14 -8.06 -3.96
N THR B 124 25.45 -8.07 -2.66
CA THR B 124 25.46 -9.27 -1.83
C THR B 124 24.33 -9.12 -0.82
N LEU B 125 23.23 -9.84 -1.04
CA LEU B 125 22.20 -9.97 -0.03
C LEU B 125 22.67 -10.94 1.05
N HIS B 126 22.49 -10.58 2.31
CA HIS B 126 22.92 -11.41 3.42
C HIS B 126 21.74 -12.01 4.17
N ILE B 127 21.92 -13.24 4.62
CA ILE B 127 21.04 -13.90 5.55
C ILE B 127 21.95 -14.39 6.66
N TYR B 128 21.82 -13.81 7.85
CA TYR B 128 22.66 -14.16 8.98
C TYR B 128 21.95 -15.17 9.88
N LEU B 129 22.55 -16.36 10.03
CA LEU B 129 22.10 -17.32 11.04
C LEU B 129 22.84 -17.10 12.35
N ILE B 130 22.16 -17.36 13.46
CA ILE B 130 22.78 -17.16 14.75
C ILE B 130 22.17 -18.13 15.76
N VAL B 131 22.99 -18.53 16.73
CA VAL B 131 22.56 -19.38 17.83
C VAL B 131 23.21 -18.85 19.11
N ARG B 132 22.44 -18.87 20.20
CA ARG B 132 22.89 -18.38 21.49
C ARG B 132 23.22 -19.55 22.41
N SER B 133 24.37 -19.46 23.06
CA SER B 133 24.80 -20.53 23.95
C SER B 133 23.92 -20.58 25.19
N VAL B 134 23.64 -21.79 25.65
CA VAL B 134 22.88 -21.98 26.89
C VAL B 134 23.88 -22.08 28.03
N ASP B 135 23.36 -22.17 29.26
CA ASP B 135 24.26 -22.20 30.42
C ASP B 135 24.99 -23.52 30.54
N THR B 136 24.39 -24.61 30.07
CA THR B 136 25.01 -25.93 30.19
C THR B 136 26.11 -26.17 29.17
N ARG B 137 26.02 -25.59 27.97
CA ARG B 137 26.98 -25.86 26.91
C ARG B 137 27.08 -24.68 25.95
N ASN B 138 28.27 -24.50 25.40
CA ASN B 138 28.46 -23.57 24.29
C ASN B 138 28.03 -24.24 22.99
N ILE B 139 27.37 -23.47 22.13
CA ILE B 139 26.88 -23.96 20.85
C ILE B 139 27.50 -23.14 19.74
N VAL B 140 27.95 -23.81 18.69
CA VAL B 140 28.68 -23.17 17.61
C VAL B 140 28.10 -23.62 16.27
N LEU B 141 27.97 -22.68 15.33
CA LEU B 141 27.41 -22.96 14.02
C LEU B 141 28.50 -23.37 13.04
N ALA B 142 28.12 -24.19 12.06
CA ALA B 142 29.00 -24.62 10.99
C ALA B 142 28.17 -24.81 9.73
N VAL B 143 28.84 -25.03 8.60
CA VAL B 143 28.19 -25.05 7.30
C VAL B 143 28.43 -26.39 6.63
N ASP B 144 27.34 -27.10 6.32
CA ASP B 144 27.34 -28.34 5.54
C ASP B 144 27.05 -28.01 4.06
N LEU B 145 28.09 -28.01 3.22
CA LEU B 145 27.91 -27.60 1.83
C LEU B 145 26.94 -28.50 1.07
N GLU B 146 26.89 -29.79 1.37
CA GLU B 146 25.93 -30.65 0.68
C GLU B 146 24.52 -30.11 0.79
N LYS B 147 24.24 -29.34 1.85
CA LYS B 147 22.89 -28.87 2.17
C LYS B 147 22.67 -27.41 1.81
N VAL B 148 23.58 -26.82 1.02
CA VAL B 148 23.47 -25.42 0.59
C VAL B 148 23.25 -25.40 -0.92
N GLY B 149 22.36 -24.53 -1.37
CA GLY B 149 22.08 -24.45 -2.79
C GLY B 149 20.80 -23.67 -3.03
N LYS B 150 20.34 -23.74 -4.28
CA LYS B 150 19.13 -23.05 -4.67
C LYS B 150 18.52 -23.77 -5.86
N ASN B 151 17.19 -23.79 -5.92
CA ASN B 151 16.52 -24.36 -7.07
C ASN B 151 16.91 -23.60 -8.33
N ASP B 152 16.96 -24.31 -9.46
CA ASP B 152 17.35 -23.66 -10.70
C ASP B 152 16.29 -22.68 -11.19
N ASP B 153 15.02 -22.94 -10.92
CA ASP B 153 13.97 -22.03 -11.35
C ASP B 153 13.75 -20.89 -10.36
N VAL B 154 14.79 -20.49 -9.64
CA VAL B 154 14.73 -19.33 -8.75
C VAL B 154 15.07 -18.08 -9.54
N PHE B 155 14.21 -17.06 -9.47
CA PHE B 155 14.36 -15.85 -10.27
C PHE B 155 14.03 -14.61 -9.45
N LEU B 156 14.81 -13.55 -9.64
CA LEU B 156 14.41 -12.21 -9.22
C LEU B 156 14.20 -11.35 -10.45
N THR B 157 12.94 -11.11 -10.82
CA THR B 157 12.69 -10.35 -12.04
C THR B 157 13.47 -9.06 -11.95
N GLY B 158 14.25 -8.79 -12.99
CA GLY B 158 15.11 -7.63 -13.06
C GLY B 158 16.53 -7.87 -12.61
N TRP B 159 16.90 -9.12 -12.31
CA TRP B 159 18.22 -9.40 -11.77
C TRP B 159 18.76 -10.69 -12.36
N ASP B 160 20.08 -10.80 -12.38
CA ASP B 160 20.80 -12.05 -12.60
C ASP B 160 21.27 -12.57 -11.26
N ILE B 161 20.96 -13.83 -10.97
CA ILE B 161 21.42 -14.47 -9.74
C ILE B 161 22.74 -15.17 -10.05
N GLU B 162 23.80 -14.74 -9.37
CA GLU B 162 25.14 -15.28 -9.60
C GLU B 162 25.37 -16.55 -8.79
N SER B 163 25.21 -16.46 -7.48
CA SER B 163 25.62 -17.56 -6.63
C SER B 163 24.97 -17.43 -5.25
N PHE B 164 24.82 -18.57 -4.57
CA PHE B 164 24.37 -18.61 -3.18
C PHE B 164 25.34 -19.50 -2.44
N THR B 165 26.16 -18.91 -1.59
CA THR B 165 27.23 -19.58 -0.88
C THR B 165 27.22 -19.17 0.59
N ALA B 166 28.07 -19.82 1.39
CA ALA B 166 28.18 -19.49 2.80
C ALA B 166 29.63 -19.29 3.19
N VAL B 167 29.87 -18.35 4.10
CA VAL B 167 31.19 -18.15 4.69
C VAL B 167 31.35 -19.16 5.82
N VAL B 168 32.29 -20.08 5.67
CA VAL B 168 32.32 -21.26 6.53
C VAL B 168 32.72 -20.90 7.95
N LYS B 169 33.74 -20.05 8.12
CA LYS B 169 34.14 -19.70 9.48
C LYS B 169 33.13 -18.71 10.06
N PRO B 170 32.46 -19.05 11.15
CA PRO B 170 31.47 -18.14 11.71
C PRO B 170 32.13 -17.09 12.59
N ALA B 171 31.36 -16.07 12.92
CA ALA B 171 31.75 -15.06 13.89
C ALA B 171 31.18 -15.47 15.24
N ASN B 172 32.07 -15.81 16.17
CA ASN B 172 31.67 -16.12 17.53
C ASN B 172 32.07 -14.94 18.41
N PHE B 173 31.15 -14.51 19.26
CA PHE B 173 31.42 -13.32 20.06
C PHE B 173 30.55 -13.34 21.30
N ALA B 174 30.90 -12.49 22.25
CA ALA B 174 30.14 -12.38 23.49
C ALA B 174 29.05 -11.33 23.30
N LEU B 175 27.84 -11.66 23.75
CA LEU B 175 26.72 -10.73 23.70
C LEU B 175 25.92 -10.95 24.98
N GLU B 176 25.76 -9.87 25.76
CA GLU B 176 25.06 -9.92 27.04
C GLU B 176 25.44 -11.16 27.86
N ASP B 177 26.74 -11.38 27.97
CA ASP B 177 27.32 -12.37 28.87
C ASP B 177 27.09 -13.81 28.43
N ARG B 178 26.76 -14.05 27.15
CA ARG B 178 26.71 -15.41 26.62
C ARG B 178 27.37 -15.41 25.24
N LEU B 179 27.85 -16.57 24.83
CA LEU B 179 28.45 -16.69 23.51
C LEU B 179 27.39 -16.85 22.44
N GLU B 180 27.50 -16.07 21.38
CA GLU B 180 26.67 -16.19 20.19
C GLU B 180 27.53 -16.58 18.98
N SER B 181 26.94 -17.38 18.10
CA SER B 181 27.63 -17.89 16.91
C SER B 181 26.82 -17.54 15.67
N LYS B 182 27.46 -16.86 14.72
CA LYS B 182 26.79 -16.23 13.59
C LYS B 182 27.42 -16.63 12.26
N LEU B 183 26.60 -17.12 11.34
CA LEU B 183 26.99 -17.46 9.98
C LEU B 183 26.44 -16.43 8.98
N ASP B 184 27.16 -16.26 7.89
CA ASP B 184 26.85 -15.29 6.84
C ASP B 184 26.55 -16.05 5.54
N TYR B 185 25.27 -16.21 5.22
CA TYR B 185 24.86 -16.73 3.92
C TYR B 185 24.72 -15.57 2.94
N GLN B 186 25.29 -15.73 1.75
CA GLN B 186 25.46 -14.62 0.81
C GLN B 186 24.87 -14.97 -0.55
N LEU B 187 23.88 -14.18 -0.99
CA LEU B 187 23.28 -14.28 -2.30
C LEU B 187 23.79 -13.14 -3.18
N ARG B 188 24.66 -13.46 -4.14
CA ARG B 188 25.23 -12.45 -5.04
C ARG B 188 24.37 -12.29 -6.28
N ILE B 189 24.06 -11.03 -6.64
CA ILE B 189 23.20 -10.72 -7.77
C ILE B 189 23.74 -9.50 -8.51
N SER B 190 23.38 -9.38 -9.77
CA SER B 190 23.73 -8.18 -10.53
C SER B 190 22.51 -7.70 -11.30
N ARG B 191 22.31 -6.39 -11.31
CA ARG B 191 21.09 -5.81 -11.86
C ARG B 191 21.09 -5.87 -13.39
N GLN B 192 19.90 -6.04 -13.95
CA GLN B 192 19.70 -5.97 -15.40
C GLN B 192 19.28 -4.55 -15.74
N TYR B 193 20.21 -3.78 -16.32
CA TYR B 193 20.03 -2.34 -16.51
C TYR B 193 19.15 -1.98 -17.70
N GLY B 194 18.93 -2.93 -18.62
CA GLY B 194 18.26 -2.61 -19.87
C GLY B 194 16.93 -1.90 -19.68
N TYR B 195 16.12 -2.35 -18.72
CA TYR B 195 14.87 -1.68 -18.44
C TYR B 195 15.07 -0.18 -18.29
N PHE B 196 16.04 0.21 -17.46
CA PHE B 196 16.27 1.63 -17.21
C PHE B 196 16.71 2.35 -18.48
N VAL B 197 17.39 1.65 -19.39
CA VAL B 197 17.79 2.25 -20.65
C VAL B 197 16.60 2.88 -21.35
N ILE B 198 15.44 2.22 -21.33
CA ILE B 198 14.28 2.78 -22.01
C ILE B 198 13.36 3.52 -21.06
N GLN B 199 13.67 3.54 -19.77
CA GLN B 199 12.85 4.25 -18.80
C GLN B 199 13.40 5.63 -18.49
N THR B 200 14.72 5.78 -18.56
CA THR B 200 15.39 7.00 -18.15
C THR B 200 16.45 7.43 -19.15
N TYR B 201 17.29 6.51 -19.61
CA TYR B 201 18.42 6.90 -20.46
C TYR B 201 17.96 7.43 -21.82
N LEU B 202 16.97 6.78 -22.44
CA LEU B 202 16.49 7.28 -23.73
C LEU B 202 15.79 8.62 -23.59
N PRO B 203 14.81 8.79 -22.68
CA PRO B 203 14.23 10.13 -22.49
C PRO B 203 15.27 11.22 -22.29
N CYS B 204 16.36 10.91 -21.60
CA CYS B 204 17.41 11.91 -21.40
C CYS B 204 18.13 12.21 -22.70
N ILE B 205 18.55 11.16 -23.42
CA ILE B 205 19.32 11.36 -24.65
C ILE B 205 18.48 12.13 -25.67
N MET B 206 17.22 11.72 -25.85
CA MET B 206 16.33 12.42 -26.78
C MET B 206 16.05 13.83 -26.32
N THR B 207 15.93 14.06 -25.01
CA THR B 207 15.71 15.43 -24.54
C THR B 207 16.92 16.33 -24.84
N VAL B 208 18.14 15.78 -24.76
CA VAL B 208 19.33 16.54 -25.12
C VAL B 208 19.33 16.84 -26.62
N ILE B 209 19.03 15.84 -27.45
CA ILE B 209 18.96 16.05 -28.89
C ILE B 209 17.92 17.13 -29.22
N LEU B 210 16.72 17.00 -28.65
CA LEU B 210 15.68 18.00 -28.83
C LEU B 210 16.18 19.40 -28.44
N SER B 211 16.90 19.50 -27.33
CA SER B 211 17.48 20.80 -26.98
C SER B 211 18.42 21.31 -28.06
N GLN B 212 19.14 20.41 -28.73
CA GLN B 212 20.08 20.84 -29.76
C GLN B 212 19.39 21.26 -31.05
N VAL B 213 18.20 20.73 -31.34
CA VAL B 213 17.48 21.17 -32.54
C VAL B 213 17.30 22.67 -32.58
N SER B 214 17.25 23.33 -31.41
CA SER B 214 16.99 24.76 -31.41
C SER B 214 18.05 25.55 -32.16
N PHE B 215 19.29 25.04 -32.23
CA PHE B 215 20.36 25.74 -32.90
C PHE B 215 20.13 25.88 -34.40
N TRP B 216 19.25 25.06 -34.98
CA TRP B 216 18.97 25.09 -36.40
C TRP B 216 17.74 25.91 -36.75
N LEU B 217 17.01 26.36 -35.75
CA LEU B 217 15.87 27.23 -35.99
C LEU B 217 16.35 28.64 -36.21
N ASN B 218 15.65 29.35 -37.09
CA ASN B 218 15.96 30.74 -37.39
C ASN B 218 16.05 31.57 -36.11
N ARG B 219 17.12 32.37 -36.02
CA ARG B 219 17.35 33.15 -34.80
C ARG B 219 16.26 34.19 -34.56
N GLU B 220 15.53 34.59 -35.61
CA GLU B 220 14.49 35.61 -35.46
C GLU B 220 13.23 35.09 -34.80
N SER B 221 12.96 33.77 -34.88
CA SER B 221 11.80 33.17 -34.23
C SER B 221 12.15 32.86 -32.77
N VAL B 222 12.17 33.91 -31.96
CA VAL B 222 12.61 33.83 -30.58
C VAL B 222 11.64 32.96 -29.77
N PRO B 223 10.32 33.11 -29.91
CA PRO B 223 9.42 32.25 -29.13
C PRO B 223 9.64 30.77 -29.40
N ALA B 224 9.84 30.38 -30.67
CA ALA B 224 10.08 28.98 -30.98
C ALA B 224 11.28 28.45 -30.20
N ARG B 225 12.43 29.10 -30.33
CA ARG B 225 13.61 28.65 -29.59
C ARG B 225 13.36 28.66 -28.09
N THR B 226 12.59 29.64 -27.60
CA THR B 226 12.27 29.67 -26.17
C THR B 226 11.53 28.40 -25.76
N VAL B 227 10.52 28.01 -26.54
CA VAL B 227 9.78 26.78 -26.23
C VAL B 227 10.74 25.60 -26.18
N PHE B 228 11.60 25.46 -27.19
CA PHE B 228 12.55 24.36 -27.19
C PHE B 228 13.38 24.34 -25.91
N VAL B 229 14.13 25.41 -25.67
CA VAL B 229 15.10 25.42 -24.56
C VAL B 229 14.38 25.21 -23.23
N VAL B 230 13.29 25.95 -23.00
CA VAL B 230 12.62 25.92 -21.70
C VAL B 230 11.99 24.55 -21.45
N THR B 231 11.23 24.02 -22.42
CA THR B 231 10.58 22.74 -22.15
C THR B 231 11.61 21.64 -21.93
N THR B 232 12.74 21.67 -22.66
CA THR B 232 13.73 20.62 -22.42
C THR B 232 14.37 20.74 -21.03
N VAL B 233 14.60 21.97 -20.55
CA VAL B 233 15.16 22.12 -19.20
C VAL B 233 14.19 21.54 -18.16
N LEU B 234 12.91 21.90 -18.27
CA LEU B 234 11.94 21.38 -17.30
C LEU B 234 11.81 19.88 -17.42
N THR B 235 11.90 19.34 -18.65
CA THR B 235 11.86 17.90 -18.84
C THR B 235 13.02 17.22 -18.10
N MET B 236 14.23 17.75 -18.22
CA MET B 236 15.36 17.20 -17.47
C MET B 236 15.06 17.20 -15.98
N THR B 237 14.58 18.31 -15.44
CA THR B 237 14.29 18.32 -14.00
C THR B 237 13.29 17.23 -13.63
N THR B 238 12.21 17.11 -14.42
CA THR B 238 11.20 16.10 -14.14
C THR B 238 11.80 14.70 -14.18
N LEU B 239 12.60 14.41 -15.21
CA LEU B 239 13.19 13.08 -15.33
C LEU B 239 14.12 12.79 -14.16
N SER B 240 14.91 13.78 -13.76
CA SER B 240 15.77 13.61 -12.60
C SER B 240 14.95 13.20 -11.37
N ILE B 241 13.93 13.99 -11.02
CA ILE B 241 13.13 13.71 -9.83
C ILE B 241 12.50 12.32 -9.93
N SER B 242 11.82 12.05 -11.05
CA SER B 242 11.24 10.74 -11.28
C SER B 242 12.25 9.62 -11.03
N ALA B 243 13.44 9.74 -11.62
CA ALA B 243 14.43 8.67 -11.49
C ALA B 243 14.84 8.46 -10.05
N ARG B 244 15.17 9.53 -9.33
CA ARG B 244 15.59 9.31 -7.95
C ARG B 244 14.44 8.82 -7.08
N ASN B 245 13.20 8.91 -7.56
CA ASN B 245 12.11 8.41 -6.74
C ASN B 245 12.10 6.90 -6.58
N SER B 246 12.86 6.17 -7.39
CA SER B 246 12.88 4.71 -7.28
C SER B 246 13.76 4.20 -6.16
N LEU B 247 14.65 5.03 -5.65
CA LEU B 247 15.68 4.60 -4.71
C LEU B 247 15.34 5.03 -3.31
N PRO B 248 15.98 4.42 -2.31
CA PRO B 248 15.90 4.95 -0.94
C PRO B 248 16.65 6.26 -0.87
N LYS B 249 16.48 6.95 0.26
CA LYS B 249 17.05 8.29 0.43
C LYS B 249 18.55 8.19 0.74
N VAL B 250 19.29 7.71 -0.26
CA VAL B 250 20.72 7.53 -0.13
C VAL B 250 21.42 8.88 -0.19
N ALA B 251 22.54 9.01 0.51
CA ALA B 251 23.26 10.28 0.54
C ALA B 251 24.00 10.53 -0.78
N TYR B 252 24.57 9.48 -1.37
CA TYR B 252 25.51 9.62 -2.47
C TYR B 252 24.79 9.80 -3.81
N ALA B 253 25.56 9.71 -4.90
CA ALA B 253 25.04 9.80 -6.24
C ALA B 253 25.33 8.51 -6.98
N THR B 254 24.34 8.05 -7.74
CA THR B 254 24.46 6.83 -8.53
C THR B 254 25.02 7.17 -9.90
N ALA B 255 25.44 6.13 -10.63
CA ALA B 255 25.91 6.35 -11.99
C ALA B 255 24.83 7.00 -12.84
N MET B 256 23.58 6.60 -12.62
CA MET B 256 22.47 7.26 -13.30
C MET B 256 22.40 8.75 -12.94
N ASP B 257 22.65 9.09 -11.67
CA ASP B 257 22.71 10.49 -11.29
C ASP B 257 23.73 11.26 -12.13
N TRP B 258 24.93 10.69 -12.32
CA TRP B 258 25.93 11.40 -13.10
C TRP B 258 25.45 11.59 -14.53
N PHE B 259 24.92 10.53 -15.15
CA PHE B 259 24.42 10.70 -16.51
C PHE B 259 23.37 11.81 -16.59
N ILE B 260 22.43 11.81 -15.65
CA ILE B 260 21.36 12.81 -15.71
C ILE B 260 21.91 14.20 -15.48
N ALA B 261 22.88 14.34 -14.58
CA ALA B 261 23.45 15.66 -14.29
C ALA B 261 24.18 16.21 -15.50
N VAL B 262 24.91 15.35 -16.22
CA VAL B 262 25.59 15.82 -17.42
C VAL B 262 24.57 16.21 -18.49
N CYS B 263 23.50 15.42 -18.63
CA CYS B 263 22.44 15.81 -19.57
C CYS B 263 21.86 17.17 -19.20
N TYR B 264 21.65 17.41 -17.90
CA TYR B 264 21.16 18.73 -17.47
C TYR B 264 22.16 19.81 -17.82
N ALA B 265 23.46 19.52 -17.68
CA ALA B 265 24.46 20.49 -18.08
C ALA B 265 24.33 20.84 -19.55
N PHE B 266 24.20 19.84 -20.41
CA PHE B 266 24.07 20.11 -21.84
C PHE B 266 22.81 20.93 -22.14
N VAL B 267 21.70 20.61 -21.47
CA VAL B 267 20.44 21.28 -21.76
C VAL B 267 20.46 22.73 -21.27
N PHE B 268 20.89 22.94 -20.02
CA PHE B 268 21.01 24.29 -19.50
C PHE B 268 22.02 25.12 -20.27
N SER B 269 23.09 24.49 -20.77
CA SER B 269 24.04 25.20 -21.63
C SER B 269 23.40 25.57 -22.96
N ALA B 270 22.53 24.73 -23.49
CA ALA B 270 21.80 25.13 -24.69
C ALA B 270 20.92 26.35 -24.38
N LEU B 271 20.34 26.38 -23.18
CA LEU B 271 19.56 27.54 -22.77
C LEU B 271 20.44 28.80 -22.74
N ILE B 272 21.61 28.70 -22.09
CA ILE B 272 22.49 29.85 -22.00
C ILE B 272 22.95 30.30 -23.38
N GLU B 273 23.16 29.34 -24.29
CA GLU B 273 23.51 29.68 -25.66
C GLU B 273 22.37 30.44 -26.33
N PHE B 274 21.13 29.97 -26.20
CA PHE B 274 20.01 30.70 -26.79
C PHE B 274 19.93 32.12 -26.23
N ALA B 275 20.19 32.29 -24.93
CA ALA B 275 20.15 33.63 -24.35
C ALA B 275 21.27 34.50 -24.89
N THR B 276 22.47 33.92 -25.04
CA THR B 276 23.60 34.68 -25.58
C THR B 276 23.34 35.07 -27.03
N VAL B 277 22.96 34.10 -27.86
CA VAL B 277 22.65 34.38 -29.26
C VAL B 277 21.56 35.44 -29.37
N ASN B 278 20.48 35.29 -28.60
CA ASN B 278 19.44 36.31 -28.60
C ASN B 278 20.00 37.66 -28.17
N TYR B 279 20.98 37.65 -27.29
CA TYR B 279 21.56 38.91 -26.81
C TYR B 279 22.36 39.63 -27.89
N PHE B 280 22.98 38.91 -28.82
CA PHE B 280 23.82 39.49 -29.85
C PHE B 280 23.16 39.51 -31.22
N THR B 281 21.85 39.31 -31.28
CA THR B 281 21.20 39.12 -32.58
C THR B 281 21.06 40.45 -33.33
N LYS B 282 20.68 41.52 -32.63
CA LYS B 282 20.56 42.83 -33.26
C LYS B 282 21.94 43.41 -33.59
N SER B 283 22.74 43.66 -32.56
CA SER B 283 24.12 44.11 -32.74
C SER B 283 25.05 42.91 -32.92
N GLN B 284 25.80 42.91 -34.01
CA GLN B 284 26.74 41.82 -34.28
C GLN B 284 26.02 40.54 -34.68
N PRO B 285 25.22 40.57 -35.75
CA PRO B 285 24.60 39.33 -36.22
C PRO B 285 25.61 38.29 -36.66
N ALA B 286 26.82 38.72 -37.05
CA ALA B 286 27.86 37.77 -37.39
C ALA B 286 28.28 36.95 -36.18
N ARG B 287 28.39 37.59 -35.01
CA ARG B 287 28.79 36.87 -33.81
C ARG B 287 27.77 35.79 -33.45
N ALA B 288 26.50 36.20 -33.32
CA ALA B 288 25.43 35.25 -33.06
C ALA B 288 25.44 34.10 -34.07
N ALA B 289 25.50 34.45 -35.35
CA ALA B 289 25.52 33.41 -36.38
C ALA B 289 26.66 32.43 -36.16
N LYS B 290 27.85 32.96 -35.81
CA LYS B 290 28.99 32.09 -35.56
C LYS B 290 28.74 31.19 -34.36
N ILE B 291 28.09 31.72 -33.32
CA ILE B 291 27.77 30.90 -32.15
C ILE B 291 26.89 29.73 -32.54
N ASP B 292 25.81 29.98 -33.28
CA ASP B 292 24.98 28.85 -33.71
C ASP B 292 25.78 27.89 -34.58
N ARG B 293 26.60 28.43 -35.48
CA ARG B 293 27.37 27.59 -36.40
C ARG B 293 28.26 26.62 -35.63
N LEU B 294 29.00 27.13 -34.63
CA LEU B 294 29.90 26.27 -33.87
C LEU B 294 29.11 25.32 -32.98
N SER B 295 28.11 25.85 -32.26
CA SER B 295 27.32 25.02 -31.37
C SER B 295 26.74 23.80 -32.08
N ARG B 296 26.19 23.98 -33.29
CA ARG B 296 25.58 22.86 -33.98
C ARG B 296 26.54 21.70 -34.18
N ILE B 297 27.85 21.95 -34.15
CA ILE B 297 28.84 20.89 -34.26
C ILE B 297 29.38 20.48 -32.89
N ALA B 298 29.65 21.45 -32.01
CA ALA B 298 30.28 21.13 -30.73
C ALA B 298 29.34 20.34 -29.83
N PHE B 299 28.11 20.84 -29.62
CA PHE B 299 27.25 20.21 -28.63
C PHE B 299 27.08 18.72 -28.92
N PRO B 300 26.54 18.34 -30.08
CA PRO B 300 26.34 16.92 -30.35
C PRO B 300 27.64 16.13 -30.37
N LEU B 301 28.77 16.80 -30.64
CA LEU B 301 30.07 16.12 -30.60
C LEU B 301 30.51 15.85 -29.17
N LEU B 302 30.51 16.87 -28.31
CA LEU B 302 30.85 16.65 -26.91
C LEU B 302 29.92 15.64 -26.27
N PHE B 303 28.65 15.66 -26.66
CA PHE B 303 27.68 14.70 -26.12
C PHE B 303 28.00 13.30 -26.61
N GLY B 304 28.33 13.15 -27.89
CA GLY B 304 28.72 11.84 -28.39
C GLY B 304 29.95 11.29 -27.66
N ILE B 305 30.97 12.14 -27.50
CA ILE B 305 32.16 11.71 -26.75
C ILE B 305 31.78 11.31 -25.33
N PHE B 306 30.95 12.12 -24.67
CA PHE B 306 30.53 11.79 -23.32
C PHE B 306 29.88 10.41 -23.26
N ASN B 307 28.88 10.17 -24.10
CA ASN B 307 28.24 8.86 -24.13
C ASN B 307 29.27 7.77 -24.37
N LEU B 308 30.27 8.04 -25.20
CA LEU B 308 31.30 7.05 -25.47
C LEU B 308 32.05 6.70 -24.19
N VAL B 309 32.51 7.71 -23.46
CA VAL B 309 33.23 7.45 -22.21
C VAL B 309 32.34 6.75 -21.19
N TYR B 310 31.09 7.21 -21.06
CA TYR B 310 30.19 6.70 -20.03
C TYR B 310 29.83 5.25 -20.29
N TRP B 311 29.27 4.95 -21.46
CA TRP B 311 28.86 3.57 -21.74
C TRP B 311 30.07 2.64 -21.84
N ALA B 312 31.21 3.16 -22.30
CA ALA B 312 32.42 2.34 -22.24
C ALA B 312 32.77 2.00 -20.80
N THR B 313 32.58 2.95 -19.88
CA THR B 313 32.97 2.72 -18.49
C THR B 313 32.03 1.75 -17.79
N TYR B 314 30.73 2.00 -17.84
CA TYR B 314 29.79 1.23 -17.03
C TYR B 314 29.30 -0.04 -17.70
N LEU B 315 29.87 -0.43 -18.84
CA LEU B 315 29.56 -1.72 -19.43
C LEU B 315 30.81 -2.59 -19.51
N MET C 3 0.97 -40.89 14.21
CA MET C 3 1.15 -42.24 13.70
C MET C 3 2.36 -42.28 12.78
N VAL C 4 2.47 -43.32 11.95
CA VAL C 4 3.56 -43.45 10.99
C VAL C 4 2.99 -43.80 9.63
N SER C 5 3.83 -43.68 8.61
CA SER C 5 3.40 -43.89 7.24
C SER C 5 3.10 -45.36 6.96
N PRO C 6 2.19 -45.64 6.03
CA PRO C 6 1.80 -47.03 5.75
C PRO C 6 2.94 -47.84 5.17
N PRO C 7 3.25 -48.99 5.77
CA PRO C 7 4.34 -49.81 5.24
C PRO C 7 3.94 -50.41 3.91
N PRO C 8 4.90 -50.69 3.04
CA PRO C 8 4.58 -51.16 1.69
C PRO C 8 4.15 -52.62 1.69
N PRO C 9 3.16 -52.97 0.87
CA PRO C 9 2.83 -54.40 0.72
C PRO C 9 3.93 -55.15 -0.01
N ILE C 10 4.44 -54.58 -1.10
CA ILE C 10 5.57 -55.17 -1.81
C ILE C 10 6.89 -54.94 -1.10
N ALA C 11 6.87 -54.32 0.09
CA ALA C 11 8.08 -54.04 0.85
C ALA C 11 8.98 -53.03 0.14
N ASP C 12 8.81 -52.88 -1.18
CA ASP C 12 9.65 -51.97 -1.96
C ASP C 12 8.79 -51.13 -2.91
N GLU C 13 7.50 -50.94 -2.60
CA GLU C 13 6.62 -50.20 -3.51
C GLU C 13 6.35 -48.81 -2.99
N PRO C 14 6.43 -47.79 -3.84
CA PRO C 14 6.10 -46.43 -3.39
C PRO C 14 4.60 -46.25 -3.22
N LEU C 15 4.25 -45.49 -2.19
CA LEU C 15 2.86 -45.08 -1.99
C LEU C 15 2.58 -43.88 -2.88
N THR C 16 1.61 -44.00 -3.78
CA THR C 16 1.19 -42.86 -4.60
C THR C 16 -0.01 -42.20 -3.96
N VAL C 17 -0.01 -40.86 -4.01
CA VAL C 17 -1.09 -40.06 -3.47
C VAL C 17 -1.79 -39.40 -4.65
N ASN C 18 -3.06 -39.74 -4.85
CA ASN C 18 -3.85 -39.17 -5.94
C ASN C 18 -4.38 -37.80 -5.54
N THR C 19 -4.00 -36.78 -6.33
CA THR C 19 -4.23 -35.39 -6.01
C THR C 19 -5.26 -34.78 -6.96
N GLY C 20 -5.95 -33.76 -6.47
CA GLY C 20 -6.84 -32.97 -7.32
C GLY C 20 -7.05 -31.59 -6.75
N ILE C 21 -7.19 -30.62 -7.63
CA ILE C 21 -7.46 -29.23 -7.24
C ILE C 21 -8.73 -28.77 -7.95
N TYR C 22 -9.64 -28.14 -7.19
CA TYR C 22 -10.87 -27.59 -7.77
C TYR C 22 -10.93 -26.11 -7.43
N LEU C 23 -10.76 -25.26 -8.45
CA LEU C 23 -10.70 -23.82 -8.24
C LEU C 23 -12.06 -23.26 -7.85
N ILE C 24 -12.11 -22.58 -6.71
CA ILE C 24 -13.32 -21.93 -6.23
C ILE C 24 -13.29 -20.43 -6.50
N GLU C 25 -12.14 -19.80 -6.28
CA GLU C 25 -11.95 -18.36 -6.40
C GLU C 25 -10.58 -18.11 -6.98
N CYS C 26 -10.48 -17.22 -7.97
CA CYS C 26 -9.20 -16.90 -8.58
C CYS C 26 -9.15 -15.39 -8.75
N TYR C 27 -8.20 -14.72 -8.11
CA TYR C 27 -8.23 -13.27 -8.08
C TYR C 27 -6.83 -12.69 -7.88
N SER C 28 -6.75 -11.37 -8.07
CA SER C 28 -5.56 -10.57 -7.77
C SER C 28 -4.34 -11.04 -8.57
N LEU C 29 -4.51 -11.18 -9.88
CA LEU C 29 -3.39 -11.44 -10.76
C LEU C 29 -2.64 -10.12 -10.98
N ASP C 30 -1.47 -10.01 -10.37
CA ASP C 30 -0.67 -8.79 -10.37
C ASP C 30 0.47 -8.94 -11.38
N ASP C 31 0.38 -8.20 -12.49
CA ASP C 31 1.42 -8.28 -13.53
C ASP C 31 2.78 -7.83 -13.00
N LYS C 32 2.79 -6.80 -12.14
CA LYS C 32 4.04 -6.26 -11.63
C LYS C 32 4.69 -7.20 -10.62
N ALA C 33 3.88 -7.79 -9.74
CA ALA C 33 4.38 -8.73 -8.74
C ALA C 33 4.52 -10.15 -9.26
N GLU C 34 3.97 -10.43 -10.44
CA GLU C 34 3.98 -11.77 -11.00
C GLU C 34 3.45 -12.79 -10.00
N THR C 35 2.32 -12.43 -9.36
CA THR C 35 1.64 -13.30 -8.41
C THR C 35 0.15 -13.31 -8.70
N PHE C 36 -0.50 -14.36 -8.19
CA PHE C 36 -1.96 -14.41 -8.17
C PHE C 36 -2.40 -15.16 -6.93
N LYS C 37 -3.65 -14.95 -6.54
CA LYS C 37 -4.21 -15.57 -5.36
C LYS C 37 -5.24 -16.61 -5.78
N VAL C 38 -5.26 -17.74 -5.08
CA VAL C 38 -6.10 -18.86 -5.44
C VAL C 38 -6.79 -19.41 -4.19
N ASN C 39 -8.04 -19.82 -4.34
CA ASN C 39 -8.80 -20.44 -3.26
C ASN C 39 -9.51 -21.66 -3.84
N ALA C 40 -9.18 -22.86 -3.34
CA ALA C 40 -9.57 -24.08 -4.02
C ALA C 40 -9.70 -25.26 -3.06
N PHE C 41 -10.24 -26.35 -3.59
CA PHE C 41 -10.18 -27.65 -2.93
C PHE C 41 -8.88 -28.34 -3.29
N LEU C 42 -8.22 -28.91 -2.30
CA LEU C 42 -7.14 -29.88 -2.48
C LEU C 42 -7.65 -31.23 -1.95
N SER C 43 -7.64 -32.23 -2.82
CA SER C 43 -8.11 -33.56 -2.51
C SER C 43 -6.94 -34.52 -2.64
N LEU C 44 -6.74 -35.36 -1.63
CA LEU C 44 -5.71 -36.38 -1.63
C LEU C 44 -6.33 -37.74 -1.36
N SER C 45 -5.75 -38.78 -1.94
CA SER C 45 -6.34 -40.11 -1.80
C SER C 45 -5.23 -41.14 -1.86
N TRP C 46 -5.14 -42.02 -0.85
CA TRP C 46 -4.08 -43.03 -0.82
C TRP C 46 -4.54 -44.26 -0.06
N LYS C 47 -3.71 -45.29 -0.02
CA LYS C 47 -4.05 -46.58 0.60
C LYS C 47 -3.26 -46.80 1.88
N ASP C 48 -3.99 -47.00 2.99
CA ASP C 48 -3.44 -47.38 4.29
C ASP C 48 -4.20 -48.61 4.81
N ARG C 49 -3.60 -49.80 4.66
CA ARG C 49 -4.28 -51.01 5.09
C ARG C 49 -4.44 -51.07 6.61
N ARG C 50 -3.52 -50.49 7.37
CA ARG C 50 -3.67 -50.45 8.83
C ARG C 50 -5.04 -49.93 9.22
N LEU C 51 -5.66 -49.12 8.38
CA LEU C 51 -6.97 -48.54 8.67
C LEU C 51 -8.11 -49.31 8.01
N ALA C 52 -7.81 -50.35 7.24
CA ALA C 52 -8.86 -51.20 6.71
C ALA C 52 -9.65 -51.82 7.87
N PHE C 53 -10.86 -52.28 7.54
CA PHE C 53 -11.74 -52.79 8.58
C PHE C 53 -12.81 -53.64 7.91
N ASP C 54 -13.44 -54.50 8.71
CA ASP C 54 -14.53 -55.31 8.20
C ASP C 54 -15.78 -54.43 8.07
N PRO C 55 -16.33 -54.27 6.86
CA PRO C 55 -17.51 -53.42 6.69
C PRO C 55 -18.78 -53.96 7.33
N VAL C 56 -18.79 -55.22 7.76
CA VAL C 56 -19.98 -55.85 8.33
C VAL C 56 -19.94 -55.84 9.85
N ARG C 57 -18.82 -56.26 10.45
CA ARG C 57 -18.66 -56.15 11.89
C ARG C 57 -18.82 -54.69 12.34
N SER C 58 -18.14 -53.78 11.66
CA SER C 58 -18.36 -52.34 11.85
C SER C 58 -19.57 -51.91 11.03
N GLY C 59 -20.60 -51.42 11.71
CA GLY C 59 -21.86 -51.10 11.05
C GLY C 59 -21.85 -49.86 10.15
N VAL C 60 -20.68 -49.29 9.91
CA VAL C 60 -20.53 -48.08 9.12
C VAL C 60 -19.94 -48.43 7.76
N ARG C 61 -20.37 -47.71 6.73
CA ARG C 61 -19.89 -47.94 5.36
C ARG C 61 -18.58 -47.21 5.06
N VAL C 62 -18.21 -46.20 5.87
CA VAL C 62 -17.05 -45.39 5.57
C VAL C 62 -16.18 -45.16 6.79
N LYS C 63 -16.74 -44.53 7.83
CA LYS C 63 -15.95 -44.14 9.00
C LYS C 63 -15.03 -42.96 8.68
N THR C 64 -14.96 -41.98 9.58
CA THR C 64 -14.20 -40.75 9.35
C THR C 64 -13.32 -40.45 10.55
N TYR C 65 -12.11 -39.98 10.28
CA TYR C 65 -11.12 -39.71 11.31
C TYR C 65 -10.81 -38.22 11.36
N GLU C 66 -10.25 -37.79 12.50
CA GLU C 66 -9.63 -36.48 12.66
C GLU C 66 -8.18 -36.53 12.17
N PRO C 67 -7.66 -35.43 11.65
CA PRO C 67 -6.30 -35.46 11.09
C PRO C 67 -5.26 -35.94 12.09
N GLU C 68 -5.47 -35.67 13.37
CA GLU C 68 -4.54 -36.14 14.40
C GLU C 68 -4.55 -37.65 14.54
N ALA C 69 -5.63 -38.31 14.11
CA ALA C 69 -5.78 -39.74 14.36
C ALA C 69 -4.88 -40.59 13.46
N ILE C 70 -4.74 -40.22 12.19
CA ILE C 70 -4.08 -41.07 11.22
C ILE C 70 -2.91 -40.31 10.59
N TRP C 71 -2.01 -41.08 9.97
CA TRP C 71 -0.93 -40.51 9.18
C TRP C 71 -1.50 -39.84 7.94
N ILE C 72 -1.03 -38.62 7.67
CA ILE C 72 -1.42 -37.86 6.50
C ILE C 72 -0.16 -37.39 5.79
N PRO C 73 -0.07 -37.52 4.46
CA PRO C 73 1.15 -37.10 3.77
C PRO C 73 1.34 -35.58 3.81
N GLU C 74 2.58 -35.16 4.03
CA GLU C 74 2.95 -33.75 4.02
C GLU C 74 3.07 -33.26 2.58
N ILE C 75 2.05 -32.56 2.09
CA ILE C 75 2.01 -32.00 0.75
C ILE C 75 2.22 -30.49 0.82
N ARG C 76 3.21 -30.00 0.07
CA ARG C 76 3.55 -28.59 0.04
C ARG C 76 3.39 -28.05 -1.36
N PHE C 77 3.07 -26.76 -1.47
CA PHE C 77 3.18 -26.06 -2.74
C PHE C 77 4.59 -25.52 -2.88
N VAL C 78 5.10 -25.56 -4.11
CA VAL C 78 6.45 -25.05 -4.37
C VAL C 78 6.42 -23.55 -4.57
N ASN C 79 5.76 -23.10 -5.64
CA ASN C 79 5.84 -21.72 -6.10
C ASN C 79 4.85 -20.83 -5.36
N VAL C 80 5.03 -20.76 -4.04
CA VAL C 80 4.13 -20.02 -3.18
C VAL C 80 4.95 -19.21 -2.19
N GLU C 81 4.36 -18.12 -1.70
CA GLU C 81 5.10 -17.17 -0.87
C GLU C 81 5.15 -17.63 0.58
N ASN C 82 4.00 -17.89 1.16
CA ASN C 82 3.87 -18.54 2.46
C ASN C 82 3.23 -19.90 2.28
N ALA C 83 3.38 -20.75 3.29
CA ALA C 83 2.57 -21.96 3.33
C ALA C 83 1.10 -21.57 3.22
N ARG C 84 0.35 -22.35 2.47
CA ARG C 84 -1.07 -22.09 2.28
C ARG C 84 -1.81 -22.08 3.62
N ASP C 85 -3.01 -21.53 3.60
CA ASP C 85 -3.94 -21.65 4.71
C ASP C 85 -5.00 -22.67 4.32
N ALA C 86 -5.09 -23.77 5.09
CA ALA C 86 -5.97 -24.88 4.76
C ALA C 86 -6.88 -25.19 5.94
N ASP C 87 -8.14 -25.49 5.62
CA ASP C 87 -9.11 -26.00 6.57
C ASP C 87 -9.49 -27.40 6.11
N VAL C 88 -9.17 -28.42 6.92
CA VAL C 88 -9.57 -29.77 6.54
C VAL C 88 -11.08 -29.83 6.53
N VAL C 89 -11.65 -30.33 5.44
CA VAL C 89 -13.09 -30.43 5.27
C VAL C 89 -13.61 -31.81 5.62
N ASP C 90 -12.95 -32.85 5.14
CA ASP C 90 -13.48 -34.20 5.33
C ASP C 90 -12.35 -35.20 5.15
N ILE C 91 -12.45 -36.30 5.90
CA ILE C 91 -11.53 -37.44 5.79
C ILE C 91 -12.39 -38.70 5.85
N SER C 92 -12.37 -39.49 4.78
CA SER C 92 -13.22 -40.67 4.67
C SER C 92 -12.36 -41.89 4.33
N VAL C 93 -12.36 -42.89 5.18
CA VAL C 93 -11.62 -44.11 4.90
C VAL C 93 -12.58 -45.13 4.30
N SER C 94 -12.06 -45.95 3.41
CA SER C 94 -12.87 -47.00 2.82
C SER C 94 -12.55 -48.34 3.46
N PRO C 95 -13.43 -49.33 3.30
CA PRO C 95 -13.16 -50.65 3.89
C PRO C 95 -11.80 -51.22 3.53
N ASP C 96 -11.33 -51.00 2.31
CA ASP C 96 -10.03 -51.53 1.87
C ASP C 96 -8.85 -50.72 2.38
N GLY C 97 -9.09 -49.58 3.02
CA GLY C 97 -8.03 -48.71 3.48
C GLY C 97 -7.78 -47.49 2.62
N THR C 98 -8.67 -47.17 1.69
CA THR C 98 -8.50 -46.04 0.81
C THR C 98 -8.98 -44.79 1.53
N VAL C 99 -8.05 -43.88 1.81
CA VAL C 99 -8.34 -42.60 2.43
C VAL C 99 -8.64 -41.58 1.34
N GLN C 100 -9.76 -40.89 1.50
CA GLN C 100 -10.15 -39.75 0.68
C GLN C 100 -10.18 -38.52 1.59
N TYR C 101 -9.20 -37.64 1.39
CA TYR C 101 -8.97 -36.43 2.16
C TYR C 101 -9.35 -35.22 1.33
N LEU C 102 -10.01 -34.25 1.96
CA LEU C 102 -10.45 -33.05 1.28
C LEU C 102 -10.26 -31.86 2.20
N GLU C 103 -9.49 -30.88 1.73
CA GLU C 103 -9.26 -29.61 2.41
C GLU C 103 -9.59 -28.47 1.47
N ARG C 104 -9.92 -27.33 2.05
CA ARG C 104 -10.05 -26.09 1.29
C ARG C 104 -8.94 -25.14 1.72
N PHE C 105 -8.23 -24.60 0.74
CA PHE C 105 -7.07 -23.76 1.00
C PHE C 105 -7.15 -22.46 0.21
N SER C 106 -6.47 -21.45 0.74
CA SER C 106 -6.16 -20.26 -0.03
C SER C 106 -4.65 -20.10 -0.03
N ALA C 107 -4.11 -19.55 -1.12
CA ALA C 107 -2.67 -19.37 -1.22
C ALA C 107 -2.35 -18.24 -2.19
N ARG C 108 -1.19 -17.63 -1.97
CA ARG C 108 -0.65 -16.63 -2.88
C ARG C 108 0.44 -17.31 -3.71
N VAL C 109 0.09 -17.63 -4.95
CA VAL C 109 0.98 -18.31 -5.89
C VAL C 109 1.87 -17.30 -6.61
N LEU C 110 3.11 -17.70 -6.80
CA LEU C 110 4.14 -16.91 -7.46
C LEU C 110 4.48 -17.58 -8.79
N SER C 111 4.13 -16.95 -9.91
CA SER C 111 4.34 -17.56 -11.21
C SER C 111 4.79 -16.52 -12.24
N PRO C 112 5.90 -16.76 -12.93
CA PRO C 112 6.44 -15.74 -13.84
C PRO C 112 5.62 -15.60 -15.11
N LEU C 113 5.56 -14.37 -15.61
CA LEU C 113 4.82 -14.05 -16.82
C LEU C 113 5.77 -13.70 -17.95
N ASP C 114 5.35 -14.02 -19.18
CA ASP C 114 6.12 -13.71 -20.38
C ASP C 114 5.46 -12.53 -21.08
N PHE C 115 6.02 -11.34 -20.92
CA PHE C 115 5.41 -10.11 -21.38
C PHE C 115 5.79 -9.74 -22.82
N ARG C 116 6.55 -10.58 -23.52
CA ARG C 116 7.03 -10.23 -24.85
C ARG C 116 5.88 -9.86 -25.79
N ARG C 117 4.80 -10.63 -25.74
CA ARG C 117 3.63 -10.40 -26.58
C ARG C 117 2.60 -9.48 -25.93
N TYR C 118 2.92 -8.93 -24.76
CA TYR C 118 1.97 -8.10 -24.02
C TYR C 118 1.64 -6.85 -24.84
N PRO C 119 0.38 -6.38 -24.81
CA PRO C 119 -0.76 -6.89 -24.05
C PRO C 119 -1.59 -7.93 -24.81
N PHE C 120 -1.00 -8.54 -25.83
CA PHE C 120 -1.65 -9.62 -26.58
C PHE C 120 -1.17 -10.98 -26.12
N ASP C 121 -0.91 -11.13 -24.83
CA ASP C 121 -0.21 -12.30 -24.29
C ASP C 121 -1.17 -13.35 -23.78
N SER C 122 -0.73 -14.60 -23.88
CA SER C 122 -1.29 -15.72 -23.13
C SER C 122 -0.25 -16.18 -22.12
N GLN C 123 -0.71 -16.73 -20.99
CA GLN C 123 0.15 -17.20 -19.93
C GLN C 123 -0.28 -18.59 -19.46
N THR C 124 0.67 -19.31 -18.88
CA THR C 124 0.40 -20.50 -18.09
C THR C 124 0.79 -20.20 -16.64
N LEU C 125 -0.22 -19.97 -15.80
CA LEU C 125 0.05 -19.92 -14.36
C LEU C 125 0.26 -21.35 -13.85
N HIS C 126 1.31 -21.54 -13.05
CA HIS C 126 1.64 -22.86 -12.54
C HIS C 126 1.39 -22.92 -11.04
N ILE C 127 0.93 -24.08 -10.59
CA ILE C 127 0.82 -24.42 -9.19
C ILE C 127 1.53 -25.76 -9.05
N TYR C 128 2.67 -25.76 -8.36
CA TYR C 128 3.47 -26.98 -8.21
C TYR C 128 3.17 -27.63 -6.86
N LEU C 129 2.66 -28.86 -6.91
CA LEU C 129 2.52 -29.68 -5.72
C LEU C 129 3.78 -30.50 -5.53
N ILE C 130 4.15 -30.77 -4.30
CA ILE C 130 5.37 -31.53 -4.05
C ILE C 130 5.23 -32.30 -2.76
N VAL C 131 5.86 -33.46 -2.73
CA VAL C 131 5.94 -34.30 -1.54
C VAL C 131 7.35 -34.85 -1.43
N ARG C 132 7.87 -34.88 -0.22
CA ARG C 132 9.21 -35.38 0.07
C ARG C 132 9.09 -36.79 0.64
N SER C 133 9.91 -37.70 0.12
CA SER C 133 9.85 -39.07 0.60
C SER C 133 10.42 -39.16 2.01
N VAL C 134 9.82 -40.04 2.81
CA VAL C 134 10.29 -40.27 4.18
C VAL C 134 11.33 -41.37 4.16
N ASP C 135 11.96 -41.60 5.32
CA ASP C 135 13.02 -42.59 5.36
C ASP C 135 12.45 -44.00 5.31
N THR C 136 11.23 -44.18 5.81
CA THR C 136 10.57 -45.49 5.80
C THR C 136 10.02 -45.85 4.43
N ARG C 137 9.58 -44.89 3.63
CA ARG C 137 8.94 -45.20 2.36
C ARG C 137 9.07 -44.04 1.40
N ASN C 138 9.18 -44.37 0.11
CA ASN C 138 9.09 -43.38 -0.97
C ASN C 138 7.64 -43.05 -1.26
N ILE C 139 7.37 -41.77 -1.51
CA ILE C 139 6.02 -41.28 -1.81
C ILE C 139 6.04 -40.59 -3.16
N VAL C 140 5.02 -40.88 -3.97
CA VAL C 140 4.96 -40.39 -5.35
C VAL C 140 3.56 -39.82 -5.59
N LEU C 141 3.51 -38.69 -6.29
CA LEU C 141 2.25 -38.01 -6.56
C LEU C 141 1.65 -38.45 -7.89
N ALA C 142 0.31 -38.39 -7.96
CA ALA C 142 -0.42 -38.71 -9.18
C ALA C 142 -1.67 -37.84 -9.24
N VAL C 143 -2.38 -37.91 -10.37
CA VAL C 143 -3.49 -36.99 -10.64
C VAL C 143 -4.77 -37.78 -10.83
N ASP C 144 -5.76 -37.51 -9.97
CA ASP C 144 -7.10 -38.06 -10.10
C ASP C 144 -7.92 -37.08 -10.93
N LEU C 145 -8.10 -37.40 -12.21
CA LEU C 145 -8.77 -36.49 -13.12
C LEU C 145 -10.19 -36.20 -12.67
N GLU C 146 -10.86 -37.17 -12.06
CA GLU C 146 -12.19 -36.93 -11.53
C GLU C 146 -12.19 -35.74 -10.57
N LYS C 147 -11.04 -35.46 -9.96
CA LYS C 147 -10.95 -34.49 -8.88
C LYS C 147 -10.31 -33.17 -9.30
N VAL C 148 -10.17 -32.93 -10.61
CA VAL C 148 -9.59 -31.69 -11.11
C VAL C 148 -10.66 -30.93 -11.88
N GLY C 149 -10.67 -29.61 -11.71
CA GLY C 149 -11.64 -28.77 -12.39
C GLY C 149 -11.66 -27.39 -11.77
N LYS C 150 -12.65 -26.61 -12.17
CA LYS C 150 -12.81 -25.27 -11.63
C LYS C 150 -14.26 -24.86 -11.75
N ASN C 151 -14.76 -24.12 -10.76
CA ASN C 151 -16.12 -23.59 -10.84
C ASN C 151 -16.27 -22.66 -12.04
N ASP C 152 -17.50 -22.64 -12.58
CA ASP C 152 -17.77 -21.85 -13.78
C ASP C 152 -17.71 -20.35 -13.52
N ASP C 153 -18.10 -19.88 -12.33
CA ASP C 153 -18.06 -18.46 -12.02
C ASP C 153 -16.69 -18.00 -11.51
N VAL C 154 -15.61 -18.64 -11.97
CA VAL C 154 -14.26 -18.19 -11.68
C VAL C 154 -13.85 -17.15 -12.71
N PHE C 155 -13.33 -16.02 -12.25
CA PHE C 155 -13.02 -14.90 -13.13
C PHE C 155 -11.69 -14.27 -12.72
N LEU C 156 -10.90 -13.89 -13.72
CA LEU C 156 -9.82 -12.93 -13.54
C LEU C 156 -10.25 -11.67 -14.27
N THR C 157 -10.59 -10.64 -13.50
CA THR C 157 -11.24 -9.44 -14.01
C THR C 157 -10.50 -8.75 -15.16
N GLY C 158 -9.59 -9.44 -15.83
CA GLY C 158 -8.93 -8.83 -16.96
C GLY C 158 -8.46 -9.83 -17.99
N TRP C 159 -8.92 -11.07 -17.85
CA TRP C 159 -8.37 -12.18 -18.60
C TRP C 159 -9.51 -13.09 -19.04
N ASP C 160 -9.25 -13.86 -20.09
CA ASP C 160 -10.05 -15.01 -20.43
C ASP C 160 -9.35 -16.26 -19.90
N ILE C 161 -10.07 -17.09 -19.16
CA ILE C 161 -9.51 -18.32 -18.63
C ILE C 161 -9.80 -19.45 -19.62
N GLU C 162 -8.73 -20.06 -20.14
CA GLU C 162 -8.84 -21.11 -21.15
C GLU C 162 -9.12 -22.47 -20.52
N SER C 163 -8.26 -22.90 -19.61
CA SER C 163 -8.33 -24.26 -19.10
C SER C 163 -7.55 -24.35 -17.79
N PHE C 164 -7.92 -25.34 -16.99
CA PHE C 164 -7.17 -25.71 -15.79
C PHE C 164 -6.97 -27.21 -15.87
N THR C 165 -5.73 -27.63 -16.10
CA THR C 165 -5.39 -29.03 -16.29
C THR C 165 -4.15 -29.37 -15.48
N ALA C 166 -3.83 -30.65 -15.42
CA ALA C 166 -2.64 -31.11 -14.71
C ALA C 166 -1.80 -32.00 -15.61
N VAL C 167 -0.49 -31.89 -15.46
CA VAL C 167 0.42 -32.81 -16.11
C VAL C 167 0.42 -34.09 -15.27
N VAL C 168 -0.03 -35.20 -15.86
CA VAL C 168 -0.29 -36.39 -15.06
C VAL C 168 1.01 -37.00 -14.57
N LYS C 169 2.02 -37.07 -15.43
CA LYS C 169 3.30 -37.64 -15.04
C LYS C 169 4.05 -36.64 -14.17
N PRO C 170 4.39 -36.98 -12.93
CA PRO C 170 5.11 -36.03 -12.08
C PRO C 170 6.61 -36.07 -12.35
N ALA C 171 7.28 -35.05 -11.84
CA ALA C 171 8.72 -34.93 -11.88
C ALA C 171 9.30 -35.43 -10.57
N ASN C 172 10.04 -36.53 -10.63
CA ASN C 172 10.74 -37.07 -9.48
C ASN C 172 12.21 -36.71 -9.57
N PHE C 173 12.80 -36.34 -8.43
CA PHE C 173 14.19 -35.94 -8.43
C PHE C 173 14.75 -36.08 -7.02
N ALA C 174 16.07 -36.02 -6.91
CA ALA C 174 16.71 -36.07 -5.61
C ALA C 174 16.95 -34.65 -5.10
N LEU C 175 16.63 -34.42 -3.84
CA LEU C 175 16.85 -33.14 -3.18
C LEU C 175 17.33 -33.43 -1.77
N GLU C 176 18.53 -32.96 -1.46
CA GLU C 176 19.16 -33.18 -0.17
C GLU C 176 19.00 -34.63 0.29
N ASP C 177 19.35 -35.54 -0.63
CA ASP C 177 19.40 -36.98 -0.36
C ASP C 177 18.05 -37.64 -0.18
N ARG C 178 16.97 -37.04 -0.66
CA ARG C 178 15.68 -37.72 -0.62
C ARG C 178 14.95 -37.51 -1.93
N LEU C 179 14.06 -38.43 -2.24
CA LEU C 179 13.25 -38.32 -3.44
C LEU C 179 12.09 -37.36 -3.22
N GLU C 180 11.93 -36.40 -4.12
CA GLU C 180 10.80 -35.50 -4.17
C GLU C 180 9.99 -35.77 -5.43
N SER C 181 8.67 -35.59 -5.31
CA SER C 181 7.75 -35.83 -6.42
C SER C 181 6.89 -34.58 -6.58
N LYS C 182 6.87 -34.03 -7.79
CA LYS C 182 6.32 -32.70 -8.07
C LYS C 182 5.31 -32.76 -9.22
N LEU C 183 4.12 -32.21 -8.99
CA LEU C 183 3.08 -32.09 -9.99
C LEU C 183 2.94 -30.65 -10.43
N ASP C 184 2.55 -30.48 -11.70
CA ASP C 184 2.40 -29.18 -12.34
C ASP C 184 0.94 -29.01 -12.73
N TYR C 185 0.18 -28.26 -11.94
CA TYR C 185 -1.16 -27.84 -12.32
C TYR C 185 -1.06 -26.53 -13.09
N GLN C 186 -1.77 -26.43 -14.21
CA GLN C 186 -1.56 -25.34 -15.15
C GLN C 186 -2.88 -24.66 -15.46
N LEU C 187 -2.97 -23.37 -15.12
CA LEU C 187 -4.11 -22.52 -15.47
C LEU C 187 -3.70 -21.65 -16.65
N ARG C 188 -4.21 -21.97 -17.84
CA ARG C 188 -3.91 -21.21 -19.05
C ARG C 188 -4.89 -20.06 -19.21
N ILE C 189 -4.36 -18.86 -19.45
CA ILE C 189 -5.18 -17.66 -19.56
C ILE C 189 -4.63 -16.81 -20.70
N SER C 190 -5.49 -15.93 -21.22
CA SER C 190 -5.04 -14.99 -22.23
C SER C 190 -5.61 -13.62 -21.90
N ARG C 191 -4.78 -12.60 -22.05
CA ARG C 191 -5.14 -11.26 -21.62
C ARG C 191 -6.18 -10.64 -22.54
N GLN C 192 -7.05 -9.83 -21.94
CA GLN C 192 -8.03 -9.03 -22.67
C GLN C 192 -7.40 -7.67 -22.96
N TYR C 193 -6.97 -7.47 -24.21
CA TYR C 193 -6.18 -6.28 -24.55
C TYR C 193 -7.04 -5.04 -24.72
N GLY C 194 -8.35 -5.18 -24.89
CA GLY C 194 -9.17 -4.03 -25.26
C GLY C 194 -8.95 -2.83 -24.35
N TYR C 195 -8.87 -3.07 -23.05
CA TYR C 195 -8.62 -1.98 -22.11
C TYR C 195 -7.44 -1.11 -22.57
N PHE C 196 -6.33 -1.75 -22.89
CA PHE C 196 -5.12 -1.03 -23.27
C PHE C 196 -5.30 -0.24 -24.57
N VAL C 197 -6.17 -0.73 -25.48
CA VAL C 197 -6.44 0.03 -26.69
C VAL C 197 -6.86 1.45 -26.35
N ILE C 198 -7.70 1.62 -25.33
CA ILE C 198 -8.16 2.96 -25.00
C ILE C 198 -7.35 3.59 -23.88
N GLN C 199 -6.35 2.89 -23.36
CA GLN C 199 -5.50 3.47 -22.33
C GLN C 199 -4.20 4.01 -22.91
N THR C 200 -3.70 3.38 -23.96
CA THR C 200 -2.38 3.70 -24.49
C THR C 200 -2.38 3.81 -26.03
N TYR C 201 -3.00 2.85 -26.71
CA TYR C 201 -2.93 2.82 -28.17
C TYR C 201 -3.63 4.02 -28.78
N LEU C 202 -4.80 4.41 -28.23
CA LEU C 202 -5.49 5.59 -28.77
C LEU C 202 -4.72 6.87 -28.48
N PRO C 203 -4.29 7.17 -27.26
CA PRO C 203 -3.44 8.36 -27.05
C PRO C 203 -2.23 8.39 -27.97
N CYS C 204 -1.63 7.24 -28.26
CA CYS C 204 -0.48 7.22 -29.15
C CYS C 204 -0.89 7.57 -30.58
N ILE C 205 -1.93 6.92 -31.09
CA ILE C 205 -2.36 7.16 -32.46
C ILE C 205 -2.78 8.62 -32.64
N MET C 206 -3.58 9.12 -31.71
CA MET C 206 -4.01 10.51 -31.79
C MET C 206 -2.84 11.48 -31.65
N THR C 207 -1.87 11.15 -30.81
CA THR C 207 -0.70 12.01 -30.68
C THR C 207 0.11 12.06 -31.98
N VAL C 208 0.18 10.93 -32.69
CA VAL C 208 0.85 10.92 -33.99
C VAL C 208 0.07 11.77 -34.99
N ILE C 209 -1.25 11.60 -35.03
CA ILE C 209 -2.10 12.39 -35.92
C ILE C 209 -1.91 13.88 -35.65
N LEU C 210 -2.01 14.26 -34.37
CA LEU C 210 -1.77 15.64 -33.97
C LEU C 210 -0.42 16.14 -34.46
N SER C 211 0.64 15.33 -34.32
CA SER C 211 1.92 15.77 -34.85
C SER C 211 1.83 16.01 -36.36
N GLN C 212 0.98 15.26 -37.05
CA GLN C 212 0.87 15.44 -38.49
C GLN C 212 0.09 16.70 -38.87
N VAL C 213 -0.81 17.17 -38.00
CA VAL C 213 -1.53 18.41 -38.31
C VAL C 213 -0.57 19.56 -38.57
N SER C 214 0.64 19.53 -37.99
CA SER C 214 1.54 20.67 -38.15
C SER C 214 1.91 20.92 -39.61
N PHE C 215 1.89 19.88 -40.45
CA PHE C 215 2.27 20.04 -41.85
C PHE C 215 1.28 20.91 -42.63
N TRP C 216 0.08 21.12 -42.11
CA TRP C 216 -0.94 21.91 -42.80
C TRP C 216 -0.98 23.35 -42.32
N LEU C 217 -0.24 23.69 -41.28
CA LEU C 217 -0.16 25.07 -40.84
C LEU C 217 0.82 25.83 -41.72
N ASN C 218 0.52 27.11 -41.93
CA ASN C 218 1.38 27.98 -42.71
C ASN C 218 2.82 27.90 -42.21
N ARG C 219 3.76 27.79 -43.16
CA ARG C 219 5.17 27.61 -42.81
C ARG C 219 5.74 28.81 -42.06
N GLU C 220 5.16 30.00 -42.25
CA GLU C 220 5.65 31.23 -41.64
C GLU C 220 5.29 31.33 -40.16
N SER C 221 4.22 30.65 -39.73
CA SER C 221 3.80 30.63 -38.32
C SER C 221 4.62 29.57 -37.59
N VAL C 222 5.87 29.92 -37.32
CA VAL C 222 6.86 29.02 -36.75
C VAL C 222 6.49 28.64 -35.31
N PRO C 223 6.08 29.58 -34.47
CA PRO C 223 5.74 29.18 -33.09
C PRO C 223 4.63 28.16 -33.02
N ALA C 224 3.56 28.33 -33.80
CA ALA C 224 2.49 27.34 -33.79
C ALA C 224 3.02 25.94 -34.06
N ARG C 225 3.75 25.79 -35.17
CA ARG C 225 4.33 24.50 -35.49
C ARG C 225 5.26 23.99 -34.38
N THR C 226 5.98 24.91 -33.74
CA THR C 226 6.83 24.51 -32.62
C THR C 226 5.99 23.89 -31.51
N VAL C 227 4.87 24.53 -31.16
CA VAL C 227 3.99 23.99 -30.13
C VAL C 227 3.51 22.59 -30.51
N PHE C 228 2.98 22.43 -31.72
CA PHE C 228 2.52 21.12 -32.14
C PHE C 228 3.61 20.07 -31.97
N VAL C 229 4.76 20.32 -32.63
CA VAL C 229 5.83 19.33 -32.69
C VAL C 229 6.33 18.99 -31.29
N VAL C 230 6.61 20.02 -30.49
CA VAL C 230 7.23 19.82 -29.19
C VAL C 230 6.28 19.09 -28.25
N THR C 231 5.03 19.56 -28.13
CA THR C 231 4.14 18.89 -27.18
C THR C 231 3.88 17.45 -27.60
N THR C 232 3.76 17.17 -28.90
CA THR C 232 3.53 15.77 -29.27
C THR C 232 4.73 14.89 -28.92
N VAL C 233 5.96 15.40 -29.09
CA VAL C 233 7.12 14.60 -28.71
C VAL C 233 7.11 14.32 -27.21
N LEU C 234 6.89 15.36 -26.39
CA LEU C 234 6.90 15.14 -24.94
C LEU C 234 5.76 14.23 -24.51
N THR C 235 4.61 14.33 -25.18
CA THR C 235 3.50 13.42 -24.90
C THR C 235 3.90 11.97 -25.16
N MET C 236 4.56 11.70 -26.30
CA MET C 236 5.03 10.33 -26.54
C MET C 236 5.92 9.85 -25.40
N THR C 237 6.88 10.67 -24.98
CA THR C 237 7.74 10.24 -23.88
C THR C 237 6.92 9.91 -22.63
N THR C 238 5.98 10.80 -22.28
CA THR C 238 5.18 10.56 -21.08
C THR C 238 4.39 9.26 -21.20
N LEU C 239 3.77 9.02 -22.35
CA LEU C 239 2.98 7.81 -22.55
C LEU C 239 3.87 6.57 -22.46
N SER C 240 5.07 6.63 -23.03
CA SER C 240 5.99 5.52 -22.92
C SER C 240 6.27 5.19 -21.45
N ILE C 241 6.72 6.19 -20.69
CA ILE C 241 7.06 5.94 -19.29
C ILE C 241 5.86 5.41 -18.52
N SER C 242 4.71 6.08 -18.65
CA SER C 242 3.48 5.62 -18.03
C SER C 242 3.21 4.16 -18.36
N ALA C 243 3.30 3.79 -19.64
CA ALA C 243 2.99 2.42 -20.05
C ALA C 243 3.95 1.41 -19.41
N ARG C 244 5.25 1.68 -19.49
CA ARG C 244 6.16 0.71 -18.90
C ARG C 244 6.05 0.67 -17.38
N ASN C 245 5.37 1.64 -16.76
CA ASN C 245 5.22 1.57 -15.31
C ASN C 245 4.27 0.46 -14.84
N SER C 246 3.46 -0.13 -15.72
CA SER C 246 2.56 -1.19 -15.30
C SER C 246 3.24 -2.55 -15.20
N LEU C 247 4.42 -2.73 -15.79
CA LEU C 247 5.08 -4.01 -15.91
C LEU C 247 6.22 -4.12 -14.92
N PRO C 248 6.67 -5.35 -14.64
CA PRO C 248 7.91 -5.52 -13.88
C PRO C 248 9.10 -5.09 -14.73
N LYS C 249 10.25 -4.99 -14.06
CA LYS C 249 11.44 -4.48 -14.73
C LYS C 249 12.03 -5.58 -15.61
N VAL C 250 11.25 -5.93 -16.63
CA VAL C 250 11.66 -6.97 -17.56
C VAL C 250 12.78 -6.43 -18.46
N ALA C 251 13.67 -7.33 -18.87
CA ALA C 251 14.77 -6.91 -19.72
C ALA C 251 14.31 -6.64 -21.14
N TYR C 252 13.39 -7.46 -21.65
CA TYR C 252 13.05 -7.47 -23.07
C TYR C 252 12.07 -6.35 -23.42
N ALA C 253 11.52 -6.41 -24.63
CA ALA C 253 10.56 -5.43 -25.13
C ALA C 253 9.24 -6.10 -25.44
N THR C 254 8.15 -5.43 -25.09
CA THR C 254 6.81 -5.93 -25.36
C THR C 254 6.32 -5.42 -26.70
N ALA C 255 5.23 -6.02 -27.19
CA ALA C 255 4.62 -5.55 -28.42
C ALA C 255 4.18 -4.09 -28.27
N MET C 256 3.67 -3.74 -27.10
CA MET C 256 3.33 -2.34 -26.84
C MET C 256 4.57 -1.45 -26.94
N ASP C 257 5.71 -1.93 -26.43
CA ASP C 257 6.94 -1.16 -26.58
C ASP C 257 7.19 -0.84 -28.04
N TRP C 258 7.00 -1.81 -28.93
CA TRP C 258 7.24 -1.57 -30.34
C TRP C 258 6.26 -0.55 -30.90
N PHE C 259 4.97 -0.70 -30.60
CA PHE C 259 4.01 0.29 -31.12
C PHE C 259 4.37 1.70 -30.65
N ILE C 260 4.70 1.85 -29.37
CA ILE C 260 5.04 3.18 -28.85
C ILE C 260 6.32 3.68 -29.50
N ALA C 261 7.28 2.79 -29.75
CA ALA C 261 8.54 3.21 -30.34
C ALA C 261 8.36 3.68 -31.79
N VAL C 262 7.51 2.99 -32.55
CA VAL C 262 7.24 3.44 -33.90
C VAL C 262 6.48 4.76 -33.90
N CYS C 263 5.50 4.90 -32.99
CA CYS C 263 4.84 6.20 -32.85
C CYS C 263 5.83 7.29 -32.53
N TYR C 264 6.78 7.01 -31.63
CA TYR C 264 7.81 7.99 -31.33
C TYR C 264 8.65 8.29 -32.57
N ALA C 265 8.92 7.28 -33.39
CA ALA C 265 9.63 7.52 -34.64
C ALA C 265 8.86 8.51 -35.52
N PHE C 266 7.57 8.29 -35.70
CA PHE C 266 6.77 9.18 -36.54
C PHE C 266 6.74 10.60 -35.99
N VAL C 267 6.61 10.74 -34.67
CA VAL C 267 6.48 12.06 -34.06
C VAL C 267 7.80 12.82 -34.12
N PHE C 268 8.88 12.17 -33.72
CA PHE C 268 10.20 12.81 -33.83
C PHE C 268 10.55 13.09 -35.29
N SER C 269 10.08 12.25 -36.21
CA SER C 269 10.28 12.53 -37.63
C SER C 269 9.52 13.78 -38.05
N ALA C 270 8.34 14.00 -37.49
CA ALA C 270 7.64 15.26 -37.76
C ALA C 270 8.41 16.46 -37.20
N LEU C 271 9.01 16.31 -36.02
CA LEU C 271 9.86 17.39 -35.51
C LEU C 271 11.04 17.64 -36.44
N ILE C 272 11.72 16.59 -36.87
CA ILE C 272 12.86 16.76 -37.78
C ILE C 272 12.40 17.42 -39.07
N GLU C 273 11.21 17.05 -39.54
CA GLU C 273 10.65 17.67 -40.73
C GLU C 273 10.42 19.16 -40.52
N PHE C 274 9.79 19.53 -39.40
CA PHE C 274 9.56 20.95 -39.10
C PHE C 274 10.86 21.72 -39.04
N ALA C 275 11.90 21.14 -38.45
CA ALA C 275 13.18 21.84 -38.36
C ALA C 275 13.78 22.04 -39.74
N THR C 276 13.69 21.02 -40.59
CA THR C 276 14.19 21.14 -41.96
C THR C 276 13.41 22.19 -42.75
N VAL C 277 12.08 22.12 -42.70
CA VAL C 277 11.26 23.13 -43.36
C VAL C 277 11.62 24.53 -42.89
N ASN C 278 11.71 24.73 -41.57
CA ASN C 278 12.08 26.04 -41.06
C ASN C 278 13.47 26.45 -41.57
N TYR C 279 14.37 25.49 -41.76
CA TYR C 279 15.71 25.83 -42.22
C TYR C 279 15.71 26.33 -43.66
N PHE C 280 14.76 25.89 -44.49
CA PHE C 280 14.73 26.25 -45.90
C PHE C 280 13.63 27.25 -46.24
N THR C 281 13.05 27.92 -45.25
CA THR C 281 11.86 28.71 -45.55
C THR C 281 12.22 30.00 -46.29
N LYS C 282 13.28 30.69 -45.84
CA LYS C 282 13.71 31.91 -46.52
C LYS C 282 14.41 31.59 -47.84
N SER C 283 15.52 30.87 -47.79
CA SER C 283 16.21 30.41 -48.98
C SER C 283 15.59 29.10 -49.44
N GLN C 284 15.14 29.08 -50.70
CA GLN C 284 14.54 27.91 -51.34
C GLN C 284 13.16 27.62 -50.76
N PRO C 285 12.24 28.58 -50.76
CA PRO C 285 10.88 28.31 -50.26
C PRO C 285 10.12 27.29 -51.09
N ALA C 286 10.46 27.11 -52.38
CA ALA C 286 9.82 26.05 -53.15
C ALA C 286 10.17 24.68 -52.58
N ARG C 287 11.43 24.52 -52.14
CA ARG C 287 11.84 23.26 -51.54
C ARG C 287 11.04 22.98 -50.29
N ALA C 288 11.00 23.95 -49.37
CA ALA C 288 10.21 23.82 -48.14
C ALA C 288 8.76 23.45 -48.46
N ALA C 289 8.16 24.18 -49.40
CA ALA C 289 6.77 23.88 -49.76
C ALA C 289 6.63 22.44 -50.20
N LYS C 290 7.59 21.94 -51.01
CA LYS C 290 7.54 20.56 -51.47
C LYS C 290 7.69 19.57 -50.31
N ILE C 291 8.56 19.89 -49.35
CA ILE C 291 8.72 19.01 -48.18
C ILE C 291 7.39 18.86 -47.46
N ASP C 292 6.69 19.97 -47.22
CA ASP C 292 5.37 19.85 -46.60
C ASP C 292 4.41 19.05 -47.50
N ARG C 293 4.46 19.31 -48.81
CA ARG C 293 3.55 18.64 -49.74
C ARG C 293 3.70 17.12 -49.66
N LEU C 294 4.94 16.62 -49.69
CA LEU C 294 5.17 15.19 -49.61
C LEU C 294 4.83 14.65 -48.22
N SER C 295 5.29 15.33 -47.18
CA SER C 295 5.02 14.87 -45.82
C SER C 295 3.53 14.64 -45.58
N ARG C 296 2.69 15.58 -46.02
CA ARG C 296 1.24 15.44 -45.78
C ARG C 296 0.68 14.15 -46.36
N ILE C 297 1.35 13.56 -47.35
CA ILE C 297 0.91 12.31 -47.94
C ILE C 297 1.64 11.11 -47.34
N ALA C 298 2.95 11.22 -47.17
CA ALA C 298 3.77 10.09 -46.72
C ALA C 298 3.47 9.74 -45.27
N PHE C 299 3.52 10.73 -44.36
CA PHE C 299 3.41 10.39 -42.96
C PHE C 299 2.15 9.57 -42.68
N PRO C 300 0.95 10.11 -42.94
CA PRO C 300 -0.26 9.35 -42.62
C PRO C 300 -0.37 8.05 -43.40
N LEU C 301 0.27 7.96 -44.56
CA LEU C 301 0.26 6.72 -45.32
C LEU C 301 1.16 5.68 -44.67
N LEU C 302 2.41 6.05 -44.37
CA LEU C 302 3.30 5.12 -43.70
C LEU C 302 2.74 4.69 -42.35
N PHE C 303 2.07 5.62 -41.64
CA PHE C 303 1.49 5.29 -40.34
C PHE C 303 0.30 4.35 -40.49
N GLY C 304 -0.57 4.62 -41.47
CA GLY C 304 -1.68 3.71 -41.71
C GLY C 304 -1.21 2.32 -42.09
N ILE C 305 -0.24 2.24 -43.01
CA ILE C 305 0.31 0.95 -43.40
C ILE C 305 0.91 0.25 -42.18
N PHE C 306 1.67 0.98 -41.37
CA PHE C 306 2.24 0.39 -40.17
C PHE C 306 1.15 -0.21 -39.28
N ASN C 307 0.13 0.59 -38.95
CA ASN C 307 -0.96 0.08 -38.13
C ASN C 307 -1.59 -1.15 -38.76
N LEU C 308 -1.70 -1.17 -40.08
CA LEU C 308 -2.29 -2.33 -40.75
C LEU C 308 -1.46 -3.57 -40.48
N VAL C 309 -0.14 -3.48 -40.68
CA VAL C 309 0.74 -4.61 -40.42
C VAL C 309 0.70 -5.01 -38.94
N TYR C 310 0.73 -4.04 -38.05
CA TYR C 310 0.81 -4.29 -36.62
C TYR C 310 -0.45 -4.99 -36.12
N TRP C 311 -1.61 -4.36 -36.31
CA TRP C 311 -2.85 -4.94 -35.81
C TRP C 311 -3.19 -6.24 -36.52
N ALA C 312 -2.82 -6.36 -37.81
CA ALA C 312 -2.98 -7.66 -38.46
C ALA C 312 -2.11 -8.71 -37.78
N THR C 313 -0.89 -8.35 -37.37
CA THR C 313 0.02 -9.32 -36.78
C THR C 313 -0.43 -9.76 -35.40
N TYR C 314 -0.65 -8.81 -34.49
CA TYR C 314 -0.91 -9.17 -33.10
C TYR C 314 -2.36 -9.52 -32.82
N LEU C 315 -3.19 -9.65 -33.85
CA LEU C 315 -4.52 -10.18 -33.67
C LEU C 315 -4.62 -11.48 -34.46
N MET D 3 -17.36 -34.99 17.36
CA MET D 3 -18.58 -35.79 17.31
C MET D 3 -18.97 -36.07 15.85
N VAL D 4 -20.22 -36.51 15.64
CA VAL D 4 -20.74 -36.78 14.31
C VAL D 4 -22.09 -36.11 14.15
N SER D 5 -22.56 -36.05 12.91
CA SER D 5 -23.79 -35.34 12.60
C SER D 5 -25.01 -36.05 13.19
N PRO D 6 -26.07 -35.31 13.46
CA PRO D 6 -27.27 -35.92 14.05
C PRO D 6 -27.89 -36.92 13.09
N PRO D 7 -28.11 -38.15 13.53
CA PRO D 7 -28.72 -39.13 12.64
C PRO D 7 -30.15 -38.74 12.34
N PRO D 8 -30.67 -39.10 11.17
CA PRO D 8 -32.02 -38.66 10.78
C PRO D 8 -33.09 -39.45 11.50
N PRO D 9 -34.14 -38.78 12.00
CA PRO D 9 -35.25 -39.54 12.60
C PRO D 9 -36.02 -40.32 11.57
N ILE D 10 -36.30 -39.70 10.41
CA ILE D 10 -36.94 -40.42 9.31
C ILE D 10 -35.95 -41.35 8.63
N ALA D 11 -34.72 -41.45 9.13
CA ALA D 11 -33.70 -42.33 8.57
C ALA D 11 -33.27 -41.88 7.18
N ASP D 12 -34.10 -41.09 6.50
CA ASP D 12 -33.82 -40.65 5.14
C ASP D 12 -34.08 -39.16 4.97
N GLU D 13 -34.00 -38.40 6.04
CA GLU D 13 -34.37 -36.99 5.95
C GLU D 13 -33.13 -36.10 5.97
N PRO D 14 -33.07 -35.09 5.11
CA PRO D 14 -31.93 -34.17 5.15
C PRO D 14 -32.02 -33.26 6.37
N LEU D 15 -30.86 -33.00 6.96
CA LEU D 15 -30.77 -32.02 8.03
C LEU D 15 -30.65 -30.63 7.40
N THR D 16 -31.60 -29.74 7.69
CA THR D 16 -31.50 -28.36 7.26
C THR D 16 -30.93 -27.52 8.39
N VAL D 17 -30.08 -26.57 8.00
CA VAL D 17 -29.50 -25.61 8.92
C VAL D 17 -30.10 -24.25 8.56
N ASN D 18 -30.84 -23.68 9.50
CA ASN D 18 -31.47 -22.38 9.30
C ASN D 18 -30.46 -21.27 9.55
N THR D 19 -30.22 -20.46 8.52
CA THR D 19 -29.16 -19.45 8.52
C THR D 19 -29.72 -18.04 8.53
N GLY D 20 -28.93 -17.13 9.10
CA GLY D 20 -29.26 -15.71 9.05
C GLY D 20 -27.99 -14.90 9.17
N ILE D 21 -27.96 -13.75 8.47
CA ILE D 21 -26.85 -12.80 8.54
C ILE D 21 -27.42 -11.45 8.93
N TYR D 22 -26.79 -10.79 9.90
CA TYR D 22 -27.20 -9.46 10.33
C TYR D 22 -26.00 -8.55 10.17
N LEU D 23 -26.06 -7.64 9.19
CA LEU D 23 -24.92 -6.79 8.91
C LEU D 23 -24.73 -5.79 10.04
N ILE D 24 -23.53 -5.76 10.60
CA ILE D 24 -23.15 -4.79 11.62
C ILE D 24 -22.32 -3.67 11.03
N GLU D 25 -21.34 -4.01 10.19
CA GLU D 25 -20.39 -3.06 9.63
C GLU D 25 -20.14 -3.44 8.17
N CYS D 26 -20.12 -2.44 7.29
CA CYS D 26 -19.89 -2.68 5.88
C CYS D 26 -18.94 -1.61 5.37
N TYR D 27 -17.78 -2.00 4.87
CA TYR D 27 -16.74 -1.02 4.56
C TYR D 27 -15.81 -1.52 3.45
N SER D 28 -14.96 -0.59 2.99
CA SER D 28 -13.87 -0.88 2.06
C SER D 28 -14.37 -1.51 0.77
N LEU D 29 -15.38 -0.88 0.17
CA LEU D 29 -15.82 -1.29 -1.16
C LEU D 29 -14.81 -0.73 -2.16
N ASP D 30 -14.00 -1.63 -2.71
CA ASP D 30 -12.90 -1.29 -3.60
C ASP D 30 -13.33 -1.59 -5.03
N ASP D 31 -13.54 -0.53 -5.82
CA ASP D 31 -13.98 -0.72 -7.20
C ASP D 31 -12.94 -1.48 -8.01
N LYS D 32 -11.67 -1.17 -7.80
CA LYS D 32 -10.60 -1.76 -8.61
C LYS D 32 -10.40 -3.23 -8.27
N ALA D 33 -10.44 -3.56 -6.97
CA ALA D 33 -10.27 -4.94 -6.54
C ALA D 33 -11.56 -5.75 -6.62
N GLU D 34 -12.71 -5.09 -6.79
CA GLU D 34 -14.01 -5.74 -6.76
C GLU D 34 -14.18 -6.60 -5.50
N THR D 35 -13.83 -6.00 -4.37
CA THR D 35 -13.97 -6.65 -3.07
C THR D 35 -14.60 -5.67 -2.09
N PHE D 36 -15.20 -6.22 -1.02
CA PHE D 36 -15.65 -5.39 0.08
C PHE D 36 -15.51 -6.17 1.37
N LYS D 37 -15.45 -5.45 2.48
CA LYS D 37 -15.29 -6.06 3.77
C LYS D 37 -16.59 -5.94 4.56
N VAL D 38 -16.95 -7.03 5.25
CA VAL D 38 -18.25 -7.12 5.92
C VAL D 38 -18.03 -7.67 7.33
N ASN D 39 -18.78 -7.13 8.29
CA ASN D 39 -18.73 -7.59 9.68
C ASN D 39 -20.17 -7.79 10.14
N ALA D 40 -20.53 -9.02 10.51
CA ALA D 40 -21.94 -9.36 10.70
C ALA D 40 -22.10 -10.48 11.72
N PHE D 41 -23.36 -10.69 12.09
CA PHE D 41 -23.80 -11.89 12.79
C PHE D 41 -24.08 -13.00 11.79
N LEU D 42 -23.59 -14.20 12.09
CA LEU D 42 -24.00 -15.43 11.43
C LEU D 42 -24.74 -16.27 12.48
N SER D 43 -25.99 -16.61 12.19
CA SER D 43 -26.79 -17.42 13.09
C SER D 43 -27.17 -18.72 12.37
N LEU D 44 -26.95 -19.86 13.04
CA LEU D 44 -27.29 -21.16 12.50
C LEU D 44 -28.20 -21.88 13.48
N SER D 45 -29.11 -22.71 12.96
CA SER D 45 -30.08 -23.37 13.83
C SER D 45 -30.44 -24.73 13.27
N TRP D 46 -30.32 -25.78 14.09
CA TRP D 46 -30.67 -27.11 13.63
C TRP D 46 -31.08 -27.96 14.82
N LYS D 47 -31.53 -29.17 14.56
CA LYS D 47 -32.04 -30.06 15.58
C LYS D 47 -31.07 -31.22 15.77
N ASP D 48 -30.63 -31.42 17.01
CA ASP D 48 -29.81 -32.59 17.39
C ASP D 48 -30.45 -33.26 18.62
N ARG D 49 -31.36 -34.20 18.37
CA ARG D 49 -32.09 -34.83 19.48
C ARG D 49 -31.16 -35.47 20.50
N ARG D 50 -29.91 -35.79 20.13
CA ARG D 50 -28.94 -36.25 21.11
C ARG D 50 -28.79 -35.28 22.27
N LEU D 51 -29.10 -34.01 22.06
CA LEU D 51 -28.92 -32.97 23.06
C LEU D 51 -30.19 -32.69 23.84
N ALA D 52 -31.30 -33.36 23.51
CA ALA D 52 -32.53 -33.12 24.23
C ALA D 52 -32.34 -33.40 25.72
N PHE D 53 -33.21 -32.80 26.52
CA PHE D 53 -33.08 -32.94 27.97
C PHE D 53 -34.38 -32.55 28.64
N ASP D 54 -34.55 -33.05 29.86
CA ASP D 54 -35.70 -32.69 30.66
C ASP D 54 -35.46 -31.32 31.29
N PRO D 55 -36.28 -30.31 31.02
CA PRO D 55 -36.05 -28.98 31.60
C PRO D 55 -36.19 -28.95 33.11
N VAL D 56 -36.74 -29.98 33.73
CA VAL D 56 -36.94 -30.02 35.17
C VAL D 56 -35.84 -30.81 35.85
N ARG D 57 -35.55 -32.02 35.37
CA ARG D 57 -34.41 -32.77 35.89
C ARG D 57 -33.13 -31.97 35.74
N SER D 58 -32.88 -31.43 34.54
CA SER D 58 -31.85 -30.43 34.37
C SER D 58 -32.45 -29.08 34.75
N GLY D 59 -31.90 -28.43 35.77
CA GLY D 59 -32.49 -27.23 36.31
C GLY D 59 -32.45 -26.01 35.41
N VAL D 60 -32.04 -26.21 34.17
CA VAL D 60 -31.85 -25.14 33.21
C VAL D 60 -32.99 -25.14 32.20
N ARG D 61 -33.36 -23.93 31.75
CA ARG D 61 -34.37 -23.78 30.70
C ARG D 61 -33.77 -23.93 29.31
N VAL D 62 -32.45 -23.78 29.17
CA VAL D 62 -31.82 -23.79 27.85
C VAL D 62 -30.55 -24.63 27.87
N LYS D 63 -29.60 -24.28 28.72
CA LYS D 63 -28.27 -24.92 28.71
C LYS D 63 -27.46 -24.44 27.51
N THR D 64 -26.19 -24.14 27.75
CA THR D 64 -25.30 -23.54 26.78
C THR D 64 -24.03 -24.37 26.68
N TYR D 65 -23.54 -24.55 25.46
CA TYR D 65 -22.37 -25.38 25.20
C TYR D 65 -21.23 -24.56 24.63
N GLU D 66 -20.03 -25.12 24.74
CA GLU D 66 -18.84 -24.71 24.03
C GLU D 66 -18.81 -25.41 22.68
N PRO D 67 -18.28 -24.75 21.65
CA PRO D 67 -18.29 -25.37 20.31
C PRO D 67 -17.61 -26.73 20.29
N GLU D 68 -16.61 -26.91 21.15
CA GLU D 68 -15.91 -28.19 21.23
C GLU D 68 -16.80 -29.30 21.77
N ALA D 69 -17.88 -28.96 22.49
CA ALA D 69 -18.71 -29.97 23.14
C ALA D 69 -19.60 -30.72 22.15
N ILE D 70 -20.16 -30.02 21.15
CA ILE D 70 -21.20 -30.58 20.30
C ILE D 70 -20.81 -30.51 18.83
N TRP D 71 -21.51 -31.31 18.02
CA TRP D 71 -21.37 -31.24 16.57
C TRP D 71 -21.91 -29.92 16.05
N ILE D 72 -21.13 -29.28 15.20
CA ILE D 72 -21.54 -28.04 14.56
C ILE D 72 -21.31 -28.17 13.06
N PRO D 73 -22.25 -27.75 12.23
CA PRO D 73 -22.06 -27.91 10.77
C PRO D 73 -20.91 -27.03 10.29
N GLU D 74 -20.11 -27.58 9.38
CA GLU D 74 -19.04 -26.82 8.75
C GLU D 74 -19.67 -25.92 7.68
N ILE D 75 -19.85 -24.64 8.02
CA ILE D 75 -20.44 -23.66 7.11
C ILE D 75 -19.31 -22.77 6.61
N ARG D 76 -19.18 -22.68 5.29
CA ARG D 76 -18.13 -21.90 4.66
C ARG D 76 -18.73 -20.81 3.77
N PHE D 77 -18.03 -19.68 3.68
CA PHE D 77 -18.34 -18.70 2.65
C PHE D 77 -17.60 -19.08 1.37
N VAL D 78 -18.25 -18.85 0.23
CA VAL D 78 -17.63 -19.15 -1.06
C VAL D 78 -16.77 -17.98 -1.53
N ASN D 79 -17.42 -16.86 -1.86
CA ASN D 79 -16.77 -15.74 -2.55
C ASN D 79 -16.05 -14.84 -1.56
N VAL D 80 -15.08 -15.44 -0.89
CA VAL D 80 -14.30 -14.76 0.15
C VAL D 80 -12.84 -15.06 -0.15
N GLU D 81 -11.96 -14.17 0.31
CA GLU D 81 -10.56 -14.33 -0.03
C GLU D 81 -9.87 -15.32 0.90
N ASN D 82 -9.98 -15.08 2.21
CA ASN D 82 -9.59 -16.02 3.24
C ASN D 82 -10.83 -16.50 3.99
N ALA D 83 -10.65 -17.59 4.73
CA ALA D 83 -11.66 -18.00 5.68
C ALA D 83 -11.95 -16.85 6.65
N ARG D 84 -13.24 -16.66 6.94
CA ARG D 84 -13.64 -15.57 7.81
C ARG D 84 -12.97 -15.70 9.19
N ASP D 85 -12.94 -14.59 9.92
CA ASP D 85 -12.55 -14.59 11.32
C ASP D 85 -13.80 -14.48 12.17
N ALA D 86 -14.03 -15.49 13.01
CA ALA D 86 -15.27 -15.59 13.77
C ALA D 86 -14.99 -15.75 15.26
N ASP D 87 -15.80 -15.09 16.07
CA ASP D 87 -15.87 -15.33 17.51
C ASP D 87 -17.25 -15.89 17.80
N VAL D 88 -17.31 -17.14 18.28
CA VAL D 88 -18.58 -17.70 18.66
C VAL D 88 -19.12 -16.88 19.82
N VAL D 89 -20.38 -16.46 19.70
CA VAL D 89 -21.02 -15.62 20.70
C VAL D 89 -21.88 -16.43 21.65
N ASP D 90 -22.67 -17.37 21.12
CA ASP D 90 -23.63 -18.08 21.96
C ASP D 90 -24.05 -19.38 21.28
N ILE D 91 -24.32 -20.40 22.10
CA ILE D 91 -24.90 -21.67 21.65
C ILE D 91 -25.94 -22.09 22.68
N SER D 92 -27.21 -22.17 22.25
CA SER D 92 -28.32 -22.45 23.16
C SER D 92 -29.14 -23.62 22.63
N VAL D 93 -29.23 -24.70 23.42
CA VAL D 93 -30.03 -25.85 23.04
C VAL D 93 -31.39 -25.80 23.73
N SER D 94 -32.41 -26.32 23.07
CA SER D 94 -33.71 -26.44 23.69
C SER D 94 -33.91 -27.87 24.16
N PRO D 95 -34.86 -28.10 25.05
CA PRO D 95 -35.12 -29.47 25.52
C PRO D 95 -35.33 -30.45 24.39
N ASP D 96 -35.91 -30.01 23.26
CA ASP D 96 -36.17 -30.91 22.14
C ASP D 96 -34.93 -31.22 21.33
N GLY D 97 -33.82 -30.52 21.58
CA GLY D 97 -32.60 -30.68 20.80
C GLY D 97 -32.36 -29.57 19.79
N THR D 98 -33.09 -28.46 19.88
CA THR D 98 -32.95 -27.38 18.92
C THR D 98 -31.78 -26.50 19.33
N VAL D 99 -30.73 -26.50 18.51
CA VAL D 99 -29.54 -25.69 18.70
C VAL D 99 -29.70 -24.36 17.97
N GLN D 100 -29.45 -23.27 18.70
CA GLN D 100 -29.37 -21.92 18.17
C GLN D 100 -27.95 -21.40 18.40
N TYR D 101 -27.18 -21.29 17.31
CA TYR D 101 -25.78 -20.90 17.29
C TYR D 101 -25.64 -19.48 16.76
N LEU D 102 -24.78 -18.69 17.38
CA LEU D 102 -24.58 -17.29 17.00
C LEU D 102 -23.10 -16.94 17.07
N GLU D 103 -22.55 -16.46 15.95
CA GLU D 103 -21.18 -15.99 15.86
C GLU D 103 -21.16 -14.60 15.24
N ARG D 104 -20.10 -13.87 15.53
CA ARG D 104 -19.82 -12.62 14.84
C ARG D 104 -18.57 -12.83 14.01
N PHE D 105 -18.65 -12.44 12.74
CA PHE D 105 -17.55 -12.68 11.81
C PHE D 105 -17.24 -11.41 11.03
N SER D 106 -15.99 -11.31 10.58
CA SER D 106 -15.61 -10.34 9.56
C SER D 106 -14.99 -11.12 8.40
N ALA D 107 -15.18 -10.60 7.19
CA ALA D 107 -14.65 -11.30 6.02
C ALA D 107 -14.42 -10.32 4.90
N ARG D 108 -13.48 -10.68 4.03
CA ARG D 108 -13.22 -9.95 2.80
C ARG D 108 -13.89 -10.71 1.67
N VAL D 109 -15.03 -10.20 1.25
CA VAL D 109 -15.85 -10.77 0.20
C VAL D 109 -15.37 -10.28 -1.16
N LEU D 110 -15.38 -11.19 -2.12
CA LEU D 110 -14.96 -10.94 -3.49
C LEU D 110 -16.21 -11.01 -4.36
N SER D 111 -16.63 -9.87 -4.91
CA SER D 111 -17.86 -9.87 -5.69
C SER D 111 -17.73 -8.95 -6.91
N PRO D 112 -17.97 -9.47 -8.11
CA PRO D 112 -17.73 -8.68 -9.32
C PRO D 112 -18.77 -7.61 -9.55
N LEU D 113 -18.31 -6.49 -10.14
CA LEU D 113 -19.13 -5.32 -10.39
C LEU D 113 -19.37 -5.14 -11.89
N ASP D 114 -20.53 -4.57 -12.23
CA ASP D 114 -20.86 -4.27 -13.63
C ASP D 114 -20.70 -2.76 -13.86
N PHE D 115 -19.60 -2.39 -14.51
CA PHE D 115 -19.26 -0.97 -14.66
C PHE D 115 -19.85 -0.35 -15.93
N ARG D 116 -20.66 -1.09 -16.69
CA ARG D 116 -21.13 -0.58 -17.97
C ARG D 116 -21.84 0.77 -17.82
N ARG D 117 -22.68 0.89 -16.80
CA ARG D 117 -23.45 2.09 -16.51
C ARG D 117 -22.74 3.04 -15.55
N TYR D 118 -21.49 2.77 -15.22
CA TYR D 118 -20.75 3.57 -14.25
C TYR D 118 -20.57 5.00 -14.74
N PRO D 119 -20.65 6.00 -13.84
CA PRO D 119 -20.82 5.97 -12.39
C PRO D 119 -22.29 6.06 -11.98
N PHE D 120 -23.20 5.74 -12.89
CA PHE D 120 -24.61 5.70 -12.61
C PHE D 120 -25.09 4.28 -12.35
N ASP D 121 -24.24 3.47 -11.74
CA ASP D 121 -24.42 2.03 -11.65
C ASP D 121 -25.09 1.63 -10.35
N SER D 122 -25.85 0.55 -10.42
CA SER D 122 -26.26 -0.22 -9.26
C SER D 122 -25.55 -1.57 -9.29
N GLN D 123 -25.33 -2.14 -8.11
CA GLN D 123 -24.69 -3.44 -7.98
C GLN D 123 -25.49 -4.31 -7.01
N THR D 124 -25.34 -5.61 -7.16
CA THR D 124 -25.73 -6.59 -6.16
C THR D 124 -24.45 -7.24 -5.67
N LEU D 125 -24.00 -6.85 -4.49
CA LEU D 125 -22.94 -7.59 -3.84
C LEU D 125 -23.51 -8.90 -3.30
N HIS D 126 -22.78 -9.99 -3.52
CA HIS D 126 -23.20 -11.32 -3.09
C HIS D 126 -22.34 -11.82 -1.94
N ILE D 127 -22.98 -12.55 -1.03
CA ILE D 127 -22.30 -13.33 0.00
C ILE D 127 -22.90 -14.72 -0.10
N TYR D 128 -22.11 -15.69 -0.58
CA TYR D 128 -22.59 -17.05 -0.78
C TYR D 128 -22.19 -17.95 0.40
N LEU D 129 -23.19 -18.49 1.11
CA LEU D 129 -22.96 -19.50 2.14
C LEU D 129 -23.06 -20.90 1.54
N ILE D 130 -22.30 -21.84 2.11
CA ILE D 130 -22.31 -23.19 1.58
C ILE D 130 -22.01 -24.19 2.69
N VAL D 131 -22.59 -25.38 2.56
CA VAL D 131 -22.31 -26.50 3.45
C VAL D 131 -22.19 -27.76 2.61
N ARG D 132 -21.23 -28.62 2.98
CA ARG D 132 -20.98 -29.87 2.27
C ARG D 132 -21.54 -31.04 3.07
N SER D 133 -22.27 -31.93 2.39
CA SER D 133 -22.88 -33.08 3.06
C SER D 133 -21.83 -34.09 3.45
N VAL D 134 -22.03 -34.73 4.60
CA VAL D 134 -21.16 -35.82 5.04
C VAL D 134 -21.73 -37.13 4.49
N ASP D 135 -21.02 -38.24 4.68
CA ASP D 135 -21.54 -39.48 4.12
C ASP D 135 -22.72 -40.02 4.92
N THR D 136 -22.79 -39.70 6.22
CA THR D 136 -23.90 -40.21 7.02
C THR D 136 -25.20 -39.46 6.78
N ARG D 137 -25.15 -38.17 6.42
CA ARG D 137 -26.39 -37.44 6.21
C ARG D 137 -26.14 -36.30 5.24
N ASN D 138 -27.14 -36.03 4.41
CA ASN D 138 -27.13 -34.84 3.57
C ASN D 138 -27.58 -33.64 4.40
N ILE D 139 -26.90 -32.52 4.19
CA ILE D 139 -27.16 -31.30 4.93
C ILE D 139 -27.57 -30.21 3.95
N VAL D 140 -28.60 -29.46 4.31
CA VAL D 140 -29.22 -28.48 3.43
C VAL D 140 -29.40 -27.17 4.18
N LEU D 141 -29.15 -26.05 3.49
CA LEU D 141 -29.27 -24.73 4.06
C LEU D 141 -30.65 -24.13 3.84
N ALA D 142 -31.08 -23.27 4.77
CA ALA D 142 -32.32 -22.52 4.66
C ALA D 142 -32.13 -21.16 5.30
N VAL D 143 -33.14 -20.29 5.15
CA VAL D 143 -33.05 -18.89 5.55
C VAL D 143 -34.16 -18.57 6.54
N ASP D 144 -33.77 -18.15 7.75
CA ASP D 144 -34.70 -17.68 8.78
C ASP D 144 -34.85 -16.16 8.63
N LEU D 145 -35.97 -15.73 8.03
CA LEU D 145 -36.15 -14.31 7.72
C LEU D 145 -36.11 -13.44 8.97
N GLU D 146 -36.58 -13.94 10.11
CA GLU D 146 -36.46 -13.19 11.35
C GLU D 146 -35.01 -12.83 11.67
N LYS D 147 -34.05 -13.60 11.16
CA LYS D 147 -32.65 -13.46 11.53
C LYS D 147 -31.81 -12.78 10.46
N VAL D 148 -32.45 -12.15 9.48
CA VAL D 148 -31.77 -11.44 8.40
C VAL D 148 -32.08 -9.95 8.52
N GLY D 149 -31.08 -9.13 8.31
CA GLY D 149 -31.25 -7.70 8.39
C GLY D 149 -29.90 -7.01 8.47
N LYS D 150 -29.96 -5.71 8.76
CA LYS D 150 -28.73 -4.94 8.88
C LYS D 150 -28.98 -3.75 9.79
N ASN D 151 -27.96 -3.40 10.57
CA ASN D 151 -28.05 -2.23 11.43
C ASN D 151 -28.32 -0.98 10.62
N ASP D 152 -29.00 -0.02 11.25
CA ASP D 152 -29.34 1.22 10.58
C ASP D 152 -28.10 2.06 10.30
N ASP D 153 -27.08 1.98 11.16
CA ASP D 153 -25.84 2.73 10.95
C ASP D 153 -24.86 2.00 10.03
N VAL D 154 -25.36 1.19 9.11
CA VAL D 154 -24.52 0.56 8.08
C VAL D 154 -24.41 1.50 6.89
N PHE D 155 -23.18 1.83 6.49
CA PHE D 155 -22.94 2.79 5.43
C PHE D 155 -21.76 2.34 4.57
N LEU D 156 -21.87 2.56 3.26
CA LEU D 156 -20.72 2.54 2.35
C LEU D 156 -20.51 3.98 1.88
N THR D 157 -19.43 4.60 2.36
CA THR D 157 -19.19 6.03 2.21
C THR D 157 -19.26 6.60 0.80
N GLY D 158 -19.87 5.90 -0.16
CA GLY D 158 -19.99 6.50 -1.47
C GLY D 158 -21.22 5.98 -2.19
N TRP D 159 -22.05 5.27 -1.46
CA TRP D 159 -23.12 4.50 -2.05
C TRP D 159 -24.39 4.70 -1.24
N ASP D 160 -25.52 4.45 -1.90
CA ASP D 160 -26.80 4.27 -1.23
C ASP D 160 -27.03 2.78 -1.08
N ILE D 161 -27.33 2.34 0.14
CA ILE D 161 -27.63 0.94 0.40
C ILE D 161 -29.13 0.75 0.26
N GLU D 162 -29.53 -0.09 -0.68
CA GLU D 162 -30.95 -0.28 -0.96
C GLU D 162 -31.55 -1.30 0.00
N SER D 163 -30.99 -2.51 0.03
CA SER D 163 -31.61 -3.61 0.75
C SER D 163 -30.58 -4.72 0.96
N PHE D 164 -30.82 -5.51 2.00
CA PHE D 164 -30.05 -6.72 2.25
C PHE D 164 -31.05 -7.85 2.45
N THR D 165 -31.10 -8.76 1.48
CA THR D 165 -32.08 -9.85 1.47
C THR D 165 -31.39 -11.16 1.14
N ALA D 166 -32.14 -12.26 1.28
CA ALA D 166 -31.62 -13.59 0.96
C ALA D 166 -32.58 -14.31 0.02
N VAL D 167 -32.01 -15.06 -0.93
CA VAL D 167 -32.77 -15.94 -1.80
C VAL D 167 -33.05 -17.22 -1.05
N VAL D 168 -34.33 -17.50 -0.80
CA VAL D 168 -34.68 -18.57 0.14
C VAL D 168 -34.37 -19.95 -0.44
N LYS D 169 -34.71 -20.18 -1.70
CA LYS D 169 -34.44 -21.51 -2.27
C LYS D 169 -32.95 -21.63 -2.57
N PRO D 170 -32.25 -22.57 -1.97
CA PRO D 170 -30.81 -22.69 -2.20
C PRO D 170 -30.50 -23.49 -3.45
N ALA D 171 -29.23 -23.40 -3.87
CA ALA D 171 -28.70 -24.18 -4.97
C ALA D 171 -28.03 -25.43 -4.40
N ASN D 172 -28.61 -26.59 -4.66
CA ASN D 172 -28.03 -27.86 -4.27
C ASN D 172 -27.47 -28.54 -5.50
N PHE D 173 -26.26 -29.08 -5.39
CA PHE D 173 -25.61 -29.64 -6.56
C PHE D 173 -24.54 -30.62 -6.10
N ALA D 174 -24.03 -31.41 -7.04
CA ALA D 174 -22.97 -32.35 -6.73
C ALA D 174 -21.61 -31.70 -6.97
N LEU D 175 -20.71 -31.93 -6.03
CA LEU D 175 -19.33 -31.46 -6.13
C LEU D 175 -18.44 -32.53 -5.52
N GLU D 176 -17.51 -33.05 -6.33
CA GLU D 176 -16.58 -34.10 -5.93
C GLU D 176 -17.28 -35.19 -5.12
N ASP D 177 -18.38 -35.68 -5.68
CA ASP D 177 -19.07 -36.86 -5.16
C ASP D 177 -19.79 -36.61 -3.85
N ARG D 178 -20.06 -35.34 -3.51
CA ARG D 178 -20.89 -35.03 -2.35
C ARG D 178 -21.83 -33.89 -2.69
N LEU D 179 -22.95 -33.85 -2.00
CA LEU D 179 -23.91 -32.79 -2.21
C LEU D 179 -23.45 -31.54 -1.46
N GLU D 180 -23.47 -30.42 -2.17
CA GLU D 180 -23.21 -29.11 -1.59
C GLU D 180 -24.49 -28.28 -1.69
N SER D 181 -24.69 -27.44 -0.67
CA SER D 181 -25.89 -26.60 -0.55
C SER D 181 -25.45 -25.16 -0.36
N LYS D 182 -25.92 -24.27 -1.24
CA LYS D 182 -25.42 -22.90 -1.36
C LYS D 182 -26.56 -21.89 -1.29
N LEU D 183 -26.46 -20.91 -0.40
CA LEU D 183 -27.38 -19.79 -0.28
C LEU D 183 -26.73 -18.51 -0.79
N ASP D 184 -27.58 -17.62 -1.32
CA ASP D 184 -27.19 -16.37 -1.94
C ASP D 184 -27.76 -15.20 -1.12
N TYR D 185 -26.91 -14.56 -0.31
CA TYR D 185 -27.28 -13.31 0.33
C TYR D 185 -26.92 -12.14 -0.57
N GLN D 186 -27.82 -11.18 -0.71
CA GLN D 186 -27.71 -10.11 -1.72
C GLN D 186 -27.84 -8.74 -1.07
N LEU D 187 -26.77 -7.94 -1.17
CA LEU D 187 -26.74 -6.55 -0.74
C LEU D 187 -26.83 -5.66 -1.97
N ARG D 188 -27.98 -5.02 -2.17
CA ARG D 188 -28.19 -4.14 -3.32
C ARG D 188 -27.76 -2.72 -3.00
N ILE D 189 -26.97 -2.11 -3.89
CA ILE D 189 -26.46 -0.75 -3.69
C ILE D 189 -26.51 0.04 -4.99
N SER D 190 -26.55 1.36 -4.87
CA SER D 190 -26.46 2.18 -6.07
C SER D 190 -25.51 3.35 -5.81
N ARG D 191 -24.65 3.61 -6.78
CA ARG D 191 -23.56 4.56 -6.57
C ARG D 191 -24.07 5.99 -6.53
N GLN D 192 -23.41 6.79 -5.71
CA GLN D 192 -23.65 8.24 -5.64
C GLN D 192 -22.68 8.92 -6.60
N TYR D 193 -23.19 9.35 -7.76
CA TYR D 193 -22.34 9.82 -8.86
C TYR D 193 -21.82 11.24 -8.67
N GLY D 194 -22.42 12.02 -7.78
CA GLY D 194 -22.10 13.44 -7.67
C GLY D 194 -20.61 13.71 -7.51
N TYR D 195 -19.92 12.90 -6.71
CA TYR D 195 -18.48 13.09 -6.56
C TYR D 195 -17.82 13.25 -7.92
N PHE D 196 -18.11 12.34 -8.84
CA PHE D 196 -17.48 12.33 -10.15
C PHE D 196 -17.84 13.57 -10.96
N VAL D 197 -19.03 14.14 -10.73
CA VAL D 197 -19.40 15.37 -11.44
C VAL D 197 -18.31 16.42 -11.27
N ILE D 198 -17.75 16.55 -10.07
CA ILE D 198 -16.74 17.58 -9.88
C ILE D 198 -15.33 17.03 -9.97
N GLN D 199 -15.18 15.74 -10.22
CA GLN D 199 -13.87 15.15 -10.41
C GLN D 199 -13.49 15.01 -11.86
N THR D 200 -14.49 14.76 -12.72
CA THR D 200 -14.23 14.43 -14.12
C THR D 200 -15.17 15.18 -15.06
N TYR D 201 -16.47 15.18 -14.76
CA TYR D 201 -17.43 15.75 -15.70
C TYR D 201 -17.25 17.26 -15.86
N LEU D 202 -17.03 17.98 -14.74
CA LEU D 202 -16.83 19.42 -14.87
C LEU D 202 -15.52 19.73 -15.58
N PRO D 203 -14.37 19.15 -15.20
CA PRO D 203 -13.15 19.38 -16.00
C PRO D 203 -13.37 19.10 -17.47
N CYS D 204 -14.16 18.08 -17.81
CA CYS D 204 -14.39 17.79 -19.22
C CYS D 204 -15.20 18.89 -19.89
N ILE D 205 -16.31 19.28 -19.27
CA ILE D 205 -17.18 20.29 -19.87
C ILE D 205 -16.42 21.60 -20.03
N MET D 206 -15.70 22.01 -18.99
CA MET D 206 -14.93 23.25 -19.09
C MET D 206 -13.84 23.14 -20.14
N THR D 207 -13.22 21.98 -20.29
CA THR D 207 -12.21 21.85 -21.33
C THR D 207 -12.82 21.98 -22.73
N VAL D 208 -14.05 21.48 -22.92
CA VAL D 208 -14.71 21.64 -24.21
C VAL D 208 -15.04 23.12 -24.47
N ILE D 209 -15.62 23.78 -23.47
CA ILE D 209 -15.94 25.21 -23.61
C ILE D 209 -14.67 26.01 -23.91
N LEU D 210 -13.61 25.76 -23.14
CA LEU D 210 -12.33 26.40 -23.40
C LEU D 210 -11.86 26.18 -24.83
N SER D 211 -12.00 24.96 -25.36
CA SER D 211 -11.65 24.74 -26.76
C SER D 211 -12.49 25.60 -27.68
N GLN D 212 -13.74 25.88 -27.30
CA GLN D 212 -14.60 26.68 -28.18
C GLN D 212 -14.26 28.16 -28.12
N VAL D 213 -13.69 28.63 -27.02
CA VAL D 213 -13.29 30.05 -26.95
C VAL D 213 -12.38 30.42 -28.10
N SER D 214 -11.65 29.45 -28.65
CA SER D 214 -10.68 29.78 -29.70
C SER D 214 -11.35 30.39 -30.93
N PHE D 215 -12.61 30.06 -31.20
CA PHE D 215 -13.30 30.55 -32.39
C PHE D 215 -13.51 32.06 -32.37
N TRP D 216 -13.41 32.70 -31.21
CA TRP D 216 -13.63 34.14 -31.09
C TRP D 216 -12.35 34.94 -31.13
N LEU D 217 -11.21 34.28 -31.14
CA LEU D 217 -9.93 34.95 -31.28
C LEU D 217 -9.69 35.27 -32.75
N ASN D 218 -9.04 36.40 -32.99
CA ASN D 218 -8.68 36.80 -34.34
C ASN D 218 -7.94 35.68 -35.06
N ARG D 219 -8.36 35.41 -36.29
CA ARG D 219 -7.77 34.30 -37.05
C ARG D 219 -6.29 34.50 -37.31
N GLU D 220 -5.81 35.75 -37.29
CA GLU D 220 -4.41 36.04 -37.59
C GLU D 220 -3.46 35.71 -36.44
N SER D 221 -3.94 35.72 -35.19
CA SER D 221 -3.10 35.36 -34.04
C SER D 221 -3.11 33.85 -33.92
N VAL D 222 -2.35 33.22 -34.80
CA VAL D 222 -2.33 31.77 -35.00
C VAL D 222 -1.75 31.10 -33.75
N PRO D 223 -0.65 31.60 -33.17
CA PRO D 223 -0.12 30.92 -31.97
C PRO D 223 -1.12 30.85 -30.83
N ALA D 224 -1.85 31.94 -30.56
CA ALA D 224 -2.84 31.91 -29.48
C ALA D 224 -3.82 30.76 -29.69
N ARG D 225 -4.48 30.72 -30.85
CA ARG D 225 -5.41 29.64 -31.11
C ARG D 225 -4.73 28.29 -31.02
N THR D 226 -3.46 28.20 -31.41
CA THR D 226 -2.73 26.94 -31.27
C THR D 226 -2.65 26.51 -29.81
N VAL D 227 -2.30 27.44 -28.92
CA VAL D 227 -2.24 27.13 -27.49
C VAL D 227 -3.60 26.61 -27.02
N PHE D 228 -4.66 27.32 -27.37
CA PHE D 228 -6.00 26.88 -26.97
C PHE D 228 -6.26 25.44 -27.42
N VAL D 229 -6.22 25.22 -28.73
CA VAL D 229 -6.63 23.94 -29.31
C VAL D 229 -5.78 22.80 -28.75
N VAL D 230 -4.46 22.99 -28.75
CA VAL D 230 -3.55 21.91 -28.38
C VAL D 230 -3.68 21.59 -26.89
N THR D 231 -3.68 22.61 -26.02
CA THR D 231 -3.79 22.29 -24.60
C THR D 231 -5.12 21.62 -24.27
N THR D 232 -6.21 22.01 -24.93
CA THR D 232 -7.46 21.33 -24.62
C THR D 232 -7.42 19.87 -25.07
N VAL D 233 -6.77 19.57 -26.20
CA VAL D 233 -6.65 18.17 -26.61
C VAL D 233 -5.84 17.37 -25.60
N LEU D 234 -4.69 17.89 -25.18
CA LEU D 234 -3.88 17.13 -24.23
C LEU D 234 -4.60 16.98 -22.89
N THR D 235 -5.34 18.01 -22.48
CA THR D 235 -6.13 17.93 -21.25
C THR D 235 -7.17 16.82 -21.34
N MET D 236 -7.91 16.75 -22.46
CA MET D 236 -8.89 15.67 -22.59
C MET D 236 -8.20 14.32 -22.46
N THR D 237 -7.08 14.14 -23.16
CA THR D 237 -6.37 12.87 -23.04
C THR D 237 -5.99 12.55 -21.60
N THR D 238 -5.45 13.53 -20.88
CA THR D 238 -5.06 13.31 -19.49
C THR D 238 -6.25 12.92 -18.63
N LEU D 239 -7.37 13.63 -18.77
CA LEU D 239 -8.55 13.33 -17.98
C LEU D 239 -9.08 11.93 -18.30
N SER D 240 -9.08 11.56 -19.57
CA SER D 240 -9.49 10.22 -19.97
C SER D 240 -8.66 9.16 -19.24
N ILE D 241 -7.34 9.23 -19.37
CA ILE D 241 -6.48 8.24 -18.74
C ILE D 241 -6.70 8.22 -17.22
N SER D 242 -6.62 9.40 -16.60
CA SER D 242 -6.87 9.52 -15.17
C SER D 242 -8.16 8.82 -14.77
N ALA D 243 -9.25 9.10 -15.48
CA ALA D 243 -10.55 8.56 -15.12
C ALA D 243 -10.56 7.04 -15.22
N ARG D 244 -10.06 6.48 -16.32
CA ARG D 244 -10.08 5.02 -16.38
C ARG D 244 -9.15 4.39 -15.36
N ASN D 245 -8.25 5.15 -14.75
CA ASN D 245 -7.39 4.58 -13.72
C ASN D 245 -8.15 4.20 -12.46
N SER D 246 -9.40 4.63 -12.29
CA SER D 246 -10.15 4.26 -11.09
C SER D 246 -10.76 2.87 -11.17
N LEU D 247 -10.87 2.29 -12.36
CA LEU D 247 -11.60 1.06 -12.55
C LEU D 247 -10.67 -0.13 -12.73
N PRO D 248 -11.18 -1.34 -12.56
CA PRO D 248 -10.42 -2.53 -12.97
C PRO D 248 -10.30 -2.57 -14.48
N LYS D 249 -9.45 -3.46 -14.97
CA LYS D 249 -9.19 -3.52 -16.40
C LYS D 249 -10.34 -4.23 -17.09
N VAL D 250 -11.50 -3.56 -17.06
CA VAL D 250 -12.70 -4.11 -17.68
C VAL D 250 -12.59 -3.98 -19.19
N ALA D 251 -13.20 -4.93 -19.90
CA ALA D 251 -13.12 -4.93 -21.36
C ALA D 251 -14.00 -3.85 -21.98
N TYR D 252 -15.17 -3.62 -21.40
CA TYR D 252 -16.22 -2.81 -22.03
C TYR D 252 -15.97 -1.31 -21.82
N ALA D 253 -16.96 -0.50 -22.17
CA ALA D 253 -16.90 0.94 -22.02
C ALA D 253 -17.99 1.39 -21.06
N THR D 254 -17.64 2.34 -20.19
CA THR D 254 -18.57 2.88 -19.20
C THR D 254 -19.33 4.08 -19.75
N ALA D 255 -20.39 4.48 -19.03
CA ALA D 255 -21.10 5.70 -19.39
C ALA D 255 -20.18 6.91 -19.36
N MET D 256 -19.28 6.93 -18.37
CA MET D 256 -18.27 7.98 -18.33
C MET D 256 -17.37 7.92 -19.56
N ASP D 257 -17.03 6.69 -20.00
CA ASP D 257 -16.25 6.57 -21.23
C ASP D 257 -16.92 7.27 -22.40
N TRP D 258 -18.23 7.07 -22.55
CA TRP D 258 -18.90 7.72 -23.67
C TRP D 258 -18.84 9.23 -23.51
N PHE D 259 -19.14 9.74 -22.31
CA PHE D 259 -19.08 11.19 -22.12
C PHE D 259 -17.70 11.75 -22.48
N ILE D 260 -16.63 11.10 -21.99
CA ILE D 260 -15.29 11.59 -22.26
C ILE D 260 -14.95 11.48 -23.74
N ALA D 261 -15.38 10.40 -24.39
CA ALA D 261 -15.07 10.23 -25.81
C ALA D 261 -15.75 11.29 -26.65
N VAL D 262 -16.98 11.64 -26.31
CA VAL D 262 -17.66 12.70 -27.04
C VAL D 262 -17.01 14.06 -26.77
N CYS D 263 -16.61 14.32 -25.52
CA CYS D 263 -15.85 15.54 -25.26
C CYS D 263 -14.58 15.57 -26.10
N TYR D 264 -13.88 14.44 -26.20
CA TYR D 264 -12.68 14.39 -27.02
C TYR D 264 -13.02 14.65 -28.48
N ALA D 265 -14.17 14.16 -28.94
CA ALA D 265 -14.61 14.46 -30.30
C ALA D 265 -14.76 15.95 -30.51
N PHE D 266 -15.45 16.64 -29.60
CA PHE D 266 -15.67 18.08 -29.75
C PHE D 266 -14.34 18.85 -29.74
N VAL D 267 -13.42 18.47 -28.85
CA VAL D 267 -12.18 19.23 -28.74
C VAL D 267 -11.29 19.00 -29.96
N PHE D 268 -11.14 17.73 -30.35
CA PHE D 268 -10.36 17.43 -31.55
C PHE D 268 -10.99 18.06 -32.79
N SER D 269 -12.33 18.13 -32.84
CA SER D 269 -12.98 18.83 -33.94
C SER D 269 -12.66 20.32 -33.91
N ALA D 270 -12.53 20.90 -32.72
CA ALA D 270 -12.10 22.29 -32.66
C ALA D 270 -10.68 22.44 -33.22
N LEU D 271 -9.82 21.46 -32.97
CA LEU D 271 -8.49 21.48 -33.57
C LEU D 271 -8.58 21.42 -35.10
N ILE D 272 -9.40 20.51 -35.63
CA ILE D 272 -9.53 20.40 -37.08
C ILE D 272 -10.10 21.69 -37.67
N GLU D 273 -11.03 22.32 -36.96
CA GLU D 273 -11.57 23.60 -37.40
C GLU D 273 -10.48 24.66 -37.44
N PHE D 274 -9.68 24.76 -36.39
CA PHE D 274 -8.58 25.72 -36.39
C PHE D 274 -7.64 25.47 -37.56
N ALA D 275 -7.34 24.20 -37.87
CA ALA D 275 -6.44 23.90 -38.97
C ALA D 275 -7.05 24.27 -40.32
N THR D 276 -8.35 24.01 -40.50
CA THR D 276 -9.01 24.38 -41.76
C THR D 276 -9.05 25.90 -41.92
N VAL D 277 -9.51 26.60 -40.88
CA VAL D 277 -9.54 28.06 -40.92
C VAL D 277 -8.15 28.60 -41.23
N ASN D 278 -7.12 28.11 -40.53
CA ASN D 278 -5.77 28.54 -40.84
C ASN D 278 -5.41 28.22 -42.28
N TYR D 279 -5.94 27.12 -42.81
CA TYR D 279 -5.63 26.74 -44.18
C TYR D 279 -6.24 27.70 -45.20
N PHE D 280 -7.38 28.32 -44.87
CA PHE D 280 -8.06 29.19 -45.83
C PHE D 280 -7.94 30.68 -45.49
N THR D 281 -7.02 31.07 -44.62
CA THR D 281 -7.05 32.45 -44.15
C THR D 281 -6.50 33.42 -45.20
N LYS D 282 -5.39 33.09 -45.85
CA LYS D 282 -4.85 33.97 -46.89
C LYS D 282 -5.73 33.92 -48.14
N SER D 283 -5.80 32.75 -48.78
CA SER D 283 -6.71 32.58 -49.91
C SER D 283 -8.10 32.23 -49.40
N GLN D 284 -9.09 33.02 -49.81
CA GLN D 284 -10.49 32.80 -49.44
C GLN D 284 -10.74 33.12 -47.97
N PRO D 285 -10.41 34.33 -47.52
CA PRO D 285 -10.73 34.70 -46.14
C PRO D 285 -12.21 34.71 -45.87
N ALA D 286 -13.04 34.87 -46.90
CA ALA D 286 -14.48 34.77 -46.71
C ALA D 286 -14.86 33.37 -46.22
N ARG D 287 -14.23 32.34 -46.79
CA ARG D 287 -14.52 30.97 -46.40
C ARG D 287 -14.15 30.74 -44.94
N ALA D 288 -12.91 31.07 -44.57
CA ALA D 288 -12.47 30.95 -43.18
C ALA D 288 -13.43 31.68 -42.24
N ALA D 289 -13.77 32.93 -42.58
CA ALA D 289 -14.68 33.68 -41.74
C ALA D 289 -16.02 32.96 -41.59
N LYS D 290 -16.54 32.39 -42.68
CA LYS D 290 -17.79 31.65 -42.59
C LYS D 290 -17.64 30.44 -41.68
N ILE D 291 -16.49 29.77 -41.77
CA ILE D 291 -16.24 28.62 -40.91
C ILE D 291 -16.29 29.02 -39.44
N ASP D 292 -15.58 30.09 -39.06
CA ASP D 292 -15.64 30.51 -37.66
C ASP D 292 -17.05 30.97 -37.28
N ARG D 293 -17.72 31.70 -38.16
CA ARG D 293 -19.05 32.19 -37.84
C ARG D 293 -19.98 31.04 -37.52
N LEU D 294 -19.97 30.00 -38.35
CA LEU D 294 -20.86 28.86 -38.12
C LEU D 294 -20.40 28.07 -36.89
N SER D 295 -19.10 27.79 -36.80
CA SER D 295 -18.59 27.01 -35.67
C SER D 295 -19.00 27.63 -34.33
N ARG D 296 -18.88 28.95 -34.19
CA ARG D 296 -19.20 29.58 -32.90
C ARG D 296 -20.63 29.29 -32.45
N ILE D 297 -21.52 28.97 -33.38
CA ILE D 297 -22.89 28.62 -33.03
C ILE D 297 -23.10 27.12 -32.97
N ALA D 298 -22.52 26.38 -33.92
CA ALA D 298 -22.75 24.94 -34.00
C ALA D 298 -22.12 24.20 -32.83
N PHE D 299 -20.83 24.43 -32.58
CA PHE D 299 -20.16 23.62 -31.56
C PHE D 299 -20.91 23.67 -30.24
N PRO D 300 -21.09 24.85 -29.64
CA PRO D 300 -21.78 24.91 -28.35
C PRO D 300 -23.22 24.42 -28.41
N LEU D 301 -23.86 24.46 -29.58
CA LEU D 301 -25.21 23.94 -29.71
C LEU D 301 -25.21 22.40 -29.70
N LEU D 302 -24.40 21.78 -30.55
CA LEU D 302 -24.30 20.32 -30.52
C LEU D 302 -23.87 19.84 -29.14
N PHE D 303 -22.99 20.59 -28.47
CA PHE D 303 -22.55 20.19 -27.14
C PHE D 303 -23.68 20.32 -26.12
N GLY D 304 -24.44 21.42 -26.18
CA GLY D 304 -25.57 21.55 -25.28
C GLY D 304 -26.61 20.46 -25.47
N ILE D 305 -26.98 20.19 -26.72
CA ILE D 305 -27.92 19.11 -27.00
C ILE D 305 -27.38 17.78 -26.51
N PHE D 306 -26.10 17.50 -26.78
CA PHE D 306 -25.52 16.25 -26.30
C PHE D 306 -25.68 16.13 -24.79
N ASN D 307 -25.26 17.16 -24.04
CA ASN D 307 -25.44 17.12 -22.59
C ASN D 307 -26.89 16.90 -22.20
N LEU D 308 -27.83 17.48 -22.94
CA LEU D 308 -29.23 17.25 -22.60
C LEU D 308 -29.60 15.78 -22.73
N VAL D 309 -29.26 15.16 -23.86
CA VAL D 309 -29.57 13.76 -24.05
C VAL D 309 -28.86 12.89 -23.01
N TYR D 310 -27.60 13.20 -22.73
CA TYR D 310 -26.80 12.38 -21.83
C TYR D 310 -27.37 12.42 -20.41
N TRP D 311 -27.45 13.63 -19.83
CA TRP D 311 -27.92 13.74 -18.45
C TRP D 311 -29.38 13.33 -18.32
N ALA D 312 -30.19 13.56 -19.36
CA ALA D 312 -31.55 13.04 -19.33
C ALA D 312 -31.55 11.51 -19.27
N THR D 313 -30.63 10.88 -20.02
CA THR D 313 -30.62 9.42 -20.09
C THR D 313 -30.13 8.77 -18.81
N TYR D 314 -28.94 9.16 -18.34
CA TYR D 314 -28.32 8.45 -17.23
C TYR D 314 -28.77 8.94 -15.85
N LEU D 315 -29.77 9.81 -15.79
CA LEU D 315 -30.37 10.14 -14.50
C LEU D 315 -31.82 9.70 -14.48
N MET E 3 -16.96 -20.96 33.46
CA MET E 3 -17.96 -20.80 34.51
C MET E 3 -19.28 -20.33 33.89
N VAL E 4 -20.18 -19.81 34.73
CA VAL E 4 -21.46 -19.26 34.27
C VAL E 4 -21.69 -17.89 34.89
N SER E 5 -22.66 -17.18 34.34
CA SER E 5 -22.90 -15.80 34.72
C SER E 5 -23.41 -15.68 36.15
N PRO E 6 -23.15 -14.55 36.82
CA PRO E 6 -23.57 -14.36 38.21
C PRO E 6 -25.09 -14.32 38.33
N PRO E 7 -25.67 -15.20 39.15
CA PRO E 7 -27.12 -15.20 39.31
C PRO E 7 -27.59 -13.97 40.06
N PRO E 8 -28.80 -13.50 39.80
CA PRO E 8 -29.29 -12.25 40.42
C PRO E 8 -29.70 -12.47 41.86
N PRO E 9 -29.34 -11.54 42.75
CA PRO E 9 -29.84 -11.61 44.13
C PRO E 9 -31.32 -11.23 44.24
N ILE E 10 -31.69 -10.15 43.56
CA ILE E 10 -33.07 -9.67 43.53
C ILE E 10 -33.91 -10.57 42.62
N ALA E 11 -33.29 -11.63 42.10
CA ALA E 11 -33.97 -12.58 41.23
C ALA E 11 -34.38 -11.97 39.90
N ASP E 12 -34.53 -10.64 39.85
CA ASP E 12 -34.96 -9.99 38.62
C ASP E 12 -34.12 -8.75 38.32
N GLU E 13 -32.90 -8.73 38.79
CA GLU E 13 -32.09 -7.53 38.66
C GLU E 13 -31.10 -7.68 37.50
N PRO E 14 -30.98 -6.68 36.63
CA PRO E 14 -29.98 -6.78 35.57
C PRO E 14 -28.58 -6.62 36.14
N LEU E 15 -27.65 -7.41 35.60
CA LEU E 15 -26.24 -7.27 35.94
C LEU E 15 -25.66 -6.12 35.12
N THR E 16 -25.17 -5.07 35.79
CA THR E 16 -24.49 -3.99 35.09
C THR E 16 -22.98 -4.19 35.19
N VAL E 17 -22.30 -3.91 34.09
CA VAL E 17 -20.85 -3.95 34.00
C VAL E 17 -20.37 -2.51 33.82
N ASN E 18 -19.57 -2.03 34.77
CA ASN E 18 -19.04 -0.68 34.73
C ASN E 18 -17.82 -0.61 33.83
N THR E 19 -17.90 0.21 32.78
CA THR E 19 -16.87 0.26 31.75
C THR E 19 -16.10 1.57 31.83
N GLY E 20 -14.86 1.52 31.39
CA GLY E 20 -14.04 2.71 31.22
C GLY E 20 -12.95 2.46 30.20
N ILE E 21 -12.62 3.46 29.40
CA ILE E 21 -11.54 3.37 28.42
C ILE E 21 -10.55 4.49 28.72
N TYR E 22 -9.27 4.16 28.72
CA TYR E 22 -8.23 5.16 28.95
C TYR E 22 -7.25 5.14 27.77
N LEU E 23 -7.28 6.21 26.97
CA LEU E 23 -6.48 6.27 25.75
C LEU E 23 -5.00 6.38 26.08
N ILE E 24 -4.19 5.48 25.53
CA ILE E 24 -2.75 5.52 25.68
C ILE E 24 -2.07 6.11 24.45
N GLU E 25 -2.52 5.68 23.27
CA GLU E 25 -1.96 6.03 21.99
C GLU E 25 -3.10 6.21 20.99
N CYS E 26 -3.02 7.26 20.17
CA CYS E 26 -4.05 7.53 19.17
C CYS E 26 -3.36 7.90 17.88
N TYR E 27 -3.62 7.17 16.81
CA TYR E 27 -2.86 7.38 15.59
C TYR E 27 -3.64 6.96 14.34
N SER E 28 -3.08 7.33 13.19
CA SER E 28 -3.55 6.90 11.86
C SER E 28 -5.00 7.30 11.61
N LEU E 29 -5.32 8.57 11.83
CA LEU E 29 -6.62 9.09 11.43
C LEU E 29 -6.62 9.28 9.91
N ASP E 30 -7.30 8.38 9.21
CA ASP E 30 -7.31 8.31 7.76
C ASP E 30 -8.61 8.92 7.24
N ASP E 31 -8.50 10.10 6.63
CA ASP E 31 -9.71 10.76 6.14
C ASP E 31 -10.38 9.96 5.03
N LYS E 32 -9.61 9.34 4.15
CA LYS E 32 -10.18 8.63 3.01
C LYS E 32 -10.83 7.32 3.46
N ALA E 33 -10.21 6.62 4.40
CA ALA E 33 -10.78 5.39 4.92
C ALA E 33 -11.79 5.64 6.01
N GLU E 34 -11.85 6.86 6.55
CA GLU E 34 -12.71 7.17 7.68
C GLU E 34 -12.51 6.16 8.81
N THR E 35 -11.23 5.90 9.11
CA THR E 35 -10.84 5.01 10.19
C THR E 35 -9.72 5.66 11.01
N PHE E 36 -9.59 5.20 12.25
CA PHE E 36 -8.44 5.57 13.06
C PHE E 36 -8.10 4.42 13.99
N LYS E 37 -6.87 4.40 14.45
CA LYS E 37 -6.38 3.34 15.31
C LYS E 37 -6.22 3.87 16.74
N VAL E 38 -6.59 3.02 17.71
CA VAL E 38 -6.59 3.40 19.11
C VAL E 38 -5.93 2.28 19.92
N ASN E 39 -5.19 2.67 20.96
CA ASN E 39 -4.55 1.75 21.88
C ASN E 39 -4.83 2.26 23.29
N ALA E 40 -5.54 1.45 24.10
CA ALA E 40 -6.11 1.97 25.33
C ALA E 40 -6.27 0.88 26.39
N PHE E 41 -6.61 1.31 27.61
CA PHE E 41 -7.10 0.44 28.66
C PHE E 41 -8.61 0.27 28.51
N LEU E 42 -9.07 -0.97 28.66
CA LEU E 42 -10.48 -1.28 28.87
C LEU E 42 -10.62 -1.85 30.27
N SER E 43 -11.46 -1.21 31.08
CA SER E 43 -11.70 -1.65 32.44
C SER E 43 -13.17 -2.00 32.56
N LEU E 44 -13.45 -3.18 33.11
CA LEU E 44 -14.81 -3.63 33.36
C LEU E 44 -14.92 -4.00 34.83
N SER E 45 -16.10 -3.80 35.42
CA SER E 45 -16.24 -4.03 36.84
C SER E 45 -17.67 -4.49 37.12
N TRP E 46 -17.83 -5.62 37.81
CA TRP E 46 -19.17 -6.15 38.06
C TRP E 46 -19.19 -6.97 39.35
N LYS E 47 -20.37 -7.41 39.76
CA LYS E 47 -20.52 -8.13 41.02
C LYS E 47 -20.89 -9.59 40.77
N ASP E 48 -20.08 -10.51 41.29
CA ASP E 48 -20.36 -11.95 41.26
C ASP E 48 -20.25 -12.49 42.70
N ARG E 49 -21.37 -12.52 43.41
CA ARG E 49 -21.32 -12.86 44.83
C ARG E 49 -20.66 -14.21 45.08
N ARG E 50 -20.69 -15.11 44.10
CA ARG E 50 -20.03 -16.41 44.25
C ARG E 50 -18.57 -16.28 44.60
N LEU E 51 -17.94 -15.18 44.24
CA LEU E 51 -16.52 -14.99 44.50
C LEU E 51 -16.26 -14.25 45.80
N ALA E 52 -17.31 -13.81 46.47
CA ALA E 52 -17.18 -13.15 47.75
C ALA E 52 -16.47 -14.07 48.74
N PHE E 53 -15.99 -13.46 49.81
CA PHE E 53 -15.23 -14.18 50.83
C PHE E 53 -15.17 -13.32 52.09
N ASP E 54 -14.85 -13.97 53.19
CA ASP E 54 -14.71 -13.26 54.46
C ASP E 54 -13.41 -12.48 54.48
N PRO E 55 -13.43 -11.16 54.65
CA PRO E 55 -12.18 -10.40 54.69
C PRO E 55 -11.33 -10.66 55.92
N VAL E 56 -11.88 -11.24 56.98
CA VAL E 56 -11.16 -11.48 58.22
C VAL E 56 -10.67 -12.92 58.32
N ARG E 57 -11.55 -13.88 58.04
CA ARG E 57 -11.10 -15.27 57.95
C ARG E 57 -10.03 -15.43 56.87
N SER E 58 -10.27 -14.88 55.69
CA SER E 58 -9.23 -14.79 54.66
C SER E 58 -8.36 -13.55 54.94
N GLY E 59 -7.09 -13.78 55.23
CA GLY E 59 -6.20 -12.69 55.60
C GLY E 59 -5.86 -11.77 54.44
N VAL E 60 -6.51 -11.97 53.30
CA VAL E 60 -6.22 -11.23 52.08
C VAL E 60 -7.32 -10.20 51.85
N ARG E 61 -6.94 -9.03 51.33
CA ARG E 61 -7.89 -7.95 51.07
C ARG E 61 -8.55 -8.03 49.70
N VAL E 62 -7.96 -8.72 48.72
CA VAL E 62 -8.56 -8.70 47.39
C VAL E 62 -8.56 -10.09 46.75
N LYS E 63 -7.38 -10.67 46.54
CA LYS E 63 -7.29 -11.92 45.78
C LYS E 63 -7.51 -11.69 44.28
N THR E 64 -6.74 -12.39 43.45
CA THR E 64 -6.72 -12.17 42.02
C THR E 64 -6.90 -13.50 41.28
N TYR E 65 -7.69 -13.46 40.21
CA TYR E 65 -7.99 -14.65 39.43
C TYR E 65 -7.42 -14.51 38.03
N GLU E 66 -7.24 -15.59 37.41
CA GLU E 66 -6.97 -15.65 35.99
C GLU E 66 -8.28 -15.75 35.20
N PRO E 67 -8.29 -15.24 33.97
CA PRO E 67 -9.55 -15.16 33.21
C PRO E 67 -10.25 -16.50 33.06
N GLU E 68 -9.50 -17.60 33.00
CA GLU E 68 -10.11 -18.92 32.92
C GLU E 68 -10.82 -19.30 34.20
N ALA E 69 -10.42 -18.70 35.34
CA ALA E 69 -10.94 -19.15 36.63
C ALA E 69 -12.38 -18.69 36.86
N ILE E 70 -12.72 -17.47 36.42
CA ILE E 70 -14.01 -16.89 36.76
C ILE E 70 -14.75 -16.49 35.49
N TRP E 71 -16.06 -16.32 35.64
CA TRP E 71 -16.89 -15.80 34.56
C TRP E 71 -16.55 -14.34 34.29
N ILE E 72 -16.38 -14.00 33.02
CA ILE E 72 -16.08 -12.64 32.57
C ILE E 72 -17.04 -12.25 31.46
N PRO E 73 -17.63 -11.05 31.49
CA PRO E 73 -18.59 -10.69 30.43
C PRO E 73 -17.90 -10.53 29.07
N GLU E 74 -18.56 -11.06 28.04
CA GLU E 74 -18.13 -10.90 26.64
C GLU E 74 -18.51 -9.51 26.15
N ILE E 75 -17.54 -8.60 26.10
CA ILE E 75 -17.75 -7.23 25.66
C ILE E 75 -17.15 -7.04 24.28
N ARG E 76 -17.96 -6.57 23.32
CA ARG E 76 -17.53 -6.38 21.94
C ARG E 76 -17.60 -4.91 21.54
N PHE E 77 -16.70 -4.51 20.64
CA PHE E 77 -16.84 -3.23 19.96
C PHE E 77 -17.71 -3.41 18.73
N VAL E 78 -18.53 -2.40 18.43
CA VAL E 78 -19.41 -2.44 17.27
C VAL E 78 -18.70 -1.95 16.01
N ASN E 79 -18.35 -0.66 15.98
CA ASN E 79 -17.86 -0.02 14.75
C ASN E 79 -16.35 -0.23 14.59
N VAL E 80 -15.98 -1.49 14.47
CA VAL E 80 -14.56 -1.84 14.37
C VAL E 80 -14.43 -2.82 13.22
N GLU E 81 -13.22 -2.91 12.65
CA GLU E 81 -13.02 -3.71 11.46
C GLU E 81 -12.79 -5.18 11.78
N ASN E 82 -11.82 -5.47 12.64
CA ASN E 82 -11.66 -6.78 13.23
C ASN E 82 -11.91 -6.69 14.74
N ALA E 83 -12.14 -7.84 15.36
CA ALA E 83 -12.12 -7.89 16.82
C ALA E 83 -10.80 -7.34 17.33
N ARG E 84 -10.86 -6.60 18.43
CA ARG E 84 -9.67 -5.99 19.01
C ARG E 84 -8.65 -7.05 19.41
N ASP E 85 -7.40 -6.61 19.56
CA ASP E 85 -6.34 -7.42 20.16
C ASP E 85 -6.11 -6.92 21.58
N ALA E 86 -6.37 -7.78 22.55
CA ALA E 86 -6.34 -7.41 23.96
C ALA E 86 -5.43 -8.35 24.74
N ASP E 87 -4.71 -7.78 25.70
CA ASP E 87 -3.94 -8.53 26.69
C ASP E 87 -4.54 -8.23 28.06
N VAL E 88 -5.04 -9.27 28.74
CA VAL E 88 -5.55 -9.05 30.09
C VAL E 88 -4.41 -8.58 30.97
N VAL E 89 -4.67 -7.52 31.72
CA VAL E 89 -3.68 -6.91 32.60
C VAL E 89 -3.86 -7.38 34.03
N ASP E 90 -5.09 -7.34 34.53
CA ASP E 90 -5.31 -7.65 35.94
C ASP E 90 -6.76 -7.99 36.17
N ILE E 91 -6.99 -8.88 37.16
CA ILE E 91 -8.32 -9.22 37.64
C ILE E 91 -8.25 -9.27 39.16
N SER E 92 -9.01 -8.41 39.83
CA SER E 92 -9.00 -8.33 41.29
C SER E 92 -10.44 -8.44 41.78
N VAL E 93 -10.71 -9.43 42.62
CA VAL E 93 -12.04 -9.55 43.22
C VAL E 93 -12.01 -8.93 44.59
N SER E 94 -13.15 -8.39 45.00
CA SER E 94 -13.25 -7.81 46.33
C SER E 94 -13.95 -8.78 47.29
N PRO E 95 -13.79 -8.57 48.60
CA PRO E 95 -14.45 -9.46 49.56
C PRO E 95 -15.94 -9.58 49.33
N ASP E 96 -16.60 -8.51 48.88
CA ASP E 96 -18.03 -8.54 48.62
C ASP E 96 -18.39 -9.20 47.30
N GLY E 97 -17.41 -9.54 46.47
CA GLY E 97 -17.65 -10.16 45.18
C GLY E 97 -17.52 -9.24 43.99
N THR E 98 -16.95 -8.05 44.17
CA THR E 98 -16.79 -7.07 43.10
C THR E 98 -15.51 -7.36 42.32
N VAL E 99 -15.67 -7.71 41.05
CA VAL E 99 -14.58 -7.96 40.12
C VAL E 99 -14.19 -6.65 39.42
N GLN E 100 -12.89 -6.36 39.43
CA GLN E 100 -12.26 -5.29 38.67
C GLN E 100 -11.32 -5.92 37.65
N TYR E 101 -11.71 -5.82 36.38
CA TYR E 101 -11.00 -6.38 35.24
C TYR E 101 -10.34 -5.24 34.46
N LEU E 102 -9.11 -5.47 34.03
CA LEU E 102 -8.33 -4.47 33.30
C LEU E 102 -7.56 -5.17 32.18
N GLU E 103 -7.77 -4.70 30.95
CA GLU E 103 -7.06 -5.15 29.77
C GLU E 103 -6.48 -3.94 29.01
N ARG E 104 -5.46 -4.19 28.21
CA ARG E 104 -4.98 -3.21 27.25
C ARG E 104 -5.26 -3.76 25.86
N PHE E 105 -5.88 -2.94 25.01
CA PHE E 105 -6.30 -3.38 23.69
C PHE E 105 -5.86 -2.36 22.63
N SER E 106 -5.70 -2.85 21.42
CA SER E 106 -5.55 -1.98 20.27
C SER E 106 -6.63 -2.37 19.26
N ALA E 107 -7.10 -1.38 18.51
CA ALA E 107 -8.17 -1.66 17.54
C ALA E 107 -8.15 -0.61 16.44
N ARG E 108 -8.67 -1.03 15.28
CA ARG E 108 -8.92 -0.15 14.15
C ARG E 108 -10.41 0.17 14.12
N VAL E 109 -10.76 1.39 14.53
CA VAL E 109 -12.13 1.89 14.59
C VAL E 109 -12.52 2.54 13.27
N LEU E 110 -13.77 2.29 12.85
CA LEU E 110 -14.36 2.83 11.63
C LEU E 110 -15.45 3.83 12.01
N SER E 111 -15.21 5.10 11.76
CA SER E 111 -16.16 6.13 12.17
C SER E 111 -16.29 7.21 11.09
N PRO E 112 -17.50 7.50 10.63
CA PRO E 112 -17.65 8.44 9.50
C PRO E 112 -17.44 9.89 9.91
N LEU E 113 -16.87 10.65 8.97
CA LEU E 113 -16.49 12.04 9.18
C LEU E 113 -17.41 12.96 8.38
N ASP E 114 -17.60 14.18 8.88
CA ASP E 114 -18.44 15.17 8.20
C ASP E 114 -17.53 16.21 7.53
N PHE E 115 -17.36 16.11 6.22
CA PHE E 115 -16.40 16.96 5.53
C PHE E 115 -17.00 18.27 5.01
N ARG E 116 -18.27 18.55 5.31
CA ARG E 116 -18.91 19.73 4.74
C ARG E 116 -18.14 21.00 5.05
N ARG E 117 -17.66 21.14 6.28
CA ARG E 117 -16.93 22.31 6.74
C ARG E 117 -15.42 22.19 6.53
N TYR E 118 -14.97 21.14 5.86
CA TYR E 118 -13.55 20.86 5.71
C TYR E 118 -12.87 21.96 4.89
N PRO E 119 -11.62 22.33 5.23
CA PRO E 119 -10.75 21.76 6.26
C PRO E 119 -10.88 22.46 7.61
N PHE E 120 -12.01 23.14 7.82
CA PHE E 120 -12.31 23.80 9.10
C PHE E 120 -13.25 22.98 9.96
N ASP E 121 -13.12 21.65 9.89
CA ASP E 121 -14.11 20.75 10.44
C ASP E 121 -13.74 20.30 11.85
N SER E 122 -14.77 20.03 12.65
CA SER E 122 -14.64 19.24 13.87
C SER E 122 -15.36 17.91 13.67
N GLN E 123 -14.89 16.88 14.36
CA GLN E 123 -15.49 15.57 14.28
C GLN E 123 -15.71 15.01 15.68
N THR E 124 -16.66 14.09 15.76
CA THR E 124 -16.83 13.21 16.92
C THR E 124 -16.49 11.80 16.42
N LEU E 125 -15.32 11.30 16.79
CA LEU E 125 -15.04 9.88 16.60
C LEU E 125 -15.80 9.10 17.66
N HIS E 126 -16.46 8.02 17.26
CA HIS E 126 -17.23 7.17 18.17
C HIS E 126 -16.55 5.82 18.35
N ILE E 127 -16.62 5.31 19.58
CA ILE E 127 -16.24 3.95 19.88
C ILE E 127 -17.42 3.37 20.64
N TYR E 128 -18.12 2.41 20.04
CA TYR E 128 -19.31 1.82 20.64
C TYR E 128 -18.97 0.50 21.34
N LEU E 129 -19.19 0.45 22.66
CA LEU E 129 -19.14 -0.81 23.39
C LEU E 129 -20.52 -1.47 23.39
N ILE E 130 -20.53 -2.80 23.41
CA ILE E 130 -21.80 -3.52 23.39
C ILE E 130 -21.64 -4.84 24.11
N VAL E 131 -22.74 -5.28 24.75
CA VAL E 131 -22.79 -6.59 25.37
C VAL E 131 -24.17 -7.19 25.09
N ARG E 132 -24.20 -8.49 24.83
CA ARG E 132 -25.42 -9.22 24.53
C ARG E 132 -25.84 -10.03 25.75
N SER E 133 -27.13 -9.94 26.12
CA SER E 133 -27.62 -10.62 27.30
C SER E 133 -27.72 -12.13 27.10
N VAL E 134 -27.43 -12.88 28.16
CA VAL E 134 -27.53 -14.32 28.16
C VAL E 134 -28.94 -14.74 28.58
N ASP E 135 -29.22 -16.05 28.55
CA ASP E 135 -30.56 -16.52 28.86
C ASP E 135 -30.85 -16.44 30.35
N THR E 136 -29.83 -16.58 31.19
CA THR E 136 -30.04 -16.56 32.64
C THR E 136 -30.22 -15.15 33.18
N ARG E 137 -29.60 -14.14 32.57
CA ARG E 137 -29.66 -12.80 33.11
C ARG E 137 -29.48 -11.77 31.99
N ASN E 138 -30.15 -10.63 32.15
CA ASN E 138 -29.89 -9.49 31.29
C ASN E 138 -28.66 -8.76 31.80
N ILE E 139 -27.83 -8.31 30.86
CA ILE E 139 -26.59 -7.62 31.19
C ILE E 139 -26.66 -6.23 30.55
N VAL E 140 -26.30 -5.22 31.32
CA VAL E 140 -26.46 -3.82 30.94
C VAL E 140 -25.15 -3.09 31.19
N LEU E 141 -24.78 -2.21 30.26
CA LEU E 141 -23.54 -1.46 30.37
C LEU E 141 -23.74 -0.13 31.08
N ALA E 142 -22.69 0.33 31.76
CA ALA E 142 -22.69 1.63 32.40
C ALA E 142 -21.28 2.19 32.35
N VAL E 143 -21.14 3.45 32.76
CA VAL E 143 -19.90 4.19 32.57
C VAL E 143 -19.38 4.63 33.93
N ASP E 144 -18.17 4.18 34.27
CA ASP E 144 -17.43 4.60 35.47
C ASP E 144 -16.50 5.75 35.09
N LEU E 145 -16.90 6.99 35.41
CA LEU E 145 -16.12 8.15 35.00
C LEU E 145 -14.71 8.15 35.59
N GLU E 146 -14.52 7.61 36.78
CA GLU E 146 -13.18 7.50 37.33
C GLU E 146 -12.24 6.77 36.39
N LYS E 147 -12.76 5.92 35.51
CA LYS E 147 -11.97 5.05 34.66
C LYS E 147 -11.94 5.51 33.19
N VAL E 148 -12.36 6.73 32.90
CA VAL E 148 -12.36 7.26 31.55
C VAL E 148 -11.38 8.43 31.47
N GLY E 149 -10.63 8.49 30.37
CA GLY E 149 -9.66 9.54 30.20
C GLY E 149 -8.71 9.19 29.07
N LYS E 150 -7.64 9.98 28.98
CA LYS E 150 -6.62 9.78 27.96
C LYS E 150 -5.31 10.36 28.46
N ASN E 151 -4.21 9.71 28.12
CA ASN E 151 -2.89 10.24 28.48
C ASN E 151 -2.65 11.60 27.82
N ASP E 152 -1.87 12.43 28.50
CA ASP E 152 -1.62 13.78 27.99
C ASP E 152 -0.77 13.75 26.73
N ASP E 153 0.16 12.81 26.62
CA ASP E 153 1.03 12.74 25.44
C ASP E 153 0.35 12.00 24.29
N VAL E 154 -0.97 12.08 24.21
CA VAL E 154 -1.74 11.53 23.10
C VAL E 154 -1.85 12.58 22.01
N PHE E 155 -1.49 12.22 20.78
CA PHE E 155 -1.46 13.18 19.68
C PHE E 155 -2.01 12.58 18.40
N LEU E 156 -2.83 13.36 17.69
CA LEU E 156 -3.17 13.15 16.28
C LEU E 156 -2.55 14.30 15.51
N THR E 157 -1.51 14.01 14.72
CA THR E 157 -0.66 15.04 14.14
C THR E 157 -1.45 16.13 13.43
N GLY E 158 -2.52 15.77 12.72
CA GLY E 158 -3.17 16.89 12.06
C GLY E 158 -4.29 17.58 12.83
N TRP E 159 -4.47 17.27 14.11
CA TRP E 159 -5.70 17.64 14.81
C TRP E 159 -5.42 18.15 16.21
N ASP E 160 -6.38 18.91 16.72
CA ASP E 160 -6.48 19.22 18.15
C ASP E 160 -7.48 18.28 18.80
N ILE E 161 -7.07 17.65 19.90
CA ILE E 161 -7.93 16.75 20.65
C ILE E 161 -8.62 17.55 21.75
N GLU E 162 -9.95 17.62 21.68
CA GLU E 162 -10.73 18.42 22.61
C GLU E 162 -11.01 17.65 23.90
N SER E 163 -11.65 16.49 23.77
CA SER E 163 -12.16 15.77 24.93
C SER E 163 -12.42 14.32 24.55
N PHE E 164 -12.37 13.46 25.57
CA PHE E 164 -12.75 12.06 25.43
C PHE E 164 -13.73 11.78 26.57
N THR E 165 -15.00 11.61 26.23
CA THR E 165 -16.07 11.44 27.21
C THR E 165 -16.95 10.28 26.78
N ALA E 166 -17.86 9.89 27.67
CA ALA E 166 -18.80 8.81 27.37
C ALA E 166 -20.22 9.26 27.67
N VAL E 167 -21.16 8.81 26.86
CA VAL E 167 -22.58 9.04 27.11
C VAL E 167 -23.02 8.01 28.14
N VAL E 168 -23.47 8.47 29.30
CA VAL E 168 -23.65 7.58 30.44
C VAL E 168 -24.83 6.62 30.23
N LYS E 169 -25.95 7.10 29.72
CA LYS E 169 -27.11 6.22 29.50
C LYS E 169 -26.87 5.37 28.25
N PRO E 170 -26.87 4.05 28.35
CA PRO E 170 -26.64 3.22 27.17
C PRO E 170 -27.91 3.03 26.36
N ALA E 171 -27.71 2.58 25.12
CA ALA E 171 -28.81 2.21 24.24
C ALA E 171 -29.06 0.72 24.42
N ASN E 172 -30.20 0.39 25.01
CA ASN E 172 -30.60 -1.00 25.19
C ASN E 172 -31.69 -1.33 24.18
N PHE E 173 -31.55 -2.46 23.50
CA PHE E 173 -32.52 -2.77 22.46
C PHE E 173 -32.52 -4.26 22.20
N ALA E 174 -33.54 -4.71 21.49
CA ALA E 174 -33.64 -6.11 21.13
C ALA E 174 -32.96 -6.34 19.80
N LEU E 175 -32.17 -7.41 19.74
CA LEU E 175 -31.50 -7.83 18.52
C LEU E 175 -31.52 -9.35 18.47
N GLU E 176 -32.11 -9.90 17.43
CA GLU E 176 -32.24 -11.34 17.25
C GLU E 176 -32.66 -12.00 18.56
N ASP E 177 -33.69 -11.41 19.18
CA ASP E 177 -34.39 -11.98 20.33
C ASP E 177 -33.58 -11.93 21.62
N ARG E 178 -32.57 -11.06 21.73
CA ARG E 178 -31.90 -10.87 23.00
C ARG E 178 -31.58 -9.39 23.20
N LEU E 179 -31.43 -9.00 24.45
CA LEU E 179 -31.12 -7.60 24.76
C LEU E 179 -29.65 -7.33 24.56
N GLU E 180 -29.36 -6.25 23.84
CA GLU E 180 -28.02 -5.70 23.69
C GLU E 180 -27.96 -4.34 24.38
N SER E 181 -26.81 -4.04 24.98
CA SER E 181 -26.57 -2.81 25.70
C SER E 181 -25.33 -2.16 25.10
N LYS E 182 -25.47 -0.92 24.62
CA LYS E 182 -24.45 -0.27 23.82
C LYS E 182 -24.11 1.10 24.40
N LEU E 183 -22.83 1.34 24.65
CA LEU E 183 -22.33 2.63 25.11
C LEU E 183 -21.60 3.36 23.98
N ASP E 184 -21.66 4.68 24.05
CA ASP E 184 -21.09 5.56 23.03
C ASP E 184 -19.98 6.38 23.68
N TYR E 185 -18.73 5.97 23.43
CA TYR E 185 -17.56 6.78 23.78
C TYR E 185 -17.23 7.74 22.64
N GLN E 186 -16.94 8.99 23.00
CA GLN E 186 -16.82 10.07 22.02
C GLN E 186 -15.50 10.82 22.19
N LEU E 187 -14.69 10.81 21.13
CA LEU E 187 -13.46 11.60 21.02
C LEU E 187 -13.73 12.80 20.12
N ARG E 188 -13.80 14.00 20.70
CA ARG E 188 -14.03 15.22 19.93
C ARG E 188 -12.70 15.81 19.48
N ILE E 189 -12.61 16.13 18.18
CA ILE E 189 -11.38 16.65 17.60
C ILE E 189 -11.72 17.76 16.62
N SER E 190 -10.76 18.64 16.38
CA SER E 190 -10.96 19.67 15.38
C SER E 190 -9.70 19.81 14.54
N ARG E 191 -9.89 19.95 13.24
CA ARG E 191 -8.78 19.88 12.31
C ARG E 191 -7.92 21.14 12.39
N GLN E 192 -6.62 20.95 12.18
CA GLN E 192 -5.66 22.05 12.08
C GLN E 192 -5.53 22.41 10.60
N TYR E 193 -6.17 23.52 10.20
CA TYR E 193 -6.31 23.84 8.80
C TYR E 193 -5.04 24.44 8.19
N GLY E 194 -4.11 24.89 9.03
CA GLY E 194 -2.97 25.63 8.52
C GLY E 194 -2.23 24.93 7.40
N TYR E 195 -2.01 23.63 7.54
CA TYR E 195 -1.34 22.89 6.47
C TYR E 195 -1.98 23.20 5.11
N PHE E 196 -3.31 23.08 5.04
CA PHE E 196 -3.99 23.25 3.77
C PHE E 196 -3.85 24.67 3.22
N VAL E 197 -3.72 25.67 4.11
CA VAL E 197 -3.52 27.03 3.65
C VAL E 197 -2.35 27.11 2.69
N ILE E 198 -1.26 26.41 3.01
CA ILE E 198 -0.09 26.48 2.14
C ILE E 198 -0.01 25.30 1.19
N GLN E 199 -1.00 24.41 1.23
CA GLN E 199 -1.03 23.29 0.31
C GLN E 199 -1.95 23.54 -0.86
N THR E 200 -3.01 24.30 -0.62
CA THR E 200 -4.05 24.52 -1.61
C THR E 200 -4.49 25.97 -1.66
N TYR E 201 -4.71 26.60 -0.50
CA TYR E 201 -5.25 27.94 -0.49
C TYR E 201 -4.29 28.94 -1.11
N LEU E 202 -2.98 28.82 -0.80
CA LEU E 202 -1.99 29.71 -1.39
C LEU E 202 -1.84 29.47 -2.88
N PRO E 203 -1.61 28.26 -3.37
CA PRO E 203 -1.58 28.05 -4.83
C PRO E 203 -2.80 28.63 -5.52
N CYS E 204 -3.97 28.55 -4.90
CA CYS E 204 -5.17 29.09 -5.51
C CYS E 204 -5.13 30.61 -5.55
N ILE E 205 -4.82 31.25 -4.41
CA ILE E 205 -4.80 32.71 -4.35
C ILE E 205 -3.76 33.28 -5.29
N MET E 206 -2.55 32.70 -5.28
CA MET E 206 -1.50 33.15 -6.21
C MET E 206 -1.89 32.89 -7.65
N THR E 207 -2.56 31.78 -7.94
CA THR E 207 -2.96 31.55 -9.32
C THR E 207 -4.02 32.56 -9.78
N VAL E 208 -4.91 32.98 -8.88
CA VAL E 208 -5.88 34.02 -9.24
C VAL E 208 -5.14 35.33 -9.55
N ILE E 209 -4.19 35.70 -8.68
CA ILE E 209 -3.39 36.90 -8.90
C ILE E 209 -2.67 36.82 -10.24
N LEU E 210 -2.00 35.68 -10.49
CA LEU E 210 -1.32 35.47 -11.76
C LEU E 210 -2.25 35.69 -12.95
N SER E 211 -3.47 35.14 -12.88
CA SER E 211 -4.42 35.37 -13.96
C SER E 211 -4.72 36.86 -14.12
N GLN E 212 -4.71 37.62 -13.02
CA GLN E 212 -5.01 39.05 -13.12
C GLN E 212 -3.87 39.85 -13.71
N VAL E 213 -2.63 39.39 -13.58
CA VAL E 213 -1.52 40.13 -14.20
C VAL E 213 -1.74 40.35 -15.69
N SER E 214 -2.51 39.47 -16.34
CA SER E 214 -2.68 39.60 -17.79
C SER E 214 -3.31 40.93 -18.19
N PHE E 215 -4.12 41.53 -17.31
CA PHE E 215 -4.81 42.78 -17.64
C PHE E 215 -3.85 43.94 -17.85
N TRP E 216 -2.61 43.82 -17.38
CA TRP E 216 -1.61 44.87 -17.50
C TRP E 216 -0.67 44.68 -18.69
N LEU E 217 -0.75 43.55 -19.37
CA LEU E 217 0.05 43.33 -20.55
C LEU E 217 -0.57 44.03 -21.74
N ASN E 218 0.29 44.47 -22.65
CA ASN E 218 -0.16 45.12 -23.87
C ASN E 218 -1.22 44.28 -24.58
N ARG E 219 -2.30 44.94 -25.01
CA ARG E 219 -3.41 44.23 -25.64
C ARG E 219 -3.01 43.59 -26.97
N GLU E 220 -1.97 44.11 -27.63
CA GLU E 220 -1.54 43.61 -28.93
C GLU E 220 -0.74 42.31 -28.85
N SER E 221 -0.10 42.03 -27.70
CA SER E 221 0.65 40.80 -27.50
C SER E 221 -0.32 39.70 -27.06
N VAL E 222 -1.06 39.19 -28.04
CA VAL E 222 -2.14 38.24 -27.83
C VAL E 222 -1.61 36.92 -27.29
N PRO E 223 -0.53 36.37 -27.84
CA PRO E 223 -0.03 35.08 -27.32
C PRO E 223 0.34 35.13 -25.85
N ALA E 224 1.05 36.18 -25.41
CA ALA E 224 1.41 36.30 -24.00
C ALA E 224 0.17 36.21 -23.10
N ARG E 225 -0.82 37.06 -23.36
CA ARG E 225 -2.03 37.01 -22.57
C ARG E 225 -2.70 35.63 -22.68
N THR E 226 -2.62 35.01 -23.85
CA THR E 226 -3.19 33.67 -24.02
C THR E 226 -2.51 32.68 -23.08
N VAL E 227 -1.18 32.72 -23.01
CA VAL E 227 -0.44 31.84 -22.12
C VAL E 227 -0.89 32.06 -20.68
N PHE E 228 -0.97 33.32 -20.26
CA PHE E 228 -1.44 33.62 -18.91
C PHE E 228 -2.80 32.99 -18.63
N VAL E 229 -3.77 33.32 -19.46
CA VAL E 229 -5.15 32.90 -19.22
C VAL E 229 -5.26 31.37 -19.21
N VAL E 230 -4.68 30.72 -20.22
CA VAL E 230 -4.84 29.29 -20.39
C VAL E 230 -4.13 28.53 -19.27
N THR E 231 -2.87 28.87 -18.99
CA THR E 231 -2.20 28.12 -17.94
C THR E 231 -2.87 28.32 -16.59
N THR E 232 -3.40 29.52 -16.31
CA THR E 232 -4.08 29.67 -15.01
C THR E 232 -5.37 28.86 -14.95
N VAL E 233 -6.11 28.75 -16.05
CA VAL E 233 -7.32 27.91 -16.02
C VAL E 233 -6.94 26.45 -15.77
N LEU E 234 -5.94 25.94 -16.50
CA LEU E 234 -5.57 24.54 -16.30
C LEU E 234 -4.99 24.30 -14.90
N THR E 235 -4.24 25.25 -14.37
CA THR E 235 -3.74 25.14 -13.01
C THR E 235 -4.88 25.04 -12.00
N MET E 236 -5.89 25.90 -12.15
CA MET E 236 -7.04 25.82 -11.25
C MET E 236 -7.68 24.44 -11.31
N THR E 237 -7.91 23.91 -12.52
CA THR E 237 -8.48 22.56 -12.61
C THR E 237 -7.60 21.53 -11.90
N THR E 238 -6.28 21.60 -12.15
CA THR E 238 -5.39 20.63 -11.54
C THR E 238 -5.46 20.70 -10.02
N LEU E 239 -5.46 21.90 -9.45
CA LEU E 239 -5.56 22.05 -8.00
C LEU E 239 -6.89 21.51 -7.47
N SER E 240 -7.98 21.76 -8.20
CA SER E 240 -9.26 21.20 -7.79
C SER E 240 -9.16 19.68 -7.66
N ILE E 241 -8.72 18.99 -8.73
CA ILE E 241 -8.64 17.54 -8.70
C ILE E 241 -7.70 17.07 -7.59
N SER E 242 -6.48 17.61 -7.56
CA SER E 242 -5.53 17.28 -6.51
C SER E 242 -6.18 17.39 -5.12
N ALA E 243 -6.85 18.51 -4.86
CA ALA E 243 -7.42 18.75 -3.54
C ALA E 243 -8.48 17.71 -3.20
N ARG E 244 -9.40 17.46 -4.14
CA ARG E 244 -10.42 16.46 -3.83
C ARG E 244 -9.86 15.06 -3.71
N ASN E 245 -8.63 14.81 -4.15
CA ASN E 245 -8.07 13.47 -3.98
C ASN E 245 -7.80 13.11 -2.52
N SER E 246 -7.81 14.08 -1.61
CA SER E 246 -7.57 13.75 -0.20
C SER E 246 -8.79 13.17 0.48
N LEU E 247 -9.97 13.32 -0.10
CA LEU E 247 -11.19 13.00 0.59
C LEU E 247 -11.76 11.68 0.12
N PRO E 248 -12.65 11.08 0.92
CA PRO E 248 -13.45 9.97 0.43
C PRO E 248 -14.46 10.50 -0.59
N LYS E 249 -15.12 9.57 -1.29
CA LYS E 249 -16.01 9.97 -2.37
C LYS E 249 -17.33 10.49 -1.81
N VAL E 250 -17.23 11.60 -1.08
CA VAL E 250 -18.42 12.23 -0.54
C VAL E 250 -19.17 12.94 -1.66
N ALA E 251 -20.48 12.98 -1.55
CA ALA E 251 -21.30 13.59 -2.60
C ALA E 251 -21.22 15.12 -2.56
N TYR E 252 -21.16 15.70 -1.36
CA TYR E 252 -21.34 17.14 -1.17
C TYR E 252 -20.05 17.91 -1.49
N ALA E 253 -20.04 19.19 -1.12
CA ALA E 253 -18.89 20.06 -1.33
C ALA E 253 -18.36 20.56 0.00
N THR E 254 -17.04 20.60 0.12
CA THR E 254 -16.38 21.09 1.31
C THR E 254 -16.19 22.60 1.22
N ALA E 255 -15.84 23.22 2.34
CA ALA E 255 -15.53 24.64 2.34
C ALA E 255 -14.38 24.92 1.37
N MET E 256 -13.40 24.00 1.34
CA MET E 256 -12.33 24.12 0.37
C MET E 256 -12.87 24.08 -1.05
N ASP E 257 -13.86 23.23 -1.29
CA ASP E 257 -14.51 23.20 -2.60
C ASP E 257 -15.05 24.57 -2.98
N TRP E 258 -15.69 25.27 -2.05
CA TRP E 258 -16.22 26.58 -2.38
C TRP E 258 -15.09 27.55 -2.70
N PHE E 259 -14.05 27.58 -1.87
CA PHE E 259 -12.94 28.48 -2.18
C PHE E 259 -12.38 28.20 -3.56
N ILE E 260 -12.17 26.92 -3.89
CA ILE E 260 -11.60 26.57 -5.18
C ILE E 260 -12.56 26.91 -6.32
N ALA E 261 -13.85 26.70 -6.12
CA ALA E 261 -14.81 26.98 -7.19
C ALA E 261 -14.90 28.47 -7.47
N VAL E 262 -14.87 29.30 -6.42
CA VAL E 262 -14.88 30.74 -6.65
C VAL E 262 -13.59 31.19 -7.33
N CYS E 263 -12.45 30.62 -6.92
CA CYS E 263 -11.21 30.92 -7.63
C CYS E 263 -11.33 30.56 -9.12
N TYR E 264 -11.94 29.40 -9.41
CA TYR E 264 -12.13 29.02 -10.80
C TYR E 264 -13.02 30.04 -11.51
N ALA E 265 -14.03 30.55 -10.81
CA ALA E 265 -14.87 31.59 -11.39
C ALA E 265 -14.06 32.82 -11.78
N PHE E 266 -13.19 33.30 -10.87
CA PHE E 266 -12.40 34.49 -11.18
C PHE E 266 -11.47 34.24 -12.37
N VAL E 267 -10.84 33.06 -12.43
CA VAL E 267 -9.87 32.79 -13.48
C VAL E 267 -10.56 32.62 -14.84
N PHE E 268 -11.64 31.84 -14.87
CA PHE E 268 -12.39 31.72 -16.11
C PHE E 268 -12.96 33.06 -16.56
N SER E 269 -13.34 33.91 -15.61
CA SER E 269 -13.77 35.26 -15.95
C SER E 269 -12.63 36.06 -16.55
N ALA E 270 -11.40 35.84 -16.08
CA ALA E 270 -10.27 36.48 -16.72
C ALA E 270 -10.10 35.99 -18.16
N LEU E 271 -10.33 34.69 -18.41
CA LEU E 271 -10.28 34.19 -19.77
C LEU E 271 -11.35 34.86 -20.65
N ILE E 272 -12.59 34.92 -20.15
CA ILE E 272 -13.64 35.55 -20.94
C ILE E 272 -13.34 37.02 -21.18
N GLU E 273 -12.74 37.69 -20.19
CA GLU E 273 -12.34 39.08 -20.37
C GLU E 273 -11.28 39.19 -21.47
N PHE E 274 -10.24 38.35 -21.42
CA PHE E 274 -9.23 38.36 -22.47
C PHE E 274 -9.85 38.15 -23.83
N ALA E 275 -10.81 37.23 -23.93
CA ALA E 275 -11.45 36.98 -25.22
C ALA E 275 -12.27 38.20 -25.68
N THR E 276 -12.97 38.84 -24.75
CA THR E 276 -13.75 40.02 -25.11
C THR E 276 -12.86 41.17 -25.54
N VAL E 277 -11.83 41.48 -24.74
CA VAL E 277 -10.88 42.52 -25.09
C VAL E 277 -10.27 42.23 -26.47
N ASN E 278 -9.81 41.00 -26.68
CA ASN E 278 -9.29 40.63 -27.99
C ASN E 278 -10.33 40.79 -29.08
N TYR E 279 -11.60 40.56 -28.75
CA TYR E 279 -12.64 40.68 -29.77
C TYR E 279 -12.81 42.13 -30.22
N PHE E 280 -12.50 43.10 -29.36
CA PHE E 280 -12.68 44.52 -29.64
C PHE E 280 -11.38 45.28 -29.88
N THR E 281 -10.26 44.58 -30.11
CA THR E 281 -9.00 45.32 -30.14
C THR E 281 -8.82 46.11 -31.42
N LYS E 282 -9.16 45.52 -32.58
CA LYS E 282 -9.04 46.24 -33.84
C LYS E 282 -10.14 47.30 -33.97
N SER E 283 -11.40 46.86 -34.03
CA SER E 283 -12.53 47.78 -34.05
C SER E 283 -12.93 48.13 -32.62
N GLN E 284 -13.02 49.42 -32.33
CA GLN E 284 -13.42 49.89 -31.01
C GLN E 284 -12.31 49.66 -30.00
N PRO E 285 -11.10 50.15 -30.27
CA PRO E 285 -10.01 50.00 -29.28
C PRO E 285 -10.29 50.76 -27.99
N ALA E 286 -11.14 51.78 -28.02
CA ALA E 286 -11.53 52.46 -26.79
C ALA E 286 -12.27 51.53 -25.85
N ARG E 287 -13.18 50.71 -26.40
CA ARG E 287 -13.94 49.78 -25.57
C ARG E 287 -13.01 48.75 -24.93
N ALA E 288 -12.18 48.09 -25.74
CA ALA E 288 -11.22 47.13 -25.21
C ALA E 288 -10.37 47.77 -24.13
N ALA E 289 -9.81 48.95 -24.42
CA ALA E 289 -8.97 49.62 -23.43
C ALA E 289 -9.73 49.86 -22.13
N LYS E 290 -11.00 50.29 -22.24
CA LYS E 290 -11.80 50.52 -21.04
C LYS E 290 -12.05 49.22 -20.27
N ILE E 291 -12.29 48.12 -20.99
CA ILE E 291 -12.48 46.83 -20.32
C ILE E 291 -11.26 46.48 -19.49
N ASP E 292 -10.06 46.62 -20.06
CA ASP E 292 -8.88 46.36 -19.25
C ASP E 292 -8.81 47.32 -18.07
N ARG E 293 -9.13 48.60 -18.30
CA ARG E 293 -9.06 49.58 -17.23
C ARG E 293 -9.94 49.19 -16.04
N LEU E 294 -11.19 48.80 -16.31
CA LEU E 294 -12.10 48.43 -15.23
C LEU E 294 -11.70 47.11 -14.60
N SER E 295 -11.38 46.10 -15.43
CA SER E 295 -11.01 44.80 -14.89
C SER E 295 -9.85 44.91 -13.90
N ARG E 296 -8.83 45.71 -14.22
CA ARG E 296 -7.67 45.82 -13.32
C ARG E 296 -8.04 46.27 -11.92
N ILE E 297 -9.16 46.95 -11.75
CA ILE E 297 -9.62 47.36 -10.42
C ILE E 297 -10.67 46.39 -9.87
N ALA E 298 -11.61 45.95 -10.70
CA ALA E 298 -12.70 45.12 -10.21
C ALA E 298 -12.19 43.76 -9.76
N PHE E 299 -11.43 43.06 -10.61
CA PHE E 299 -11.06 41.70 -10.27
C PHE E 299 -10.35 41.60 -8.92
N PRO E 300 -9.19 42.22 -8.71
CA PRO E 300 -8.51 42.08 -7.41
C PRO E 300 -9.34 42.62 -6.27
N LEU E 301 -10.25 43.55 -6.53
CA LEU E 301 -11.13 44.08 -5.49
C LEU E 301 -12.20 43.05 -5.10
N LEU E 302 -12.95 42.54 -6.08
CA LEU E 302 -13.93 41.51 -5.77
C LEU E 302 -13.26 40.30 -5.11
N PHE E 303 -12.04 39.98 -5.54
CA PHE E 303 -11.32 38.85 -4.95
C PHE E 303 -10.91 39.15 -3.51
N GLY E 304 -10.43 40.36 -3.24
CA GLY E 304 -10.12 40.72 -1.87
C GLY E 304 -11.34 40.68 -0.97
N ILE E 305 -12.47 41.22 -1.44
CA ILE E 305 -13.70 41.15 -0.66
C ILE E 305 -14.10 39.69 -0.40
N PHE E 306 -14.06 38.87 -1.44
CA PHE E 306 -14.39 37.46 -1.26
C PHE E 306 -13.51 36.83 -0.19
N ASN E 307 -12.19 36.98 -0.33
CA ASN E 307 -11.30 36.43 0.69
C ASN E 307 -11.67 36.94 2.07
N LEU E 308 -12.06 38.20 2.18
CA LEU E 308 -12.44 38.75 3.49
C LEU E 308 -13.66 38.02 4.05
N VAL E 309 -14.72 37.88 3.26
CA VAL E 309 -15.91 37.18 3.74
C VAL E 309 -15.61 35.72 4.07
N TYR E 310 -14.83 35.05 3.23
CA TYR E 310 -14.55 33.62 3.41
C TYR E 310 -13.73 33.39 4.69
N TRP E 311 -12.57 34.04 4.79
CA TRP E 311 -11.73 33.83 5.97
C TRP E 311 -12.38 34.35 7.23
N ALA E 312 -13.16 35.43 7.14
CA ALA E 312 -13.93 35.86 8.30
C ALA E 312 -14.93 34.78 8.71
N THR E 313 -15.55 34.11 7.74
CA THR E 313 -16.56 33.12 8.07
C THR E 313 -15.94 31.87 8.70
N TYR E 314 -14.97 31.26 8.02
CA TYR E 314 -14.46 29.96 8.43
C TYR E 314 -13.35 30.02 9.48
N LEU E 315 -13.06 31.17 10.06
CA LEU E 315 -12.12 31.18 11.18
C LEU E 315 -12.81 31.63 12.47
#